data_4FLN
#
_entry.id   4FLN
#
_cell.length_a   125.398
_cell.length_b   188.165
_cell.length_c   166.131
_cell.angle_alpha   90.00
_cell.angle_beta   90.00
_cell.angle_gamma   90.00
#
_symmetry.space_group_name_H-M   'C 2 2 21'
#
loop_
_entity.id
_entity.type
_entity.pdbx_description
1 polymer 'Protease Do-like 2, chloroplastic'
2 polymer 'Unknown peptide'
3 polymer 'Unknown peptide'
4 water water
#
loop_
_entity_poly.entity_id
_entity_poly.type
_entity_poly.pdbx_seq_one_letter_code
_entity_poly.pdbx_strand_id
1 'polypeptide(L)'
;NAESSNPPQKMAFKAFGSPKKEKKESLSDFSRDQQTDPAKIHDASFLNAVVKVYCTHTAPDYSLPWQKQRQFTSTGSAFM
IGDGKLLTNAHCVEHDTQVKVKRRGDDRKYVAKVLVRGVDCDIALLSVESEDFWKGAEPLRLGHLPRLQDSVTVVGYPLG
GDTISVTKGVVSRIEVTSYAHGSSDLLGIQIDAAINPGNSGGPAFNDQGECIGVAFQVYRSEETENIGYVIPTTVVSHFL
TDYERNGKYTGYPCLGVLLQKLENPALRECLKVPTNEGVLVRRVEPTSDASKVLKEGDVIVSFDDLHVGCEGTVPFRSSE
RIAFRYLISQKFAGDIAEIGIIRAGEHKKVQVVLRPRVHLVPYHIDGGQPSYIIVAGLVFTPLSEPLIEEECEDTIGLKL
LTKARYSVARFRGEQIVILSQVLANEVNIGYEDMNNQQVLKFNGIPIRNIHHLAHLIDMCKDKYLVFEFEDNYVAVLERE
ASNSASLCILKDYGIPSERSADLLEPYVDPIDDTQALDQGIGDSPVSNLEIGFDGLVWA
;
A,B,C
2 'polypeptide(L)' (UNK)(UNK)W(UNK) D,F
3 'polypeptide(L)'
;(UNK)(UNK)(UNK)(UNK)(UNK)(UNK)(UNK)(UNK)(UNK)(UNK)(UNK)(UNK)(UNK)(UNK)D(UNK)W
(UNK)(UNK)(UNK)
;
E
#
# COMPACT_ATOMS: atom_id res chain seq x y z
N HIS A 42 -33.39 6.26 10.00
CA HIS A 42 -33.00 7.67 9.98
C HIS A 42 -31.51 7.84 9.64
N ASP A 43 -30.91 6.78 9.10
CA ASP A 43 -29.48 6.79 8.81
C ASP A 43 -29.11 7.82 7.74
N ALA A 44 -29.85 7.80 6.62
CA ALA A 44 -29.57 8.68 5.50
C ALA A 44 -29.68 10.14 5.92
N SER A 45 -30.29 10.37 7.07
CA SER A 45 -30.39 11.72 7.61
C SER A 45 -29.01 12.23 7.94
N PHE A 46 -28.22 11.41 8.64
CA PHE A 46 -26.87 11.81 9.01
C PHE A 46 -25.99 12.15 7.81
N LEU A 47 -26.05 11.34 6.76
CA LEU A 47 -25.24 11.60 5.57
C LEU A 47 -25.58 12.94 4.94
N ASN A 48 -26.86 13.33 4.99
CA ASN A 48 -27.30 14.51 4.29
C ASN A 48 -26.63 15.80 4.76
N ALA A 49 -25.96 15.74 5.91
CA ALA A 49 -25.21 16.90 6.41
C ALA A 49 -23.82 16.99 5.80
N VAL A 50 -23.38 15.94 5.12
CA VAL A 50 -22.03 15.89 4.59
C VAL A 50 -22.00 16.35 3.14
N VAL A 51 -21.24 17.42 2.90
CA VAL A 51 -21.20 18.08 1.60
C VAL A 51 -19.84 17.90 0.93
N LYS A 52 -19.86 17.91 -0.40
CA LYS A 52 -18.63 17.83 -1.19
C LYS A 52 -18.10 19.26 -1.45
N VAL A 53 -16.80 19.44 -1.35
CA VAL A 53 -16.20 20.76 -1.54
C VAL A 53 -15.30 20.85 -2.78
N TYR A 54 -15.67 21.73 -3.70
CA TYR A 54 -14.84 22.02 -4.87
C TYR A 54 -14.19 23.36 -4.64
N CYS A 55 -12.86 23.40 -4.80
CA CYS A 55 -12.06 24.60 -4.56
C CYS A 55 -10.99 24.86 -5.62
N THR A 56 -10.84 26.13 -5.99
CA THR A 56 -9.78 26.52 -6.91
C THR A 56 -8.74 27.32 -6.13
N HIS A 57 -7.53 26.78 -6.07
CA HIS A 57 -6.41 27.39 -5.37
C HIS A 57 -5.51 28.19 -6.31
N THR A 58 -5.20 29.42 -5.94
CA THR A 58 -4.16 30.16 -6.63
C THR A 58 -3.20 30.66 -5.57
N ALA A 59 -1.99 30.12 -5.53
CA ALA A 59 -1.05 30.56 -4.49
C ALA A 59 -0.08 31.58 -5.04
N PRO A 60 0.73 32.18 -4.16
CA PRO A 60 1.74 33.13 -4.62
C PRO A 60 2.96 32.40 -5.11
N ASP A 61 3.68 33.00 -6.05
CA ASP A 61 5.00 32.52 -6.35
C ASP A 61 5.86 33.12 -5.25
N TYR A 62 6.53 32.28 -4.47
CA TYR A 62 7.27 32.83 -3.35
C TYR A 62 8.62 33.46 -3.75
N SER A 63 9.18 33.02 -4.86
CA SER A 63 10.39 33.65 -5.41
C SER A 63 10.14 35.10 -5.86
N LEU A 64 9.17 35.28 -6.76
CA LEU A 64 8.82 36.62 -7.24
C LEU A 64 7.38 36.85 -6.86
N PRO A 65 7.14 37.37 -5.65
CA PRO A 65 5.74 37.35 -5.30
C PRO A 65 4.96 38.55 -5.81
N TRP A 66 5.16 38.92 -7.07
CA TRP A 66 4.17 39.70 -7.78
C TRP A 66 3.36 38.77 -8.68
N GLN A 67 3.77 37.52 -8.72
CA GLN A 67 3.13 36.55 -9.57
C GLN A 67 2.46 35.50 -8.71
N LYS A 68 1.77 34.59 -9.39
CA LYS A 68 1.04 33.55 -8.72
C LYS A 68 1.46 32.26 -9.38
N GLN A 69 1.33 31.16 -8.67
CA GLN A 69 1.60 29.87 -9.26
C GLN A 69 0.40 29.42 -10.07
N ARG A 70 0.49 28.26 -10.69
CA ARG A 70 -0.55 27.80 -11.58
C ARG A 70 -1.74 27.34 -10.75
N GLN A 71 -2.91 27.93 -11.00
CA GLN A 71 -4.11 27.54 -10.28
C GLN A 71 -4.42 26.08 -10.58
N PHE A 72 -4.91 25.36 -9.57
CA PHE A 72 -5.45 24.02 -9.78
C PHE A 72 -6.73 23.88 -8.98
N THR A 73 -7.58 22.94 -9.38
CA THR A 73 -8.80 22.68 -8.63
C THR A 73 -8.67 21.37 -7.84
N SER A 74 -9.30 21.32 -6.68
CA SER A 74 -9.28 20.11 -5.85
C SER A 74 -10.64 19.90 -5.24
N THR A 75 -10.88 18.69 -4.74
CA THR A 75 -12.11 18.46 -3.99
C THR A 75 -11.81 17.91 -2.62
N GLY A 76 -12.79 18.02 -1.73
CA GLY A 76 -12.64 17.67 -0.34
C GLY A 76 -14.03 17.52 0.24
N SER A 77 -14.11 17.49 1.57
CA SER A 77 -15.40 17.34 2.23
C SER A 77 -15.68 18.41 3.29
N ALA A 78 -16.95 18.62 3.59
CA ALA A 78 -17.36 19.47 4.69
C ALA A 78 -18.72 19.03 5.21
N PHE A 79 -19.08 19.45 6.42
CA PHE A 79 -20.35 19.03 7.00
C PHE A 79 -20.99 20.16 7.82
N MET A 80 -22.28 19.99 8.15
CA MET A 80 -23.04 21.04 8.81
C MET A 80 -22.94 20.93 10.33
N ILE A 81 -22.35 21.94 10.96
CA ILE A 81 -22.23 21.96 12.42
C ILE A 81 -23.29 22.78 13.13
N GLY A 82 -24.19 23.37 12.36
CA GLY A 82 -25.17 24.29 12.93
C GLY A 82 -24.94 25.75 12.59
N ASP A 83 -25.85 26.58 13.06
CA ASP A 83 -26.02 27.92 12.53
C ASP A 83 -26.08 27.81 11.01
N GLY A 84 -25.37 28.69 10.32
CA GLY A 84 -25.31 28.61 8.88
C GLY A 84 -23.98 28.06 8.44
N LYS A 85 -23.32 27.33 9.34
CA LYS A 85 -21.88 27.09 9.18
C LYS A 85 -21.50 25.70 8.65
N LEU A 86 -20.54 25.67 7.73
CA LEU A 86 -19.96 24.42 7.28
C LEU A 86 -18.58 24.23 7.89
N LEU A 87 -18.29 23.04 8.41
CA LEU A 87 -16.97 22.72 8.92
C LEU A 87 -16.18 21.91 7.89
N THR A 88 -14.90 22.23 7.73
CA THR A 88 -14.03 21.50 6.80
C THR A 88 -12.57 21.66 7.21
N ASN A 89 -11.67 21.11 6.38
CA ASN A 89 -10.23 21.29 6.56
C ASN A 89 -9.72 22.59 5.96
N ALA A 90 -8.92 23.32 6.72
CA ALA A 90 -8.26 24.53 6.22
C ALA A 90 -7.58 24.31 4.87
N HIS A 91 -6.87 23.18 4.71
CA HIS A 91 -6.13 22.98 3.48
C HIS A 91 -7.05 22.81 2.26
N CYS A 92 -8.28 22.33 2.50
CA CYS A 92 -9.27 22.19 1.43
C CYS A 92 -9.61 23.54 0.73
N VAL A 93 -9.68 24.61 1.50
CA VAL A 93 -9.88 25.97 0.98
C VAL A 93 -8.63 26.87 0.83
N GLU A 94 -7.45 26.33 1.08
CA GLU A 94 -6.20 27.10 1.14
C GLU A 94 -5.94 27.94 -0.12
N HIS A 95 -5.70 29.24 0.07
CA HIS A 95 -5.51 30.19 -1.04
C HIS A 95 -6.62 30.12 -2.08
N ASP A 96 -7.85 30.16 -1.61
CA ASP A 96 -9.00 29.95 -2.48
C ASP A 96 -9.31 31.16 -3.33
N THR A 97 -9.35 30.93 -4.65
CA THR A 97 -9.97 31.88 -5.56
C THR A 97 -11.50 31.72 -5.60
N GLN A 98 -11.99 30.48 -5.57
CA GLN A 98 -13.42 30.21 -5.43
C GLN A 98 -13.66 28.88 -4.72
N VAL A 99 -14.76 28.81 -3.96
CA VAL A 99 -15.16 27.61 -3.27
C VAL A 99 -16.60 27.23 -3.60
N LYS A 100 -16.81 26.02 -4.10
CA LYS A 100 -18.17 25.52 -4.31
C LYS A 100 -18.49 24.34 -3.37
N VAL A 101 -19.73 24.27 -2.87
CA VAL A 101 -20.18 23.08 -2.13
C VAL A 101 -21.38 22.42 -2.81
N LYS A 102 -21.48 21.10 -2.68
CA LYS A 102 -22.55 20.35 -3.31
C LYS A 102 -23.21 19.38 -2.33
N ARG A 103 -24.51 19.59 -2.09
CA ARG A 103 -25.29 18.67 -1.25
C ARG A 103 -25.41 17.28 -1.86
N ARG A 104 -25.57 16.28 -1.00
CA ARG A 104 -25.82 14.93 -1.48
C ARG A 104 -27.15 14.89 -2.24
N GLY A 105 -27.21 14.07 -3.27
CA GLY A 105 -28.45 13.90 -4.01
C GLY A 105 -28.99 15.23 -4.52
N ASP A 106 -28.08 16.10 -4.91
CA ASP A 106 -28.43 17.35 -5.57
C ASP A 106 -27.34 17.62 -6.61
N ASP A 107 -27.73 17.99 -7.82
CA ASP A 107 -26.74 18.21 -8.88
C ASP A 107 -26.05 19.59 -8.79
N ARG A 108 -26.76 20.58 -8.29
CA ARG A 108 -26.27 21.96 -8.25
C ARG A 108 -25.11 22.20 -7.26
N LYS A 109 -24.06 22.89 -7.74
CA LYS A 109 -23.04 23.47 -6.87
C LYS A 109 -23.51 24.78 -6.30
N TYR A 110 -22.98 25.16 -5.14
CA TYR A 110 -23.23 26.49 -4.61
C TYR A 110 -21.93 27.22 -4.28
N VAL A 111 -22.06 28.48 -3.89
CA VAL A 111 -20.89 29.29 -3.67
C VAL A 111 -20.72 29.48 -2.19
N ALA A 112 -19.59 28.99 -1.68
CA ALA A 112 -19.30 29.12 -0.27
C ALA A 112 -18.25 30.19 -0.12
N LYS A 113 -18.30 30.91 0.98
CA LYS A 113 -17.23 31.81 1.33
C LYS A 113 -16.55 31.28 2.58
N VAL A 114 -15.23 31.38 2.64
CA VAL A 114 -14.49 30.94 3.80
C VAL A 114 -14.62 32.01 4.89
N LEU A 115 -15.22 31.61 6.00
CA LEU A 115 -15.45 32.52 7.09
C LEU A 115 -14.23 32.74 7.99
N VAL A 116 -13.60 31.66 8.42
CA VAL A 116 -12.41 31.74 9.28
C VAL A 116 -11.53 30.51 9.08
N ARG A 117 -10.21 30.68 9.14
CA ARG A 117 -9.33 29.51 9.03
C ARG A 117 -8.30 29.46 10.14
N GLY A 118 -8.43 28.50 11.05
CA GLY A 118 -7.30 28.14 11.87
C GLY A 118 -6.32 27.33 11.07
N VAL A 119 -5.08 27.78 10.97
CA VAL A 119 -4.07 27.04 10.24
C VAL A 119 -3.39 25.94 11.06
N ASP A 120 -3.09 26.25 12.31
CA ASP A 120 -2.36 25.33 13.16
C ASP A 120 -3.16 24.06 13.55
N CYS A 121 -4.47 24.16 13.61
CA CYS A 121 -5.32 22.97 13.79
C CYS A 121 -5.92 22.40 12.49
N ASP A 122 -5.64 23.07 11.37
CA ASP A 122 -6.18 22.69 10.05
C ASP A 122 -7.69 22.60 9.99
N ILE A 123 -8.35 23.62 10.49
CA ILE A 123 -9.81 23.66 10.53
C ILE A 123 -10.27 24.91 9.81
N ALA A 124 -11.46 24.85 9.22
CA ALA A 124 -12.05 26.00 8.55
C ALA A 124 -13.57 26.00 8.67
N LEU A 125 -14.16 27.18 8.78
CA LEU A 125 -15.60 27.34 8.73
C LEU A 125 -16.02 27.91 7.39
N LEU A 126 -17.14 27.43 6.86
CA LEU A 126 -17.64 27.95 5.59
C LEU A 126 -19.09 28.38 5.70
N SER A 127 -19.45 29.41 4.94
CA SER A 127 -20.83 29.82 4.81
C SER A 127 -21.27 29.68 3.37
N VAL A 128 -22.58 29.55 3.16
CA VAL A 128 -23.15 29.59 1.81
C VAL A 128 -24.41 30.41 1.83
N GLU A 129 -24.58 31.34 0.88
CA GLU A 129 -25.85 32.04 0.83
C GLU A 129 -26.72 31.45 -0.28
N SER A 130 -27.74 30.71 0.13
CA SER A 130 -28.76 30.25 -0.80
C SER A 130 -30.18 30.42 -0.27
N GLU A 131 -30.46 29.68 0.79
CA GLU A 131 -31.82 29.36 1.25
C GLU A 131 -32.33 28.18 0.42
N ASP A 132 -31.63 27.91 -0.68
CA ASP A 132 -31.51 26.57 -1.24
C ASP A 132 -30.40 26.04 -0.37
N PHE A 133 -29.76 24.92 -0.68
CA PHE A 133 -28.76 24.48 0.28
C PHE A 133 -29.49 24.26 1.60
N TRP A 134 -29.30 25.16 2.55
CA TRP A 134 -29.78 24.97 3.93
C TRP A 134 -31.24 24.56 4.03
N LYS A 135 -32.02 24.73 2.97
CA LYS A 135 -33.40 24.24 3.02
C LYS A 135 -33.42 22.75 3.38
N GLY A 136 -34.15 22.41 4.43
CA GLY A 136 -34.24 21.04 4.88
C GLY A 136 -32.92 20.44 5.31
N ALA A 137 -32.21 21.17 6.17
CA ALA A 137 -30.91 20.72 6.66
C ALA A 137 -31.00 20.23 8.10
N GLU A 138 -30.26 19.17 8.41
CA GLU A 138 -30.17 18.67 9.78
C GLU A 138 -28.71 18.47 10.19
N PRO A 139 -28.09 19.53 10.71
CA PRO A 139 -26.67 19.54 11.08
C PRO A 139 -26.30 18.51 12.14
N LEU A 140 -25.01 18.20 12.20
CA LEU A 140 -24.47 17.21 13.12
C LEU A 140 -24.29 17.74 14.55
N ARG A 141 -24.46 16.86 15.54
CA ARG A 141 -24.09 17.17 16.92
C ARG A 141 -22.68 16.67 17.17
N LEU A 142 -21.86 17.46 17.87
CA LEU A 142 -20.50 17.02 18.21
C LEU A 142 -20.47 16.15 19.45
N GLY A 143 -19.92 14.94 19.32
CA GLY A 143 -19.79 14.02 20.43
C GLY A 143 -18.49 14.17 21.22
N HIS A 144 -18.38 13.43 22.32
CA HIS A 144 -17.20 13.55 23.17
C HIS A 144 -16.06 12.70 22.64
N LEU A 145 -14.91 12.83 23.28
CA LEU A 145 -13.73 12.13 22.87
C LEU A 145 -13.91 10.65 23.13
N PRO A 146 -13.71 9.83 22.09
CA PRO A 146 -13.84 8.37 22.16
C PRO A 146 -12.77 7.68 23.00
N ARG A 147 -13.04 6.42 23.32
CA ARG A 147 -12.09 5.53 24.00
C ARG A 147 -11.65 4.47 22.99
N LEU A 148 -10.45 3.93 23.15
CA LEU A 148 -9.90 2.92 22.22
C LEU A 148 -10.83 1.73 21.97
N GLN A 149 -10.90 1.32 20.69
CA GLN A 149 -11.73 0.20 20.24
C GLN A 149 -13.17 0.61 19.95
N ASP A 150 -13.48 1.87 20.24
CA ASP A 150 -14.77 2.45 19.86
C ASP A 150 -14.97 2.44 18.34
N SER A 151 -16.18 2.13 17.91
CA SER A 151 -16.48 2.05 16.49
C SER A 151 -16.56 3.44 15.83
N VAL A 152 -15.96 3.58 14.65
CA VAL A 152 -15.94 4.85 13.93
C VAL A 152 -16.27 4.69 12.45
N THR A 153 -17.07 5.60 11.93
CA THR A 153 -17.27 5.67 10.49
C THR A 153 -16.97 7.07 10.00
N VAL A 154 -16.01 7.17 9.07
CA VAL A 154 -15.75 8.40 8.34
C VAL A 154 -16.63 8.49 7.10
N VAL A 155 -17.25 9.64 6.90
CA VAL A 155 -18.07 9.89 5.72
C VAL A 155 -17.51 11.07 4.92
N GLY A 156 -17.39 10.90 3.61
CA GLY A 156 -16.92 11.96 2.74
C GLY A 156 -17.10 11.65 1.25
N TYR A 157 -16.49 12.47 0.40
CA TYR A 157 -16.55 12.26 -1.05
C TYR A 157 -15.18 11.94 -1.60
N PRO A 158 -14.98 10.69 -2.02
CA PRO A 158 -13.69 10.30 -2.61
C PRO A 158 -13.43 11.13 -3.86
N LEU A 159 -12.18 11.20 -4.32
CA LEU A 159 -11.89 11.96 -5.52
C LEU A 159 -12.47 11.27 -6.75
N GLY A 160 -13.32 12.02 -7.46
CA GLY A 160 -14.00 11.53 -8.63
C GLY A 160 -15.32 10.83 -8.35
N GLY A 161 -16.24 10.95 -9.30
CA GLY A 161 -17.50 10.22 -9.25
C GLY A 161 -18.59 10.98 -8.54
N ASP A 162 -18.17 11.92 -7.69
CA ASP A 162 -19.13 12.72 -6.94
C ASP A 162 -20.28 11.92 -6.29
N THR A 163 -19.98 10.74 -5.76
CA THR A 163 -20.91 10.06 -4.86
C THR A 163 -20.26 9.81 -3.50
N ILE A 164 -21.05 9.87 -2.45
CA ILE A 164 -20.55 9.84 -1.09
C ILE A 164 -19.99 8.46 -0.73
N SER A 165 -19.06 8.41 0.23
CA SER A 165 -18.47 7.14 0.63
C SER A 165 -18.41 7.00 2.13
N VAL A 166 -18.14 5.78 2.58
CA VAL A 166 -18.11 5.47 4.00
C VAL A 166 -17.03 4.43 4.32
N THR A 167 -16.30 4.61 5.40
CA THR A 167 -15.44 3.55 5.94
C THR A 167 -15.66 3.38 7.45
N LYS A 168 -15.44 2.16 7.93
CA LYS A 168 -15.68 1.82 9.32
C LYS A 168 -14.43 1.17 9.89
N GLY A 169 -14.15 1.48 11.15
CA GLY A 169 -12.97 0.97 11.83
C GLY A 169 -13.17 1.20 13.31
N VAL A 170 -12.09 1.09 14.08
CA VAL A 170 -12.18 1.45 15.48
C VAL A 170 -11.21 2.59 15.75
N VAL A 171 -11.20 3.06 16.98
CA VAL A 171 -10.26 4.09 17.33
C VAL A 171 -9.06 3.32 17.81
N SER A 172 -8.00 3.37 17.02
CA SER A 172 -6.80 2.60 17.28
C SER A 172 -5.87 3.27 18.28
N ARG A 173 -5.82 4.59 18.23
CA ARG A 173 -4.82 5.32 19.01
C ARG A 173 -5.28 6.71 19.40
N ILE A 174 -4.92 7.16 20.59
CA ILE A 174 -5.18 8.53 20.99
C ILE A 174 -3.91 9.10 21.54
N GLU A 175 -3.46 10.19 20.94
CA GLU A 175 -2.08 10.64 21.11
C GLU A 175 -1.97 12.13 20.80
N VAL A 176 -0.92 12.78 21.27
CA VAL A 176 -0.59 14.11 20.74
C VAL A 176 0.24 13.94 19.47
N THR A 177 -0.26 14.49 18.37
CA THR A 177 0.41 14.35 17.08
C THR A 177 0.69 15.68 16.40
N SER A 178 1.31 15.63 15.22
CA SER A 178 1.73 16.83 14.50
C SER A 178 0.70 17.31 13.46
N TYR A 179 0.51 18.63 13.39
CA TYR A 179 -0.52 19.21 12.51
C TYR A 179 0.00 20.04 11.32
N ALA A 180 -0.18 19.48 10.12
CA ALA A 180 0.02 20.19 8.85
C ALA A 180 1.40 20.86 8.70
N HIS A 181 2.40 20.32 9.40
CA HIS A 181 3.76 20.85 9.33
C HIS A 181 3.68 22.36 9.50
N GLY A 182 2.67 22.78 10.22
CA GLY A 182 2.41 24.16 10.58
C GLY A 182 2.82 24.31 12.02
N SER A 183 3.76 23.47 12.44
CA SER A 183 3.58 22.69 13.64
C SER A 183 3.09 23.44 14.86
N SER A 184 2.01 22.87 15.39
CA SER A 184 1.59 23.01 16.76
C SER A 184 1.12 21.59 17.03
N ASP A 185 1.56 21.00 18.14
CA ASP A 185 1.18 19.63 18.43
C ASP A 185 -0.13 19.62 19.21
N LEU A 186 -1.05 18.76 18.79
CA LEU A 186 -2.37 18.69 19.40
C LEU A 186 -2.82 17.25 19.56
N LEU A 187 -3.90 17.05 20.32
CA LEU A 187 -4.46 15.72 20.48
C LEU A 187 -5.00 15.26 19.13
N GLY A 188 -4.94 13.97 18.89
CA GLY A 188 -5.35 13.42 17.63
C GLY A 188 -5.82 12.01 17.80
N ILE A 189 -6.64 11.56 16.86
CA ILE A 189 -7.16 10.21 16.89
C ILE A 189 -6.61 9.47 15.68
N GLN A 190 -6.24 8.21 15.87
CA GLN A 190 -5.93 7.33 14.76
C GLN A 190 -7.06 6.32 14.59
N ILE A 191 -7.41 6.00 13.35
CA ILE A 191 -8.37 4.91 13.14
C ILE A 191 -7.89 3.77 12.26
N ASP A 192 -8.52 2.64 12.50
CA ASP A 192 -8.21 1.34 11.92
C ASP A 192 -8.45 1.38 10.41
N ALA A 193 -9.03 2.48 9.94
CA ALA A 193 -9.46 2.61 8.55
C ALA A 193 -8.64 3.66 7.81
N ALA A 194 -8.28 3.37 6.56
CA ALA A 194 -7.68 4.36 5.68
C ALA A 194 -8.73 5.29 5.11
N ILE A 195 -8.32 6.52 4.81
CA ILE A 195 -9.23 7.55 4.36
C ILE A 195 -8.76 8.14 3.03
N ASN A 196 -9.66 8.23 2.06
CA ASN A 196 -9.36 8.86 0.79
C ASN A 196 -9.14 10.37 0.97
N PRO A 197 -8.22 10.94 0.17
CA PRO A 197 -7.91 12.36 0.22
C PRO A 197 -9.12 13.29 0.08
N GLY A 198 -10.13 12.85 -0.67
CA GLY A 198 -11.33 13.65 -0.84
C GLY A 198 -12.25 13.60 0.36
N ASN A 199 -12.00 12.68 1.27
CA ASN A 199 -12.83 12.50 2.46
C ASN A 199 -12.55 13.51 3.59
N SER A 200 -11.29 13.84 3.80
CA SER A 200 -10.97 14.91 4.73
C SER A 200 -11.45 16.06 3.91
N GLY A 201 -12.23 17.00 4.42
CA GLY A 201 -12.58 17.27 5.81
C GLY A 201 -13.94 16.81 6.31
N GLY A 202 -14.48 15.72 5.75
CA GLY A 202 -15.72 15.17 6.28
C GLY A 202 -15.61 14.68 7.72
N PRO A 203 -16.76 14.37 8.33
CA PRO A 203 -16.91 14.00 9.74
C PRO A 203 -16.56 12.54 10.06
N ALA A 204 -16.15 12.29 11.30
CA ALA A 204 -15.99 10.93 11.78
C ALA A 204 -17.04 10.71 12.87
N PHE A 205 -17.78 9.62 12.75
CA PHE A 205 -18.98 9.36 13.54
C PHE A 205 -18.84 8.31 14.65
N ASN A 206 -19.60 8.51 15.73
CA ASN A 206 -19.88 7.49 16.72
C ASN A 206 -20.84 6.46 16.14
N ASP A 207 -21.15 5.43 16.92
CA ASP A 207 -22.25 4.56 16.55
C ASP A 207 -23.56 5.17 17.04
N GLN A 208 -23.44 6.20 17.88
CA GLN A 208 -24.61 6.94 18.34
C GLN A 208 -24.95 8.06 17.36
N GLY A 209 -24.13 8.21 16.33
CA GLY A 209 -24.39 9.20 15.31
C GLY A 209 -23.91 10.60 15.66
N GLU A 210 -23.07 10.70 16.68
CA GLU A 210 -22.43 11.96 17.01
C GLU A 210 -21.12 12.12 16.24
N CYS A 211 -20.80 13.33 15.82
CA CYS A 211 -19.50 13.57 15.22
C CYS A 211 -18.38 13.61 16.26
N ILE A 212 -17.41 12.72 16.14
CA ILE A 212 -16.28 12.68 17.08
C ILE A 212 -15.03 13.41 16.57
N GLY A 213 -15.13 13.99 15.38
CA GLY A 213 -13.98 14.68 14.83
C GLY A 213 -14.01 14.81 13.31
N VAL A 214 -12.94 15.37 12.79
CA VAL A 214 -12.83 15.70 11.38
C VAL A 214 -11.76 14.87 10.70
N ALA A 215 -12.15 14.16 9.65
CA ALA A 215 -11.19 13.41 8.84
C ALA A 215 -10.11 14.33 8.31
N PHE A 216 -8.87 13.90 8.41
CA PHE A 216 -7.73 14.65 7.90
C PHE A 216 -6.83 13.75 7.05
N GLN A 217 -6.76 14.04 5.75
CA GLN A 217 -5.88 13.29 4.85
C GLN A 217 -5.37 14.17 3.71
N VAL A 218 -4.11 13.98 3.32
CA VAL A 218 -3.56 14.62 2.12
C VAL A 218 -3.00 13.57 1.14
N TYR A 219 -2.51 14.03 -0.02
CA TYR A 219 -1.82 13.16 -1.00
C TYR A 219 -1.85 13.79 -2.39
N GLU A 225 -0.69 2.31 4.31
CA GLU A 225 -1.03 2.71 5.67
C GLU A 225 -2.14 1.86 6.29
N ASN A 226 -3.37 2.12 5.88
CA ASN A 226 -4.55 1.68 6.61
C ASN A 226 -4.60 2.38 7.96
N ILE A 227 -4.08 3.61 7.99
CA ILE A 227 -4.12 4.44 9.19
C ILE A 227 -4.88 5.74 8.91
N GLY A 228 -6.02 5.91 9.58
CA GLY A 228 -6.74 7.16 9.51
C GLY A 228 -6.32 8.15 10.58
N TYR A 229 -6.42 9.43 10.23
CA TYR A 229 -6.20 10.51 11.18
C TYR A 229 -7.42 11.39 11.29
N VAL A 230 -7.87 11.58 12.51
CA VAL A 230 -9.03 12.41 12.79
C VAL A 230 -8.70 13.53 13.76
N ILE A 231 -9.06 14.76 13.40
CA ILE A 231 -9.02 15.88 14.32
C ILE A 231 -10.21 15.79 15.29
N PRO A 232 -9.94 15.65 16.59
CA PRO A 232 -11.02 15.38 17.54
C PRO A 232 -11.86 16.60 17.91
N THR A 233 -13.07 16.33 18.38
CA THR A 233 -14.01 17.38 18.76
C THR A 233 -13.42 18.42 19.70
N THR A 234 -12.63 18.02 20.69
CA THR A 234 -12.08 19.03 21.60
C THR A 234 -11.23 20.10 20.90
N VAL A 235 -10.45 19.69 19.89
CA VAL A 235 -9.72 20.65 19.07
C VAL A 235 -10.71 21.55 18.34
N VAL A 236 -11.70 20.93 17.70
CA VAL A 236 -12.73 21.69 17.00
C VAL A 236 -13.33 22.68 17.96
N SER A 237 -13.69 22.18 19.14
CA SER A 237 -14.35 22.99 20.15
C SER A 237 -13.49 24.19 20.48
N HIS A 238 -12.21 23.95 20.74
CA HIS A 238 -11.26 25.01 21.04
C HIS A 238 -11.32 26.06 19.94
N PHE A 239 -11.22 25.62 18.69
CA PHE A 239 -11.22 26.51 17.53
C PHE A 239 -12.47 27.38 17.47
N LEU A 240 -13.62 26.78 17.76
CA LEU A 240 -14.86 27.55 17.78
C LEU A 240 -14.89 28.62 18.91
N THR A 241 -14.62 28.24 20.16
CA THR A 241 -14.70 29.26 21.21
C THR A 241 -13.66 30.37 21.03
N ASP A 242 -12.53 30.03 20.43
CA ASP A 242 -11.52 31.04 20.12
C ASP A 242 -12.15 32.08 19.22
N TYR A 243 -12.69 31.60 18.10
CA TYR A 243 -13.30 32.46 17.09
C TYR A 243 -14.57 33.16 17.60
N GLU A 244 -15.37 32.46 18.41
CA GLU A 244 -16.56 33.06 19.01
C GLU A 244 -16.24 34.33 19.80
N ARG A 245 -15.08 34.39 20.48
CA ARG A 245 -14.61 35.69 20.93
C ARG A 245 -13.89 36.33 19.76
N ASN A 246 -13.47 37.58 19.89
CA ASN A 246 -12.52 38.18 18.95
C ASN A 246 -13.01 38.26 17.49
N GLY A 247 -14.08 37.54 17.19
CA GLY A 247 -14.49 37.37 15.80
C GLY A 247 -13.34 36.98 14.87
N LYS A 248 -12.43 36.15 15.35
CA LYS A 248 -11.27 35.78 14.55
C LYS A 248 -10.36 34.80 15.27
N TYR A 249 -9.48 34.14 14.52
CA TYR A 249 -8.69 33.04 15.07
C TYR A 249 -7.36 33.52 15.62
N THR A 250 -7.21 33.43 16.92
CA THR A 250 -5.98 33.80 17.60
C THR A 250 -4.92 32.69 17.56
N GLY A 251 -5.35 31.46 17.82
CA GLY A 251 -4.46 30.31 17.80
C GLY A 251 -4.05 29.76 19.15
N TYR A 252 -3.72 28.46 19.18
CA TYR A 252 -3.27 27.76 20.38
C TYR A 252 -1.97 28.33 20.98
N PRO A 253 -1.91 28.46 22.30
CA PRO A 253 -0.69 29.03 22.88
C PRO A 253 0.36 27.96 23.22
N CYS A 254 1.53 28.43 23.66
CA CYS A 254 2.60 27.53 24.02
C CYS A 254 3.30 28.12 25.22
N LEU A 255 4.04 27.29 25.95
CA LEU A 255 4.79 27.75 27.11
C LEU A 255 6.05 28.51 26.74
N GLY A 256 6.59 28.22 25.55
CA GLY A 256 7.79 28.88 25.07
C GLY A 256 9.09 28.36 25.66
N VAL A 257 9.10 27.06 25.97
CA VAL A 257 10.20 26.47 26.74
C VAL A 257 10.72 25.18 26.08
N LEU A 258 12.02 24.92 26.20
CA LEU A 258 12.64 23.72 25.59
C LEU A 258 13.03 22.73 26.70
N LEU A 259 12.50 21.50 26.61
CA LEU A 259 12.48 20.59 27.76
C LEU A 259 13.26 19.29 27.60
N GLN A 260 13.94 18.88 28.68
CA GLN A 260 14.60 17.58 28.76
C GLN A 260 13.93 16.71 29.83
N LYS A 261 13.61 15.46 29.49
CA LYS A 261 13.05 14.54 30.47
C LYS A 261 14.16 14.21 31.43
N LEU A 262 13.83 13.83 32.67
CA LEU A 262 14.86 13.23 33.49
C LEU A 262 14.51 11.78 33.77
N GLU A 263 15.12 10.87 33.03
CA GLU A 263 14.93 9.46 33.26
CA GLU A 263 14.94 9.45 33.25
C GLU A 263 16.13 8.90 34.03
N ASN A 264 17.13 9.75 34.25
CA ASN A 264 18.36 9.29 34.86
C ASN A 264 18.48 9.68 36.33
N PRO A 265 18.63 8.68 37.20
CA PRO A 265 18.59 8.96 38.63
C PRO A 265 19.71 9.89 39.00
N ALA A 266 20.88 9.67 38.38
CA ALA A 266 22.01 10.52 38.68
C ALA A 266 21.62 11.95 38.40
N LEU A 267 21.01 12.17 37.24
CA LEU A 267 20.60 13.51 36.80
C LEU A 267 19.70 14.16 37.84
N ARG A 268 18.78 13.38 38.40
CA ARG A 268 17.83 13.91 39.38
CA ARG A 268 17.82 13.91 39.37
C ARG A 268 18.51 14.28 40.69
N GLU A 269 19.32 13.36 41.21
CA GLU A 269 20.07 13.63 42.43
C GLU A 269 20.76 14.97 42.29
N CYS A 270 21.47 15.14 41.18
CA CYS A 270 22.23 16.36 40.92
C CYS A 270 21.34 17.58 41.03
N LEU A 271 20.12 17.46 40.53
CA LEU A 271 19.20 18.58 40.50
C LEU A 271 18.38 18.70 41.77
N LYS A 272 18.56 17.74 42.68
CA LYS A 272 17.87 17.79 43.96
C LYS A 272 16.36 17.72 43.76
N VAL A 273 15.93 16.88 42.82
CA VAL A 273 14.52 16.57 42.67
C VAL A 273 14.11 15.55 43.73
N PRO A 274 13.01 15.83 44.45
CA PRO A 274 12.48 15.01 45.56
C PRO A 274 12.07 13.62 45.14
N THR A 275 11.41 13.53 44.00
CA THR A 275 10.84 12.27 43.54
C THR A 275 11.19 12.20 42.08
N ASN A 276 10.68 11.23 41.35
CA ASN A 276 10.98 11.25 39.94
C ASN A 276 9.80 11.83 39.20
N GLU A 277 9.99 13.06 38.78
CA GLU A 277 8.95 13.93 38.29
C GLU A 277 9.71 15.15 37.88
N GLY A 278 9.11 15.96 37.04
CA GLY A 278 9.79 17.14 36.56
C GLY A 278 10.47 16.96 35.22
N VAL A 279 10.52 18.06 34.49
CA VAL A 279 11.27 18.13 33.26
C VAL A 279 12.16 19.37 33.34
N LEU A 280 13.28 19.33 32.63
CA LEU A 280 14.34 20.32 32.79
C LEU A 280 14.32 21.38 31.68
N VAL A 281 14.46 22.65 32.05
CA VAL A 281 14.35 23.70 31.06
C VAL A 281 15.72 23.99 30.48
N ARG A 282 15.91 23.61 29.22
CA ARG A 282 17.14 23.89 28.50
C ARG A 282 17.13 25.30 27.91
N ARG A 283 16.00 25.69 27.32
CA ARG A 283 15.93 27.00 26.70
C ARG A 283 14.56 27.66 26.79
N VAL A 284 14.57 28.98 26.77
CA VAL A 284 13.35 29.76 26.86
C VAL A 284 13.25 30.76 25.70
N GLU A 285 12.18 30.68 24.93
CA GLU A 285 11.98 31.63 23.85
C GLU A 285 11.92 33.06 24.39
N PRO A 286 12.65 33.99 23.78
CA PRO A 286 12.70 35.37 24.26
C PRO A 286 11.37 36.10 24.16
N THR A 287 10.55 35.75 23.18
CA THR A 287 9.31 36.49 22.94
C THR A 287 8.18 35.97 23.81
N SER A 288 8.41 34.83 24.46
CA SER A 288 7.43 34.29 25.39
C SER A 288 7.45 35.01 26.73
N ASP A 289 6.32 35.02 27.42
CA ASP A 289 6.24 35.56 28.77
C ASP A 289 7.16 34.80 29.74
N ALA A 290 7.48 33.55 29.42
CA ALA A 290 8.31 32.71 30.28
C ALA A 290 9.75 33.22 30.48
N SER A 291 10.23 34.04 29.55
CA SER A 291 11.61 34.51 29.61
C SER A 291 11.82 35.48 30.76
N LYS A 292 10.72 36.04 31.26
CA LYS A 292 10.71 36.98 32.38
C LYS A 292 10.53 36.25 33.70
N VAL A 293 10.25 34.96 33.62
CA VAL A 293 9.84 34.18 34.78
C VAL A 293 10.68 32.91 34.95
N LEU A 294 10.67 32.05 33.95
CA LEU A 294 11.51 30.85 33.94
C LEU A 294 12.98 31.09 33.55
N LYS A 295 13.86 30.22 34.02
CA LYS A 295 15.28 30.30 33.71
C LYS A 295 15.81 28.95 33.23
N GLU A 296 16.81 28.98 32.37
CA GLU A 296 17.51 27.74 32.03
C GLU A 296 17.93 27.09 33.34
N GLY A 297 17.74 25.78 33.45
CA GLY A 297 18.10 25.05 34.64
C GLY A 297 16.96 24.74 35.59
N ASP A 298 15.87 25.50 35.48
CA ASP A 298 14.71 25.27 36.32
C ASP A 298 14.19 23.88 36.06
N VAL A 299 13.56 23.27 37.04
CA VAL A 299 12.83 22.04 36.78
C VAL A 299 11.35 22.32 36.99
N ILE A 300 10.52 22.15 35.95
CA ILE A 300 9.09 22.29 36.17
C ILE A 300 8.45 20.97 36.56
N VAL A 301 7.53 21.07 37.50
CA VAL A 301 7.11 20.00 38.39
C VAL A 301 5.60 19.85 38.34
N SER A 302 4.89 20.92 38.64
CA SER A 302 3.45 20.98 38.41
C SER A 302 3.09 22.07 37.39
N PHE A 303 1.97 21.88 36.72
CA PHE A 303 1.41 22.87 35.81
C PHE A 303 -0.08 23.01 36.10
N ASP A 304 -0.50 24.17 36.59
CA ASP A 304 -1.85 24.31 37.13
C ASP A 304 -2.19 23.14 38.05
N ASP A 305 -1.25 22.86 38.96
CA ASP A 305 -1.33 21.79 39.96
C ASP A 305 -1.43 20.36 39.42
N LEU A 306 -1.00 20.14 38.18
CA LEU A 306 -0.89 18.77 37.66
C LEU A 306 0.57 18.40 37.65
N HIS A 307 0.89 17.21 38.15
CA HIS A 307 2.29 16.82 38.27
C HIS A 307 2.81 16.37 36.93
N VAL A 308 3.87 17.03 36.46
CA VAL A 308 4.60 16.59 35.29
C VAL A 308 5.57 15.45 35.63
N GLY A 309 5.42 14.32 34.95
CA GLY A 309 6.25 13.14 35.18
C GLY A 309 7.69 13.31 34.70
N CYS A 310 8.57 12.42 35.12
CA CYS A 310 9.99 12.57 34.78
C CYS A 310 10.19 12.31 33.29
N GLU A 311 9.29 11.51 32.72
CA GLU A 311 9.14 11.47 31.27
C GLU A 311 8.34 12.73 30.96
N GLY A 312 7.89 12.92 29.73
CA GLY A 312 7.21 14.17 29.47
C GLY A 312 5.73 14.22 29.87
N THR A 313 5.28 13.31 30.72
CA THR A 313 3.85 13.10 30.84
C THR A 313 3.07 13.88 31.90
N VAL A 314 1.81 13.48 32.10
CA VAL A 314 0.81 14.28 32.81
C VAL A 314 -0.44 13.41 32.90
N PRO A 315 -1.22 13.55 33.98
CA PRO A 315 -2.40 12.68 33.99
C PRO A 315 -3.41 13.13 32.92
N PHE A 316 -4.10 12.19 32.29
CA PHE A 316 -4.93 12.54 31.15
C PHE A 316 -6.41 12.59 31.51
N ARG A 317 -7.00 11.41 31.69
CA ARG A 317 -8.35 11.32 32.20
C ARG A 317 -8.39 9.97 32.87
N SER A 318 -9.18 9.84 33.94
CA SER A 318 -9.23 8.57 34.63
C SER A 318 -7.80 8.06 34.85
N SER A 319 -7.50 6.88 34.31
CA SER A 319 -6.20 6.24 34.50
C SER A 319 -5.16 6.48 33.40
N GLU A 320 -5.53 7.23 32.37
CA GLU A 320 -4.63 7.48 31.23
C GLU A 320 -3.55 8.55 31.48
N ARG A 321 -2.46 8.49 30.70
CA ARG A 321 -1.45 9.53 30.72
C ARG A 321 -1.16 10.12 29.33
N ILE A 322 -0.99 11.44 29.26
CA ILE A 322 -0.81 12.15 28.00
C ILE A 322 0.39 13.10 28.08
N ALA A 323 0.91 13.46 26.92
CA ALA A 323 2.03 14.39 26.85
C ALA A 323 1.70 15.72 27.51
N PHE A 324 2.69 16.27 28.20
CA PHE A 324 2.57 17.57 28.84
C PHE A 324 1.97 18.59 27.87
N ARG A 325 2.38 18.52 26.61
CA ARG A 325 1.87 19.44 25.58
C ARG A 325 0.34 19.52 25.55
N TYR A 326 -0.32 18.42 25.87
CA TYR A 326 -1.76 18.43 25.92
C TYR A 326 -2.29 19.55 26.82
N LEU A 327 -1.74 19.69 28.03
CA LEU A 327 -2.23 20.71 28.96
C LEU A 327 -2.14 22.11 28.36
N ILE A 328 -0.93 22.49 27.97
CA ILE A 328 -0.72 23.81 27.41
C ILE A 328 -1.73 24.09 26.31
N SER A 329 -1.95 23.09 25.46
CA SER A 329 -2.79 23.25 24.29
C SER A 329 -4.26 23.50 24.63
N GLN A 330 -4.69 23.03 25.79
CA GLN A 330 -6.09 23.14 26.17
C GLN A 330 -6.40 24.50 26.79
N LYS A 331 -5.39 25.38 26.83
CA LYS A 331 -5.59 26.75 27.29
C LYS A 331 -5.82 27.68 26.11
N PHE A 332 -6.09 28.95 26.40
CA PHE A 332 -6.30 29.93 25.34
C PHE A 332 -5.27 31.03 25.45
N ALA A 333 -4.99 31.70 24.34
CA ALA A 333 -4.05 32.80 24.36
C ALA A 333 -4.47 33.82 25.43
N GLY A 334 -3.51 34.22 26.26
CA GLY A 334 -3.77 35.16 27.32
C GLY A 334 -4.11 34.51 28.65
N ASP A 335 -4.35 33.21 28.65
CA ASP A 335 -4.52 32.50 29.91
C ASP A 335 -3.24 32.61 30.71
N ILE A 336 -3.39 32.68 32.02
CA ILE A 336 -2.26 32.63 32.93
C ILE A 336 -2.20 31.24 33.52
N ALA A 337 -1.03 30.64 33.49
CA ALA A 337 -0.85 29.32 34.08
C ALA A 337 0.05 29.47 35.28
N GLU A 338 -0.21 28.69 36.32
CA GLU A 338 0.66 28.63 37.50
C GLU A 338 1.60 27.44 37.38
N ILE A 339 2.90 27.68 37.49
CA ILE A 339 3.88 26.61 37.33
C ILE A 339 4.73 26.34 38.58
N GLY A 340 4.67 25.11 39.09
CA GLY A 340 5.64 24.63 40.07
C GLY A 340 7.05 24.34 39.54
N ILE A 341 8.06 24.93 40.14
CA ILE A 341 9.44 24.66 39.72
C ILE A 341 10.39 24.39 40.89
N ILE A 342 11.42 23.61 40.60
CA ILE A 342 12.55 23.49 41.50
C ILE A 342 13.71 24.27 40.88
N ARG A 343 14.13 25.33 41.56
CA ARG A 343 15.22 26.19 41.08
C ARG A 343 16.32 26.25 42.15
N ALA A 344 17.56 26.02 41.74
CA ALA A 344 18.59 25.62 42.68
C ALA A 344 18.04 24.34 43.28
N GLY A 345 17.94 24.28 44.60
CA GLY A 345 17.34 23.13 45.24
C GLY A 345 15.98 23.44 45.82
N GLU A 346 15.47 24.63 45.53
CA GLU A 346 14.32 25.15 46.26
C GLU A 346 13.01 25.25 45.46
N HIS A 347 11.92 24.83 46.08
CA HIS A 347 10.60 24.89 45.47
C HIS A 347 10.10 26.31 45.25
N LYS A 348 9.56 26.55 44.05
CA LYS A 348 9.00 27.85 43.70
C LYS A 348 7.69 27.76 42.90
N LYS A 349 7.01 28.90 42.81
CA LYS A 349 5.73 29.00 42.17
C LYS A 349 5.83 30.24 41.32
N VAL A 350 5.50 30.12 40.03
CA VAL A 350 5.52 31.28 39.16
C VAL A 350 4.28 31.32 38.29
N GLN A 351 4.05 32.48 37.68
CA GLN A 351 2.90 32.61 36.79
C GLN A 351 3.33 33.09 35.41
N VAL A 352 2.83 32.45 34.38
CA VAL A 352 3.20 32.78 33.02
C VAL A 352 1.97 33.03 32.17
N VAL A 353 1.99 34.10 31.39
CA VAL A 353 0.96 34.33 30.38
C VAL A 353 1.27 33.49 29.14
N LEU A 354 0.24 32.91 28.53
CA LEU A 354 0.43 31.99 27.42
C LEU A 354 -0.03 32.59 26.09
N ARG A 355 0.83 32.55 25.09
CA ARG A 355 0.49 33.09 23.78
CA ARG A 355 0.52 33.11 23.78
C ARG A 355 0.93 32.15 22.67
N PRO A 356 0.37 32.31 21.47
CA PRO A 356 0.76 31.47 20.34
C PRO A 356 2.22 31.67 19.98
N ARG A 357 2.89 30.59 19.61
CA ARG A 357 4.31 30.62 19.29
C ARG A 357 4.60 31.68 18.24
N VAL A 358 5.62 32.49 18.47
CA VAL A 358 6.05 33.47 17.48
C VAL A 358 7.12 32.83 16.61
N HIS A 359 6.77 32.60 15.35
CA HIS A 359 7.64 31.90 14.41
C HIS A 359 8.55 32.85 13.65
N LEU A 360 9.84 32.54 13.67
CA LEU A 360 10.81 33.36 12.95
C LEU A 360 10.62 33.09 11.46
N VAL A 361 10.50 31.83 11.08
CA VAL A 361 10.18 31.45 9.70
C VAL A 361 8.81 30.80 9.69
N PRO A 362 7.82 31.55 9.21
CA PRO A 362 6.41 31.17 9.18
C PRO A 362 6.03 30.13 8.15
N TYR A 363 5.12 29.24 8.52
CA TYR A 363 4.46 28.32 7.60
C TYR A 363 3.27 28.98 6.91
N HIS A 364 2.61 29.88 7.62
CA HIS A 364 1.30 30.38 7.22
C HIS A 364 1.30 31.38 6.06
N ILE A 365 2.17 32.39 6.14
CA ILE A 365 2.20 33.54 5.19
C ILE A 365 0.98 34.47 5.24
N ASP A 366 -0.02 34.12 6.04
CA ASP A 366 -1.15 35.00 6.31
C ASP A 366 -2.00 35.26 5.08
N GLY A 367 -1.98 34.35 4.12
CA GLY A 367 -2.89 34.43 3.00
C GLY A 367 -2.45 35.55 2.08
N GLY A 368 -2.93 35.52 0.84
CA GLY A 368 -2.63 36.58 -0.11
C GLY A 368 -1.15 36.82 -0.36
N GLN A 369 -0.82 38.05 -0.73
CA GLN A 369 0.52 38.41 -1.17
C GLN A 369 1.57 38.54 -0.05
N PRO A 370 2.71 37.83 -0.19
CA PRO A 370 3.91 38.02 0.63
C PRO A 370 4.68 39.29 0.24
N SER A 371 5.53 39.74 1.15
CA SER A 371 6.21 41.02 0.99
C SER A 371 7.48 40.97 0.12
N TYR A 372 7.76 42.07 -0.60
CA TYR A 372 9.00 42.16 -1.36
C TYR A 372 9.46 43.58 -1.66
N ILE A 373 10.74 43.71 -2.01
CA ILE A 373 11.37 45.00 -2.36
C ILE A 373 11.82 45.30 -3.79
N ILE A 374 12.65 44.47 -4.42
CA ILE A 374 13.50 44.93 -5.53
C ILE A 374 14.62 45.87 -5.06
N VAL A 375 14.67 47.14 -5.42
CA VAL A 375 15.98 47.83 -5.28
C VAL A 375 17.08 47.35 -6.23
N ALA A 376 16.99 47.79 -7.48
CA ALA A 376 18.02 47.60 -8.49
C ALA A 376 18.16 46.16 -8.94
N GLY A 377 17.03 45.48 -9.04
CA GLY A 377 17.02 44.12 -9.52
C GLY A 377 17.20 43.09 -8.43
N LEU A 378 17.61 43.52 -7.24
CA LEU A 378 17.78 42.56 -6.17
C LEU A 378 16.42 42.35 -5.53
N VAL A 379 15.89 41.14 -5.62
CA VAL A 379 14.56 40.88 -5.09
C VAL A 379 14.61 40.40 -3.64
N PHE A 380 13.99 41.16 -2.74
CA PHE A 380 14.02 40.83 -1.32
C PHE A 380 12.64 40.38 -0.80
N THR A 381 12.61 39.21 -0.16
CA THR A 381 11.43 38.68 0.54
C THR A 381 11.80 38.06 1.87
N PRO A 382 10.79 37.86 2.73
CA PRO A 382 11.02 37.08 3.95
C PRO A 382 11.17 35.61 3.63
N LEU A 383 12.08 34.95 4.33
CA LEU A 383 12.20 33.51 4.24
C LEU A 383 10.95 32.93 4.86
N SER A 384 10.27 32.04 4.14
CA SER A 384 9.12 31.37 4.72
C SER A 384 9.18 29.88 4.45
N GLU A 385 8.37 29.12 5.17
CA GLU A 385 8.32 27.68 4.98
C GLU A 385 7.77 27.32 3.58
N PRO A 386 6.69 28.00 3.15
CA PRO A 386 6.18 27.79 1.79
C PRO A 386 7.22 28.11 0.71
N LEU A 387 8.00 29.17 0.90
CA LEU A 387 9.10 29.47 0.00
C LEU A 387 10.10 28.32 -0.01
N ILE A 388 10.39 27.80 1.18
CA ILE A 388 11.37 26.74 1.27
C ILE A 388 10.96 25.49 0.47
N GLU A 389 9.68 25.19 0.31
CA GLU A 389 9.40 24.31 -0.83
C GLU A 389 8.62 25.06 -1.87
N GLU A 390 9.35 25.53 -2.86
CA GLU A 390 8.94 25.77 -4.22
C GLU A 390 10.15 25.16 -4.89
N GLU A 391 11.28 25.81 -4.61
CA GLU A 391 12.63 25.33 -4.93
C GLU A 391 13.05 24.16 -4.07
N CYS A 392 12.21 23.79 -3.10
CA CYS A 392 12.48 22.67 -2.20
C CYS A 392 13.82 22.86 -1.50
N GLU A 393 14.60 21.80 -1.35
CA GLU A 393 15.89 22.01 -0.71
C GLU A 393 17.06 21.78 -1.66
N ASP A 394 17.61 22.90 -2.08
CA ASP A 394 18.83 23.04 -2.84
C ASP A 394 18.78 24.52 -3.14
N THR A 395 19.90 25.13 -3.51
CA THR A 395 19.90 26.54 -3.89
C THR A 395 19.50 27.40 -2.70
N ILE A 396 19.02 26.75 -1.64
CA ILE A 396 18.86 27.38 -0.34
C ILE A 396 20.19 27.27 0.40
N GLY A 397 20.63 26.04 0.63
CA GLY A 397 21.93 25.82 1.24
C GLY A 397 21.85 25.49 2.72
N LEU A 398 22.85 24.75 3.19
CA LEU A 398 22.90 24.25 4.54
C LEU A 398 22.65 25.28 5.63
N LYS A 399 23.33 26.43 5.56
CA LYS A 399 23.21 27.43 6.62
C LYS A 399 21.80 27.98 6.75
N LEU A 400 21.18 28.32 5.61
CA LEU A 400 19.81 28.83 5.63
C LEU A 400 18.86 27.79 6.18
N LEU A 401 18.85 26.62 5.55
CA LEU A 401 17.96 25.55 5.97
C LEU A 401 18.03 25.33 7.48
N THR A 402 19.24 25.39 8.04
CA THR A 402 19.38 25.13 9.46
C THR A 402 18.85 26.28 10.31
N LYS A 403 19.12 27.51 9.90
CA LYS A 403 18.55 28.66 10.58
C LYS A 403 17.03 28.55 10.62
N ALA A 404 16.46 28.04 9.54
CA ALA A 404 15.01 27.84 9.46
C ALA A 404 14.50 26.74 10.39
N ARG A 405 15.33 25.75 10.67
CA ARG A 405 14.93 24.63 11.51
CA ARG A 405 14.90 24.64 11.52
C ARG A 405 15.24 24.87 12.99
N TYR A 406 16.05 25.88 13.29
CA TYR A 406 16.59 26.03 14.63
C TYR A 406 16.39 27.40 15.27
N SER A 407 16.94 28.43 14.64
CA SER A 407 16.91 29.76 15.23
C SER A 407 15.50 30.19 15.61
N VAL A 408 15.41 30.93 16.71
CA VAL A 408 14.13 31.41 17.22
C VAL A 408 14.12 32.93 17.16
N ALA A 409 12.93 33.52 17.13
CA ALA A 409 12.81 34.97 17.15
C ALA A 409 13.42 35.59 18.42
N ARG A 410 14.27 36.59 18.23
CA ARG A 410 14.80 37.38 19.34
C ARG A 410 13.79 38.43 19.78
N PHE A 411 12.90 38.82 18.87
CA PHE A 411 11.87 39.81 19.18
C PHE A 411 10.65 39.67 18.26
N ARG A 412 9.51 40.23 18.66
CA ARG A 412 8.31 40.11 17.83
C ARG A 412 8.55 40.83 16.54
N GLY A 413 8.20 40.20 15.42
CA GLY A 413 8.31 40.83 14.12
C GLY A 413 9.64 40.64 13.41
N GLU A 414 10.61 40.03 14.09
CA GLU A 414 11.88 39.72 13.44
C GLU A 414 11.66 38.82 12.23
N GLN A 415 12.35 39.11 11.14
CA GLN A 415 12.29 38.24 9.98
C GLN A 415 13.69 37.88 9.55
N ILE A 416 13.83 36.73 8.92
CA ILE A 416 15.03 36.45 8.19
C ILE A 416 14.73 36.93 6.77
N VAL A 417 15.41 38.00 6.36
CA VAL A 417 15.21 38.58 5.05
C VAL A 417 16.21 38.02 4.06
N ILE A 418 15.74 37.54 2.93
CA ILE A 418 16.64 36.98 1.93
C ILE A 418 16.59 37.72 0.61
N LEU A 419 17.68 37.59 -0.14
CA LEU A 419 17.70 37.94 -1.55
C LEU A 419 17.30 36.66 -2.26
N SER A 420 16.15 36.67 -2.91
CA SER A 420 15.71 35.49 -3.63
C SER A 420 16.54 35.43 -4.90
N GLN A 421 16.35 36.41 -5.78
CA GLN A 421 17.23 36.49 -6.95
C GLN A 421 17.63 37.92 -7.34
N VAL A 422 18.46 38.01 -8.37
CA VAL A 422 18.83 39.30 -8.93
C VAL A 422 18.36 39.35 -10.37
N LEU A 423 17.67 40.42 -10.75
CA LEU A 423 17.22 40.56 -12.13
C LEU A 423 18.30 41.29 -12.90
N ALA A 424 18.97 40.57 -13.81
CA ALA A 424 20.17 41.11 -14.44
C ALA A 424 19.93 42.45 -15.10
N ASN A 425 20.92 43.31 -15.01
CA ASN A 425 20.82 44.68 -15.49
C ASN A 425 22.15 45.36 -15.28
N GLU A 426 22.36 46.47 -15.99
CA GLU A 426 23.66 47.13 -15.95
C GLU A 426 24.11 47.41 -14.51
N VAL A 427 23.22 48.00 -13.71
CA VAL A 427 23.58 48.41 -12.35
C VAL A 427 24.08 47.25 -11.50
N ASN A 428 23.49 46.07 -11.66
CA ASN A 428 23.82 44.92 -10.83
C ASN A 428 24.88 43.99 -11.39
N ILE A 429 25.51 44.39 -12.48
CA ILE A 429 26.46 43.52 -13.13
C ILE A 429 27.46 43.02 -12.08
N GLY A 430 27.65 41.70 -12.07
CA GLY A 430 28.57 41.05 -11.14
C GLY A 430 27.85 40.41 -9.97
N TYR A 431 26.65 40.89 -9.68
CA TYR A 431 25.81 40.31 -8.64
C TYR A 431 24.73 39.35 -9.15
N GLU A 432 24.67 39.11 -10.46
CA GLU A 432 23.63 38.20 -10.95
C GLU A 432 24.08 36.84 -10.47
N ASP A 433 23.36 35.78 -10.81
CA ASP A 433 23.48 34.56 -10.00
C ASP A 433 22.96 34.97 -8.63
N MET A 434 23.76 34.80 -7.59
CA MET A 434 23.43 35.38 -6.31
C MET A 434 21.97 35.15 -5.94
N ASN A 435 21.62 33.92 -5.61
CA ASN A 435 20.25 33.58 -5.20
C ASN A 435 20.17 33.09 -3.76
N ASN A 436 19.01 33.32 -3.14
CA ASN A 436 18.68 32.79 -1.81
C ASN A 436 19.75 32.99 -0.76
N GLN A 437 20.02 34.27 -0.46
CA GLN A 437 21.04 34.66 0.48
C GLN A 437 20.43 35.57 1.52
N GLN A 438 20.52 35.19 2.78
CA GLN A 438 20.05 36.05 3.85
C GLN A 438 20.90 37.31 3.88
N VAL A 439 20.23 38.46 3.99
CA VAL A 439 20.91 39.74 4.07
C VAL A 439 20.88 40.26 5.53
N LEU A 440 22.00 40.77 6.01
CA LEU A 440 22.15 41.13 7.42
C LEU A 440 22.14 42.63 7.68
N LYS A 441 23.09 43.34 7.09
CA LYS A 441 23.18 44.78 7.26
C LYS A 441 22.88 45.54 5.98
N PHE A 442 22.33 46.73 6.13
CA PHE A 442 22.21 47.67 5.03
C PHE A 442 22.84 48.98 5.47
N ASN A 443 23.92 49.36 4.79
CA ASN A 443 24.71 50.53 5.18
C ASN A 443 25.02 50.53 6.66
N GLY A 444 25.52 49.40 7.14
CA GLY A 444 26.00 49.27 8.50
C GLY A 444 24.93 48.89 9.52
N ILE A 445 23.68 49.10 9.14
CA ILE A 445 22.54 48.90 10.03
C ILE A 445 21.99 47.47 10.00
N PRO A 446 22.05 46.78 11.14
CA PRO A 446 21.38 45.47 11.22
C PRO A 446 19.90 45.55 10.81
N ILE A 447 19.47 44.63 9.96
CA ILE A 447 18.09 44.58 9.47
C ILE A 447 17.19 43.76 10.42
N ARG A 448 16.08 44.36 10.87
CA ARG A 448 15.13 43.66 11.72
C ARG A 448 14.16 42.78 10.93
N ASN A 449 13.70 43.32 9.81
CA ASN A 449 12.75 42.61 8.96
C ASN A 449 12.63 43.34 7.62
N ILE A 450 11.77 42.88 6.74
CA ILE A 450 11.74 43.46 5.41
C ILE A 450 11.12 44.84 5.41
N HIS A 451 10.31 45.15 6.41
CA HIS A 451 9.71 46.47 6.47
C HIS A 451 10.74 47.48 6.93
N HIS A 452 11.49 47.11 7.96
CA HIS A 452 12.64 47.87 8.39
C HIS A 452 13.53 48.17 7.18
N LEU A 453 13.74 47.17 6.33
CA LEU A 453 14.63 47.30 5.18
C LEU A 453 14.06 48.26 4.14
N ALA A 454 12.76 48.18 3.92
CA ALA A 454 12.06 49.10 3.02
C ALA A 454 12.19 50.53 3.53
N HIS A 455 12.22 50.70 4.84
CA HIS A 455 12.32 52.02 5.43
C HIS A 455 13.72 52.60 5.29
N LEU A 456 14.74 51.81 5.61
CA LEU A 456 16.12 52.28 5.54
C LEU A 456 16.50 52.73 4.14
N ILE A 457 15.90 52.07 3.15
CA ILE A 457 16.16 52.36 1.75
C ILE A 457 15.47 53.64 1.31
N ASP A 458 14.23 53.82 1.78
CA ASP A 458 13.47 55.04 1.50
C ASP A 458 14.17 56.28 2.06
N MET A 459 14.77 56.14 3.24
CA MET A 459 15.45 57.24 3.92
C MET A 459 16.90 57.45 3.47
N CYS A 460 17.40 56.64 2.55
CA CYS A 460 18.86 56.53 2.40
C CYS A 460 19.58 57.84 2.11
N LYS A 461 19.41 58.37 0.91
CA LYS A 461 20.10 59.59 0.50
C LYS A 461 21.61 59.46 0.30
N ASP A 462 22.21 58.34 0.74
CA ASP A 462 23.67 58.19 0.64
C ASP A 462 24.11 57.82 -0.76
N LYS A 463 25.43 57.74 -0.95
CA LYS A 463 25.98 57.53 -2.29
C LYS A 463 25.84 56.10 -2.78
N TYR A 464 26.24 55.14 -1.95
CA TYR A 464 26.12 53.74 -2.30
C TYR A 464 25.10 53.04 -1.42
N LEU A 465 24.47 52.01 -1.98
CA LEU A 465 23.69 51.07 -1.22
C LEU A 465 24.58 49.85 -0.96
N VAL A 466 24.82 49.54 0.31
CA VAL A 466 25.73 48.47 0.69
C VAL A 466 25.04 47.33 1.42
N PHE A 467 24.96 46.17 0.78
CA PHE A 467 24.32 45.03 1.41
C PHE A 467 25.34 43.98 1.83
N GLU A 468 25.34 43.71 3.13
CA GLU A 468 26.14 42.63 3.66
C GLU A 468 25.27 41.41 3.85
N PHE A 469 25.68 40.31 3.25
CA PHE A 469 24.94 39.06 3.33
C PHE A 469 25.61 38.08 4.27
N GLU A 470 25.02 36.89 4.32
CA GLU A 470 25.40 35.82 5.25
C GLU A 470 26.90 35.50 5.29
N ASP A 471 27.54 35.42 4.13
CA ASP A 471 28.94 34.98 4.05
C ASP A 471 29.94 36.09 4.37
N ASN A 472 29.43 37.30 4.57
CA ASN A 472 30.26 38.50 4.59
C ASN A 472 30.53 38.92 3.15
N TYR A 473 29.97 38.14 2.21
CA TYR A 473 29.78 38.63 0.85
C TYR A 473 29.08 39.99 0.88
N VAL A 474 29.58 40.95 0.11
CA VAL A 474 29.02 42.29 0.14
C VAL A 474 28.68 42.79 -1.27
N ALA A 475 27.46 43.25 -1.48
CA ALA A 475 27.10 43.86 -2.76
C ALA A 475 26.90 45.36 -2.58
N VAL A 476 27.59 46.12 -3.43
CA VAL A 476 27.53 47.58 -3.39
C VAL A 476 26.93 48.15 -4.67
N LEU A 477 25.95 49.04 -4.52
CA LEU A 477 25.30 49.63 -5.69
C LEU A 477 25.32 51.14 -5.64
N GLU A 478 25.37 51.80 -6.80
CA GLU A 478 25.28 53.25 -6.84
C GLU A 478 23.80 53.68 -6.74
N ARG A 479 23.49 54.46 -5.71
CA ARG A 479 22.08 54.79 -5.42
C ARG A 479 21.36 55.48 -6.60
N GLU A 480 21.98 56.53 -7.14
CA GLU A 480 21.40 57.22 -8.28
C GLU A 480 21.14 56.24 -9.42
N ALA A 481 22.18 55.54 -9.87
CA ALA A 481 22.04 54.59 -10.98
C ALA A 481 20.87 53.62 -10.75
N SER A 482 20.71 53.19 -9.51
CA SER A 482 19.63 52.28 -9.14
C SER A 482 18.26 52.95 -9.30
N ASN A 483 18.10 54.13 -8.69
CA ASN A 483 16.86 54.88 -8.81
C ASN A 483 16.53 55.23 -10.25
N SER A 484 17.55 55.38 -11.08
CA SER A 484 17.34 55.67 -12.50
C SER A 484 17.06 54.41 -13.32
N ALA A 485 17.42 53.24 -12.82
CA ALA A 485 17.22 52.03 -13.59
C ALA A 485 15.92 51.36 -13.22
N SER A 486 15.22 51.92 -12.24
CA SER A 486 14.04 51.26 -11.67
C SER A 486 13.02 50.89 -12.74
N LEU A 487 12.41 51.91 -13.35
CA LEU A 487 11.40 51.70 -14.37
C LEU A 487 11.89 50.74 -15.45
N CYS A 488 13.08 50.97 -15.97
CA CYS A 488 13.59 50.11 -17.03
C CYS A 488 13.57 48.64 -16.61
N ILE A 489 13.99 48.38 -15.37
CA ILE A 489 14.08 47.03 -14.84
C ILE A 489 12.72 46.34 -14.68
N LEU A 490 11.77 47.03 -14.08
CA LEU A 490 10.45 46.44 -13.93
C LEU A 490 9.49 46.75 -15.08
N LYS A 491 9.87 47.63 -15.99
CA LYS A 491 9.12 47.83 -17.22
C LYS A 491 9.68 46.90 -18.29
N ASP A 492 10.63 46.08 -17.88
CA ASP A 492 11.28 45.13 -18.75
C ASP A 492 10.86 43.73 -18.36
N TYR A 493 11.18 43.39 -17.11
CA TYR A 493 11.28 42.01 -16.63
C TYR A 493 10.06 41.06 -16.46
N GLY A 494 8.85 41.55 -16.21
CA GLY A 494 8.52 42.96 -16.08
C GLY A 494 7.41 42.92 -15.06
N ILE A 495 7.19 44.03 -14.39
CA ILE A 495 6.62 43.96 -13.05
C ILE A 495 5.64 45.06 -12.68
N PRO A 496 4.59 44.69 -11.96
CA PRO A 496 3.53 45.58 -11.51
C PRO A 496 4.07 46.77 -10.72
N SER A 497 4.99 46.52 -9.80
CA SER A 497 5.52 47.58 -8.97
C SER A 497 6.82 47.19 -8.24
N GLU A 498 7.40 48.14 -7.52
CA GLU A 498 8.68 47.94 -6.88
C GLU A 498 8.54 47.48 -5.44
N ARG A 499 7.31 47.37 -4.96
CA ARG A 499 7.05 46.88 -3.62
C ARG A 499 5.87 45.93 -3.63
N SER A 500 5.70 45.18 -2.55
CA SER A 500 4.41 44.64 -2.21
C SER A 500 3.71 45.76 -1.44
N ALA A 501 2.39 45.86 -1.63
CA ALA A 501 1.64 47.02 -1.16
C ALA A 501 1.85 47.39 0.31
N ASP A 502 2.01 46.39 1.17
CA ASP A 502 2.17 46.65 2.61
C ASP A 502 3.39 47.50 2.95
N LEU A 503 4.46 47.33 2.19
CA LEU A 503 5.71 48.04 2.47
C LEU A 503 5.64 49.56 2.26
N LEU A 504 4.52 50.03 1.72
CA LEU A 504 4.27 51.46 1.58
C LEU A 504 3.87 52.12 2.90
N GLU A 505 3.15 51.37 3.73
CA GLU A 505 2.71 51.92 5.02
C GLU A 505 3.91 52.37 5.85
N PRO A 506 3.70 53.35 6.74
CA PRO A 506 4.79 53.93 7.55
C PRO A 506 5.30 52.93 8.58
N TYR A 507 6.60 52.94 8.89
CA TYR A 507 7.15 51.87 9.74
C TYR A 507 7.46 52.32 11.17
N VAL A 508 6.59 51.95 12.11
CA VAL A 508 6.92 51.34 13.42
C VAL A 508 8.18 51.79 14.18
N ASP A 509 8.94 50.80 14.66
CA ASP A 509 10.20 51.01 15.37
C ASP A 509 10.75 49.66 15.89
N HIS B 42 -24.47 -24.80 9.80
CA HIS B 42 -24.94 -23.57 10.42
C HIS B 42 -24.42 -22.35 9.66
N ASP B 43 -23.33 -21.77 10.13
CA ASP B 43 -22.65 -20.70 9.41
C ASP B 43 -21.76 -21.26 8.30
N ALA B 44 -21.07 -22.35 8.61
CA ALA B 44 -20.12 -22.94 7.68
C ALA B 44 -20.80 -23.59 6.47
N SER B 45 -22.12 -23.65 6.51
CA SER B 45 -22.90 -24.20 5.40
C SER B 45 -22.75 -23.29 4.19
N PHE B 46 -22.66 -21.99 4.45
CA PHE B 46 -22.58 -20.99 3.39
C PHE B 46 -21.26 -21.11 2.66
N LEU B 47 -20.18 -21.25 3.41
CA LEU B 47 -18.85 -21.37 2.82
C LEU B 47 -18.74 -22.63 1.96
N ASN B 48 -19.64 -23.58 2.21
CA ASN B 48 -19.62 -24.84 1.47
C ASN B 48 -20.14 -24.69 0.05
N ALA B 49 -20.75 -23.54 -0.21
CA ALA B 49 -21.26 -23.26 -1.55
C ALA B 49 -20.18 -22.62 -2.41
N VAL B 50 -19.06 -22.25 -1.80
CA VAL B 50 -17.97 -21.59 -2.51
C VAL B 50 -17.00 -22.63 -3.02
N VAL B 51 -16.49 -22.39 -4.22
CA VAL B 51 -15.66 -23.37 -4.93
C VAL B 51 -14.35 -22.71 -5.40
N LYS B 52 -13.28 -23.50 -5.44
CA LYS B 52 -12.02 -23.00 -5.98
C LYS B 52 -11.94 -23.35 -7.48
N VAL B 53 -11.37 -22.44 -8.26
CA VAL B 53 -11.37 -22.59 -9.72
C VAL B 53 -9.98 -22.71 -10.29
N TYR B 54 -9.70 -23.83 -10.93
CA TYR B 54 -8.44 -24.00 -11.63
C TYR B 54 -8.69 -23.92 -13.14
N CYS B 55 -7.89 -23.08 -13.80
CA CYS B 55 -8.06 -22.87 -15.23
C CYS B 55 -6.73 -22.74 -15.97
N THR B 56 -6.61 -23.47 -17.08
CA THR B 56 -5.44 -23.40 -17.92
C THR B 56 -5.70 -22.41 -19.05
N HIS B 57 -4.78 -21.46 -19.24
CA HIS B 57 -4.99 -20.37 -20.19
C HIS B 57 -4.07 -20.44 -21.38
N THR B 58 -4.63 -20.61 -22.58
CA THR B 58 -3.85 -20.39 -23.78
C THR B 58 -4.41 -19.22 -24.57
N ALA B 59 -3.73 -18.09 -24.51
CA ALA B 59 -4.14 -16.92 -25.27
C ALA B 59 -3.43 -16.93 -26.62
N PRO B 60 -4.01 -16.25 -27.62
CA PRO B 60 -3.33 -16.06 -28.90
C PRO B 60 -2.33 -14.92 -28.79
N ASP B 61 -1.27 -14.96 -29.59
CA ASP B 61 -0.35 -13.84 -29.68
C ASP B 61 -0.90 -12.93 -30.77
N TYR B 62 -1.08 -11.64 -30.49
CA TYR B 62 -1.60 -10.72 -31.52
C TYR B 62 -0.51 -10.21 -32.46
N SER B 63 0.68 -10.01 -31.91
CA SER B 63 1.83 -9.55 -32.67
C SER B 63 2.10 -10.54 -33.80
N LEU B 64 2.08 -11.83 -33.47
CA LEU B 64 2.21 -12.88 -34.47
C LEU B 64 0.97 -13.79 -34.41
N PRO B 65 -0.09 -13.44 -35.16
CA PRO B 65 -1.31 -14.21 -34.85
C PRO B 65 -1.53 -15.51 -35.64
N TRP B 66 -0.48 -16.26 -35.93
CA TRP B 66 -0.57 -17.66 -36.33
C TRP B 66 -0.17 -18.49 -35.13
N GLN B 67 0.18 -17.80 -34.06
CA GLN B 67 0.76 -18.40 -32.86
C GLN B 67 -0.07 -18.11 -31.62
N LYS B 68 0.19 -18.88 -30.58
CA LYS B 68 -0.44 -18.65 -29.30
C LYS B 68 0.58 -18.25 -28.25
N GLN B 69 0.15 -17.54 -27.22
CA GLN B 69 1.03 -17.19 -26.12
C GLN B 69 1.32 -18.42 -25.25
N ARG B 70 2.15 -18.24 -24.24
CA ARG B 70 2.59 -19.36 -23.40
C ARG B 70 1.50 -19.86 -22.45
N GLN B 71 1.27 -21.17 -22.44
CA GLN B 71 0.24 -21.79 -21.60
C GLN B 71 0.58 -21.76 -20.10
N PHE B 72 -0.31 -21.20 -19.31
CA PHE B 72 -0.15 -21.19 -17.86
C PHE B 72 -1.43 -21.54 -17.10
N THR B 73 -1.30 -21.84 -15.82
CA THR B 73 -2.46 -22.15 -14.99
C THR B 73 -2.63 -21.13 -13.88
N SER B 74 -3.87 -20.72 -13.65
CA SER B 74 -4.19 -19.72 -12.62
C SER B 74 -5.36 -20.20 -11.78
N THR B 75 -5.60 -19.55 -10.64
CA THR B 75 -6.70 -19.94 -9.76
C THR B 75 -7.65 -18.78 -9.50
N GLY B 76 -8.86 -19.11 -9.03
CA GLY B 76 -9.88 -18.11 -8.78
C GLY B 76 -11.00 -18.65 -7.90
N SER B 77 -12.12 -17.95 -7.85
CA SER B 77 -13.26 -18.42 -7.06
C SER B 77 -14.58 -18.46 -7.79
N ALA B 78 -15.42 -19.41 -7.41
CA ALA B 78 -16.77 -19.51 -7.94
C ALA B 78 -17.71 -20.01 -6.84
N PHE B 79 -19.01 -19.92 -7.07
CA PHE B 79 -19.97 -20.41 -6.07
C PHE B 79 -21.26 -20.90 -6.71
N MET B 80 -21.97 -21.75 -5.98
CA MET B 80 -23.21 -22.33 -6.46
C MET B 80 -24.35 -21.34 -6.33
N ILE B 81 -24.95 -20.99 -7.47
CA ILE B 81 -26.09 -20.08 -7.51
C ILE B 81 -27.42 -20.79 -7.64
N GLY B 82 -27.39 -22.12 -7.67
CA GLY B 82 -28.60 -22.89 -7.87
C GLY B 82 -28.66 -23.53 -9.23
N ASP B 83 -29.68 -24.38 -9.44
CA ASP B 83 -29.71 -25.28 -10.57
C ASP B 83 -28.44 -26.10 -10.58
N GLY B 84 -27.88 -26.32 -11.76
CA GLY B 84 -26.60 -26.98 -11.86
C GLY B 84 -25.45 -26.02 -12.13
N LYS B 85 -25.62 -24.76 -11.79
CA LYS B 85 -24.71 -23.73 -12.27
C LYS B 85 -23.73 -23.16 -11.23
N LEU B 86 -22.54 -22.80 -11.69
CA LEU B 86 -21.55 -22.10 -10.88
C LEU B 86 -21.28 -20.70 -11.43
N LEU B 87 -21.20 -19.72 -10.54
CA LEU B 87 -20.96 -18.35 -10.95
C LEU B 87 -19.49 -18.01 -10.77
N THR B 88 -18.92 -17.25 -11.69
CA THR B 88 -17.55 -16.79 -11.52
C THR B 88 -17.25 -15.53 -12.34
N ASN B 89 -16.02 -15.05 -12.27
CA ASN B 89 -15.59 -13.98 -13.14
C ASN B 89 -15.21 -14.55 -14.49
N ALA B 90 -15.40 -13.78 -15.54
CA ALA B 90 -15.06 -14.29 -16.86
C ALA B 90 -13.54 -14.40 -17.00
N HIS B 91 -12.82 -13.47 -16.37
CA HIS B 91 -11.36 -13.46 -16.47
C HIS B 91 -10.73 -14.71 -15.82
N CYS B 92 -11.46 -15.33 -14.90
CA CYS B 92 -10.98 -16.59 -14.33
C CYS B 92 -10.88 -17.70 -15.38
N VAL B 93 -11.93 -17.84 -16.19
CA VAL B 93 -12.00 -18.88 -17.22
C VAL B 93 -11.62 -18.38 -18.60
N GLU B 94 -11.17 -17.14 -18.68
CA GLU B 94 -10.80 -16.55 -19.96
C GLU B 94 -9.83 -17.44 -20.77
N HIS B 95 -10.10 -17.56 -22.08
CA HIS B 95 -9.32 -18.41 -22.99
C HIS B 95 -9.11 -19.82 -22.44
N ASP B 96 -10.19 -20.42 -21.93
CA ASP B 96 -10.04 -21.67 -21.20
C ASP B 96 -9.64 -22.84 -22.08
N THR B 97 -8.50 -23.43 -21.76
CA THR B 97 -8.10 -24.70 -22.37
C THR B 97 -8.83 -25.82 -21.65
N GLN B 98 -8.81 -25.75 -20.32
CA GLN B 98 -9.60 -26.62 -19.47
C GLN B 98 -9.90 -25.91 -18.15
N VAL B 99 -10.99 -26.30 -17.52
CA VAL B 99 -11.43 -25.65 -16.31
C VAL B 99 -11.85 -26.70 -15.28
N LYS B 100 -11.27 -26.60 -14.10
CA LYS B 100 -11.48 -27.59 -13.07
C LYS B 100 -11.89 -26.91 -11.78
N VAL B 101 -12.77 -27.55 -11.02
CA VAL B 101 -13.24 -26.94 -9.79
C VAL B 101 -13.14 -27.91 -8.61
N LYS B 102 -12.90 -27.36 -7.43
CA LYS B 102 -12.67 -28.19 -6.26
C LYS B 102 -13.60 -27.75 -5.13
N ARG B 103 -14.36 -28.69 -4.59
CA ARG B 103 -15.25 -28.41 -3.48
C ARG B 103 -14.41 -28.16 -2.22
N ARG B 104 -14.97 -27.42 -1.25
CA ARG B 104 -14.29 -27.22 0.01
C ARG B 104 -14.32 -28.50 0.82
N GLY B 105 -13.16 -28.99 1.22
CA GLY B 105 -13.08 -30.21 2.01
C GLY B 105 -13.27 -31.48 1.20
N ASP B 106 -12.91 -31.41 -0.08
CA ASP B 106 -12.96 -32.55 -0.99
C ASP B 106 -11.64 -32.57 -1.77
N ASP B 107 -10.87 -33.65 -1.63
CA ASP B 107 -9.56 -33.72 -2.26
C ASP B 107 -9.61 -33.70 -3.80
N ARG B 108 -10.51 -34.50 -4.35
CA ARG B 108 -10.66 -34.63 -5.81
C ARG B 108 -11.04 -33.31 -6.50
N LYS B 109 -10.43 -33.04 -7.65
CA LYS B 109 -10.85 -31.95 -8.53
C LYS B 109 -11.92 -32.44 -9.50
N TYR B 110 -12.88 -31.59 -9.83
CA TYR B 110 -13.85 -31.95 -10.86
C TYR B 110 -13.65 -31.07 -12.10
N VAL B 111 -14.40 -31.36 -13.16
CA VAL B 111 -14.13 -30.71 -14.43
C VAL B 111 -15.36 -29.94 -14.91
N ALA B 112 -15.16 -28.68 -15.26
CA ALA B 112 -16.28 -27.77 -15.50
C ALA B 112 -16.28 -27.20 -16.90
N LYS B 113 -17.47 -26.92 -17.40
CA LYS B 113 -17.64 -26.32 -18.72
C LYS B 113 -18.14 -24.89 -18.62
N VAL B 114 -17.68 -24.03 -19.52
CA VAL B 114 -18.12 -22.64 -19.51
C VAL B 114 -19.33 -22.45 -20.40
N LEU B 115 -20.49 -22.26 -19.76
CA LEU B 115 -21.76 -22.11 -20.46
C LEU B 115 -21.82 -20.81 -21.25
N VAL B 116 -21.61 -19.69 -20.56
CA VAL B 116 -21.71 -18.39 -21.21
C VAL B 116 -20.86 -17.38 -20.46
N ARG B 117 -20.27 -16.43 -21.18
CA ARG B 117 -19.46 -15.44 -20.51
C ARG B 117 -19.65 -14.01 -21.03
N GLY B 118 -20.17 -13.13 -20.18
CA GLY B 118 -20.12 -11.70 -20.43
C GLY B 118 -18.74 -11.12 -20.17
N VAL B 119 -18.15 -10.49 -21.19
CA VAL B 119 -16.81 -9.93 -21.00
C VAL B 119 -16.77 -8.58 -20.30
N ASP B 120 -17.70 -7.69 -20.64
CA ASP B 120 -17.70 -6.33 -20.09
C ASP B 120 -18.30 -6.21 -18.67
N CYS B 121 -19.09 -7.19 -18.26
CA CYS B 121 -19.56 -7.27 -16.88
C CYS B 121 -18.72 -8.26 -16.06
N ASP B 122 -17.77 -8.91 -16.73
CA ASP B 122 -16.88 -9.90 -16.13
C ASP B 122 -17.55 -11.02 -15.32
N ILE B 123 -18.49 -11.71 -15.96
CA ILE B 123 -19.19 -12.80 -15.31
C ILE B 123 -19.13 -14.03 -16.20
N ALA B 124 -19.06 -15.21 -15.58
CA ALA B 124 -19.14 -16.44 -16.34
C ALA B 124 -19.91 -17.47 -15.55
N LEU B 125 -20.67 -18.29 -16.26
CA LEU B 125 -21.41 -19.37 -15.65
C LEU B 125 -20.69 -20.64 -16.01
N LEU B 126 -20.69 -21.60 -15.10
CA LEU B 126 -20.09 -22.90 -15.38
C LEU B 126 -21.06 -24.03 -15.03
N SER B 127 -20.98 -25.12 -15.78
CA SER B 127 -21.74 -26.33 -15.46
C SER B 127 -20.74 -27.38 -15.00
N VAL B 128 -21.20 -28.32 -14.18
CA VAL B 128 -20.31 -29.37 -13.71
C VAL B 128 -20.88 -30.78 -13.80
N GLU B 129 -20.00 -31.73 -14.11
CA GLU B 129 -20.35 -33.13 -14.23
C GLU B 129 -19.44 -34.04 -13.39
N SER B 130 -20.01 -34.73 -12.40
CA SER B 130 -21.44 -34.67 -12.13
C SER B 130 -21.79 -35.52 -10.91
N GLU B 131 -23.00 -35.30 -10.40
CA GLU B 131 -23.70 -36.30 -9.58
C GLU B 131 -23.01 -36.65 -8.28
N ASP B 132 -21.76 -36.22 -8.12
CA ASP B 132 -20.99 -36.46 -6.91
C ASP B 132 -20.68 -35.09 -6.34
N PHE B 133 -19.99 -34.29 -7.16
CA PHE B 133 -19.78 -32.88 -6.87
C PHE B 133 -21.08 -32.27 -6.33
N TRP B 134 -22.13 -32.31 -7.15
CA TRP B 134 -23.41 -31.72 -6.79
C TRP B 134 -24.14 -32.39 -5.61
N LYS B 135 -23.61 -33.51 -5.14
CA LYS B 135 -24.23 -34.21 -4.01
C LYS B 135 -24.24 -33.36 -2.73
N GLY B 136 -25.43 -33.21 -2.14
CA GLY B 136 -25.58 -32.53 -0.87
C GLY B 136 -25.19 -31.06 -0.92
N ALA B 137 -25.22 -30.49 -2.12
CA ALA B 137 -24.87 -29.08 -2.30
C ALA B 137 -26.03 -28.18 -1.91
N GLU B 138 -25.72 -27.14 -1.14
CA GLU B 138 -26.72 -26.17 -0.69
C GLU B 138 -26.35 -24.78 -1.19
N PRO B 139 -26.81 -24.44 -2.41
CA PRO B 139 -26.47 -23.23 -3.17
C PRO B 139 -26.90 -21.92 -2.52
N LEU B 140 -26.36 -20.82 -3.04
CA LEU B 140 -26.60 -19.49 -2.49
C LEU B 140 -27.76 -18.78 -3.18
N ARG B 141 -28.48 -17.96 -2.42
CA ARG B 141 -29.55 -17.15 -2.99
C ARG B 141 -29.10 -15.69 -3.12
N LEU B 142 -29.61 -15.01 -4.13
CA LEU B 142 -29.18 -13.64 -4.41
C LEU B 142 -29.95 -12.59 -3.63
N GLY B 143 -29.23 -11.78 -2.86
CA GLY B 143 -29.83 -10.70 -2.10
C GLY B 143 -30.13 -9.47 -2.94
N HIS B 144 -30.88 -8.53 -2.37
CA HIS B 144 -31.12 -7.27 -3.05
C HIS B 144 -29.92 -6.34 -2.84
N LEU B 145 -29.94 -5.17 -3.47
CA LEU B 145 -28.82 -4.25 -3.40
C LEU B 145 -28.69 -3.57 -2.02
N PRO B 146 -27.50 -3.65 -1.41
CA PRO B 146 -27.18 -3.15 -0.07
C PRO B 146 -27.26 -1.64 0.05
N ARG B 147 -27.21 -1.14 1.29
CA ARG B 147 -27.10 0.28 1.54
C ARG B 147 -25.72 0.58 2.07
N LEU B 148 -25.25 1.81 1.87
CA LEU B 148 -23.96 2.21 2.40
C LEU B 148 -23.85 1.88 3.88
N GLN B 149 -22.73 1.28 4.24
CA GLN B 149 -22.42 0.91 5.62
C GLN B 149 -22.94 -0.46 5.99
N ASP B 150 -23.72 -1.07 5.12
CA ASP B 150 -24.11 -2.46 5.31
C ASP B 150 -22.86 -3.34 5.45
N SER B 151 -22.91 -4.26 6.40
CA SER B 151 -21.79 -5.16 6.62
C SER B 151 -21.66 -6.10 5.42
N VAL B 152 -20.44 -6.33 4.94
CA VAL B 152 -20.21 -7.29 3.87
C VAL B 152 -19.06 -8.25 4.22
N THR B 153 -19.17 -9.50 3.80
CA THR B 153 -18.01 -10.38 3.84
C THR B 153 -17.82 -11.01 2.47
N VAL B 154 -16.56 -11.07 2.04
CA VAL B 154 -16.18 -11.67 0.79
C VAL B 154 -15.53 -13.02 1.10
N VAL B 155 -15.96 -14.07 0.40
CA VAL B 155 -15.42 -15.41 0.58
C VAL B 155 -14.77 -15.97 -0.68
N GLY B 156 -13.57 -16.51 -0.55
CA GLY B 156 -12.86 -17.01 -1.71
C GLY B 156 -11.60 -17.81 -1.38
N TYR B 157 -10.86 -18.19 -2.41
CA TYR B 157 -9.66 -18.96 -2.22
C TYR B 157 -8.42 -18.18 -2.61
N PRO B 158 -7.63 -17.75 -1.62
CA PRO B 158 -6.42 -16.95 -1.90
C PRO B 158 -5.49 -17.71 -2.84
N LEU B 159 -4.61 -16.99 -3.53
CA LEU B 159 -3.56 -17.64 -4.30
C LEU B 159 -2.66 -18.41 -3.35
N GLY B 160 -2.45 -19.69 -3.62
CA GLY B 160 -1.65 -20.54 -2.74
C GLY B 160 -2.48 -21.10 -1.60
N GLY B 161 -2.07 -22.26 -1.09
CA GLY B 161 -2.77 -22.88 0.02
C GLY B 161 -4.07 -23.56 -0.36
N ASP B 162 -4.52 -24.47 0.49
CA ASP B 162 -5.72 -25.28 0.23
C ASP B 162 -6.97 -24.72 0.92
N THR B 163 -6.84 -23.61 1.62
CA THR B 163 -7.85 -23.18 2.57
C THR B 163 -8.65 -21.95 2.12
N ILE B 164 -9.91 -21.89 2.52
CA ILE B 164 -10.76 -20.75 2.17
C ILE B 164 -10.51 -19.56 3.09
N SER B 165 -10.68 -18.34 2.58
CA SER B 165 -10.47 -17.15 3.39
C SER B 165 -11.66 -16.18 3.33
N VAL B 166 -11.69 -15.24 4.27
CA VAL B 166 -12.84 -14.37 4.49
C VAL B 166 -12.39 -12.94 4.84
N THR B 167 -13.07 -11.94 4.30
CA THR B 167 -12.83 -10.57 4.75
C THR B 167 -14.14 -9.85 4.98
N LYS B 168 -14.16 -9.02 6.01
CA LYS B 168 -15.37 -8.31 6.41
C LYS B 168 -15.06 -6.80 6.42
N GLY B 169 -16.08 -6.00 6.12
CA GLY B 169 -15.96 -4.57 5.94
C GLY B 169 -17.36 -4.03 5.80
N VAL B 170 -17.50 -2.82 5.26
CA VAL B 170 -18.84 -2.35 4.92
C VAL B 170 -18.96 -2.03 3.43
N VAL B 171 -20.18 -1.74 2.98
CA VAL B 171 -20.30 -1.24 1.63
C VAL B 171 -19.91 0.20 1.80
N SER B 172 -18.80 0.59 1.18
CA SER B 172 -18.34 1.97 1.27
C SER B 172 -18.97 2.87 0.22
N ARG B 173 -19.14 2.35 -1.00
CA ARG B 173 -19.56 3.16 -2.13
C ARG B 173 -20.44 2.39 -3.11
N ILE B 174 -21.53 3.02 -3.54
CA ILE B 174 -22.32 2.51 -4.66
C ILE B 174 -22.24 3.50 -5.81
N GLU B 175 -21.52 3.12 -6.86
CA GLU B 175 -21.17 4.04 -7.93
C GLU B 175 -21.20 3.30 -9.26
N VAL B 176 -21.32 4.03 -10.36
CA VAL B 176 -21.10 3.46 -11.67
C VAL B 176 -19.60 3.46 -11.97
N THR B 177 -19.06 2.32 -12.41
CA THR B 177 -17.64 2.21 -12.75
C THR B 177 -17.47 1.39 -14.03
N SER B 178 -16.21 1.08 -14.38
CA SER B 178 -15.95 0.21 -15.54
C SER B 178 -15.48 -1.17 -15.08
N TYR B 179 -16.05 -2.22 -15.66
CA TYR B 179 -15.67 -3.60 -15.30
C TYR B 179 -14.59 -4.22 -16.18
N ALA B 180 -14.30 -3.58 -17.31
CA ALA B 180 -13.31 -4.08 -18.27
C ALA B 180 -12.70 -2.87 -18.94
N HIS B 181 -11.40 -2.93 -19.21
CA HIS B 181 -10.68 -1.71 -19.55
C HIS B 181 -11.34 -1.03 -20.74
N GLY B 182 -11.77 0.22 -20.53
CA GLY B 182 -12.38 1.03 -21.56
C GLY B 182 -13.65 0.47 -22.17
N SER B 183 -14.17 -0.61 -21.60
CA SER B 183 -15.28 -1.34 -22.22
C SER B 183 -16.63 -0.69 -22.00
N SER B 184 -17.11 -0.75 -20.75
CA SER B 184 -18.44 -0.24 -20.44
C SER B 184 -18.46 0.30 -19.02
N ASP B 185 -19.59 0.88 -18.63
CA ASP B 185 -19.77 1.40 -17.27
C ASP B 185 -21.05 0.86 -16.66
N LEU B 186 -20.91 0.08 -15.60
CA LEU B 186 -22.03 -0.54 -14.93
C LEU B 186 -22.01 -0.24 -13.43
N LEU B 187 -23.15 -0.42 -12.78
CA LEU B 187 -23.23 -0.15 -11.37
C LEU B 187 -22.21 -1.07 -10.69
N GLY B 188 -21.67 -0.63 -9.55
CA GLY B 188 -20.73 -1.42 -8.78
C GLY B 188 -20.76 -1.06 -7.31
N ILE B 189 -20.38 -2.01 -6.46
CA ILE B 189 -20.33 -1.78 -5.02
C ILE B 189 -18.87 -1.76 -4.58
N GLN B 190 -18.49 -0.71 -3.86
CA GLN B 190 -17.17 -0.62 -3.24
C GLN B 190 -17.26 -1.11 -1.80
N ILE B 191 -16.28 -1.90 -1.37
CA ILE B 191 -16.22 -2.31 0.02
C ILE B 191 -14.94 -1.88 0.70
N ASP B 192 -15.00 -1.87 2.02
CA ASP B 192 -14.06 -1.26 2.94
C ASP B 192 -12.89 -2.22 3.19
N ALA B 193 -12.86 -3.33 2.49
CA ALA B 193 -11.85 -4.37 2.72
C ALA B 193 -11.16 -4.80 1.43
N ALA B 194 -9.87 -5.08 1.51
CA ALA B 194 -9.12 -5.48 0.32
C ALA B 194 -9.41 -6.93 -0.04
N ILE B 195 -9.26 -7.27 -1.32
CA ILE B 195 -9.58 -8.59 -1.84
C ILE B 195 -8.39 -9.24 -2.55
N ASN B 196 -8.08 -10.48 -2.21
CA ASN B 196 -7.02 -11.25 -2.85
C ASN B 196 -7.43 -11.68 -4.25
N PRO B 197 -6.51 -11.55 -5.23
CA PRO B 197 -6.83 -11.89 -6.62
C PRO B 197 -7.51 -13.24 -6.73
N GLY B 198 -6.96 -14.24 -6.04
CA GLY B 198 -7.56 -15.56 -6.03
C GLY B 198 -8.99 -15.55 -5.50
N ASN B 199 -9.36 -14.47 -4.80
CA ASN B 199 -10.68 -14.40 -4.16
C ASN B 199 -11.86 -14.00 -5.03
N SER B 200 -11.62 -13.32 -6.14
CA SER B 200 -12.66 -13.14 -7.15
C SER B 200 -12.60 -14.43 -7.90
N GLY B 201 -13.71 -14.99 -8.37
CA GLY B 201 -15.06 -14.48 -8.35
C GLY B 201 -16.01 -15.09 -7.32
N GLY B 202 -15.52 -15.43 -6.13
CA GLY B 202 -16.40 -15.89 -5.07
C GLY B 202 -17.44 -14.87 -4.63
N PRO B 203 -18.34 -15.27 -3.72
CA PRO B 203 -19.49 -14.47 -3.27
C PRO B 203 -19.15 -13.35 -2.27
N ALA B 204 -19.92 -12.26 -2.35
CA ALA B 204 -19.93 -11.23 -1.30
C ALA B 204 -21.27 -11.29 -0.54
N PHE B 205 -21.21 -11.45 0.79
CA PHE B 205 -22.40 -11.76 1.61
C PHE B 205 -22.95 -10.62 2.46
N ASN B 206 -24.26 -10.64 2.67
CA ASN B 206 -24.95 -9.87 3.71
C ASN B 206 -24.55 -10.42 5.04
N ASP B 207 -25.13 -9.87 6.10
CA ASP B 207 -25.09 -10.53 7.39
C ASP B 207 -26.26 -11.51 7.50
N GLN B 208 -27.14 -11.51 6.49
CA GLN B 208 -28.21 -12.49 6.45
C GLN B 208 -27.86 -13.71 5.61
N GLY B 209 -26.64 -13.75 5.07
CA GLY B 209 -26.21 -14.91 4.32
C GLY B 209 -26.58 -14.92 2.85
N GLU B 210 -27.24 -13.86 2.40
CA GLU B 210 -27.54 -13.73 0.98
C GLU B 210 -26.31 -13.19 0.28
N CYS B 211 -26.11 -13.60 -0.97
CA CYS B 211 -25.01 -13.09 -1.76
C CYS B 211 -25.42 -11.78 -2.42
N ILE B 212 -24.66 -10.72 -2.16
CA ILE B 212 -24.98 -9.41 -2.70
C ILE B 212 -24.22 -9.02 -3.95
N GLY B 213 -23.43 -9.95 -4.48
CA GLY B 213 -22.68 -9.71 -5.71
C GLY B 213 -21.49 -10.64 -5.84
N VAL B 214 -20.62 -10.36 -6.78
CA VAL B 214 -19.44 -11.20 -7.03
C VAL B 214 -18.19 -10.37 -6.81
N ALA B 215 -17.19 -10.93 -6.14
CA ALA B 215 -15.94 -10.19 -5.89
C ALA B 215 -15.19 -10.05 -7.19
N PHE B 216 -14.46 -8.94 -7.33
CA PHE B 216 -13.69 -8.66 -8.53
C PHE B 216 -12.31 -8.09 -8.20
N GLN B 217 -11.26 -8.80 -8.61
CA GLN B 217 -9.89 -8.33 -8.45
C GLN B 217 -9.02 -8.76 -9.63
N VAL B 218 -8.30 -7.79 -10.20
CA VAL B 218 -7.49 -8.01 -11.40
C VAL B 218 -6.37 -9.06 -11.29
N TYR B 219 -5.36 -8.78 -10.48
CA TYR B 219 -4.15 -9.61 -10.40
C TYR B 219 -3.15 -9.26 -11.51
N THR B 224 -2.08 -0.38 -3.86
CA THR B 224 -2.18 0.65 -2.83
C THR B 224 -3.62 1.10 -2.62
N GLU B 225 -4.46 0.17 -2.16
CA GLU B 225 -5.89 0.46 -2.04
C GLU B 225 -6.50 0.23 -0.64
N ASN B 226 -6.69 -1.03 -0.27
CA ASN B 226 -7.61 -1.41 0.79
C ASN B 226 -9.06 -1.05 0.43
N ILE B 227 -9.37 -1.20 -0.86
CA ILE B 227 -10.74 -1.11 -1.31
C ILE B 227 -11.03 -2.23 -2.30
N GLY B 228 -11.98 -3.10 -1.93
CA GLY B 228 -12.37 -4.19 -2.79
C GLY B 228 -13.57 -3.84 -3.64
N TYR B 229 -13.69 -4.51 -4.78
CA TYR B 229 -14.81 -4.26 -5.70
C TYR B 229 -15.75 -5.44 -5.82
N VAL B 230 -17.03 -5.13 -6.02
CA VAL B 230 -18.04 -6.18 -6.14
C VAL B 230 -19.02 -5.90 -7.26
N ILE B 231 -19.14 -6.83 -8.19
CA ILE B 231 -20.21 -6.79 -9.16
C ILE B 231 -21.54 -7.09 -8.44
N PRO B 232 -22.45 -6.10 -8.41
CA PRO B 232 -23.71 -6.28 -7.65
C PRO B 232 -24.69 -7.27 -8.27
N THR B 233 -25.62 -7.72 -7.44
CA THR B 233 -26.69 -8.62 -7.85
C THR B 233 -27.43 -8.15 -9.10
N THR B 234 -27.73 -6.86 -9.18
CA THR B 234 -28.51 -6.33 -10.30
C THR B 234 -27.82 -6.54 -11.64
N VAL B 235 -26.49 -6.36 -11.68
CA VAL B 235 -25.75 -6.57 -12.92
C VAL B 235 -25.73 -8.05 -13.20
N VAL B 236 -25.71 -8.83 -12.12
CA VAL B 236 -25.75 -10.28 -12.25
C VAL B 236 -27.09 -10.78 -12.77
N SER B 237 -28.18 -10.23 -12.24
CA SER B 237 -29.53 -10.61 -12.69
C SER B 237 -29.63 -10.36 -14.17
N HIS B 238 -29.22 -9.16 -14.57
CA HIS B 238 -29.25 -8.76 -15.97
C HIS B 238 -28.57 -9.80 -16.83
N PHE B 239 -27.44 -10.29 -16.35
CA PHE B 239 -26.71 -11.30 -17.09
C PHE B 239 -27.49 -12.61 -17.17
N LEU B 240 -28.04 -13.04 -16.05
CA LEU B 240 -28.76 -14.31 -16.04
C LEU B 240 -30.01 -14.27 -16.92
N THR B 241 -30.81 -13.22 -16.80
CA THR B 241 -32.03 -13.17 -17.62
C THR B 241 -31.67 -12.97 -19.09
N ASP B 242 -30.60 -12.24 -19.34
CA ASP B 242 -30.09 -12.12 -20.70
C ASP B 242 -29.93 -13.53 -21.25
N TYR B 243 -29.29 -14.38 -20.46
CA TYR B 243 -28.97 -15.74 -20.86
C TYR B 243 -30.20 -16.64 -21.00
N GLU B 244 -31.14 -16.52 -20.06
CA GLU B 244 -32.37 -17.30 -20.13
C GLU B 244 -33.16 -16.96 -21.38
N ARG B 245 -33.45 -15.68 -21.56
CA ARG B 245 -34.16 -15.19 -22.74
C ARG B 245 -33.50 -15.61 -24.06
N ASN B 246 -32.28 -15.14 -24.31
CA ASN B 246 -31.61 -15.34 -25.59
C ASN B 246 -30.70 -16.56 -25.69
N GLY B 247 -30.45 -17.24 -24.58
CA GLY B 247 -29.53 -18.37 -24.60
C GLY B 247 -28.14 -18.02 -25.07
N LYS B 248 -27.74 -16.77 -24.86
CA LYS B 248 -26.40 -16.28 -25.18
C LYS B 248 -26.27 -14.84 -24.69
N TYR B 249 -25.04 -14.34 -24.61
CA TYR B 249 -24.81 -13.03 -24.00
C TYR B 249 -25.00 -11.90 -25.02
N THR B 250 -26.00 -11.04 -24.78
CA THR B 250 -26.27 -9.91 -25.67
C THR B 250 -25.72 -8.58 -25.15
N GLY B 251 -25.18 -8.60 -23.95
CA GLY B 251 -24.53 -7.42 -23.40
C GLY B 251 -25.41 -6.32 -22.84
N TYR B 252 -24.77 -5.20 -22.53
CA TYR B 252 -25.43 -4.04 -21.93
C TYR B 252 -25.42 -2.86 -22.91
N PRO B 253 -26.61 -2.33 -23.22
CA PRO B 253 -26.68 -1.31 -24.27
C PRO B 253 -26.12 0.05 -23.87
N CYS B 254 -25.80 0.87 -24.86
CA CYS B 254 -25.44 2.26 -24.61
C CYS B 254 -26.35 3.16 -25.44
N LEU B 255 -26.44 4.43 -25.04
CA LEU B 255 -27.31 5.38 -25.72
C LEU B 255 -26.65 5.90 -26.98
N GLY B 256 -25.34 5.66 -27.12
CA GLY B 256 -24.59 6.05 -28.30
C GLY B 256 -24.32 7.53 -28.46
N VAL B 257 -24.10 8.23 -27.36
CA VAL B 257 -24.08 9.69 -27.37
C VAL B 257 -22.97 10.28 -26.49
N LEU B 258 -22.44 11.45 -26.89
CA LEU B 258 -21.36 12.11 -26.15
C LEU B 258 -21.87 13.39 -25.48
N LEU B 259 -21.95 13.38 -24.15
CA LEU B 259 -22.64 14.42 -23.36
C LEU B 259 -21.77 15.49 -22.70
N GLN B 260 -22.29 16.70 -22.63
CA GLN B 260 -21.63 17.76 -21.90
C GLN B 260 -22.52 18.20 -20.73
N LYS B 261 -21.93 18.35 -19.55
CA LYS B 261 -22.66 18.87 -18.39
C LYS B 261 -23.01 20.35 -18.61
N LEU B 262 -24.19 20.79 -18.16
CA LEU B 262 -24.46 22.23 -18.21
C LEU B 262 -24.54 22.77 -16.80
N GLU B 263 -23.40 23.24 -16.30
CA GLU B 263 -23.30 23.97 -15.06
C GLU B 263 -23.45 25.47 -15.29
N ASN B 264 -22.83 25.96 -16.35
CA ASN B 264 -22.76 27.39 -16.61
C ASN B 264 -24.08 28.03 -16.98
N PRO B 265 -24.41 29.15 -16.31
CA PRO B 265 -25.68 29.85 -16.49
C PRO B 265 -25.96 30.20 -17.94
N ALA B 266 -24.96 30.77 -18.60
CA ALA B 266 -25.13 31.31 -19.96
C ALA B 266 -25.40 30.20 -20.97
N LEU B 267 -24.65 29.11 -20.86
CA LEU B 267 -24.97 27.92 -21.63
C LEU B 267 -26.46 27.65 -21.52
N ARG B 268 -26.92 27.36 -20.31
CA ARG B 268 -28.31 26.99 -20.09
C ARG B 268 -29.28 28.03 -20.65
N GLU B 269 -28.98 29.31 -20.43
CA GLU B 269 -29.82 30.38 -20.96
C GLU B 269 -29.83 30.36 -22.49
N CYS B 270 -28.65 30.23 -23.07
CA CYS B 270 -28.50 30.19 -24.52
C CYS B 270 -29.31 29.03 -25.11
N LEU B 271 -29.25 27.89 -24.45
CA LEU B 271 -29.92 26.69 -24.94
C LEU B 271 -31.41 26.65 -24.60
N LYS B 272 -31.87 27.62 -23.81
CA LYS B 272 -33.27 27.69 -23.41
C LYS B 272 -33.68 26.49 -22.57
N VAL B 273 -32.81 26.13 -21.63
CA VAL B 273 -33.08 25.08 -20.67
C VAL B 273 -33.58 25.69 -19.35
N PRO B 274 -34.80 25.36 -18.95
CA PRO B 274 -35.35 25.86 -17.68
C PRO B 274 -34.86 25.14 -16.42
N THR B 275 -34.81 25.89 -15.32
CA THR B 275 -34.28 25.43 -14.03
C THR B 275 -32.88 24.83 -14.15
N ASN B 276 -32.62 23.81 -13.35
CA ASN B 276 -31.37 23.09 -13.48
C ASN B 276 -31.62 21.64 -13.90
N GLU B 277 -31.44 21.38 -15.19
CA GLU B 277 -31.68 20.06 -15.75
C GLU B 277 -30.98 19.91 -17.09
N GLY B 278 -30.72 18.68 -17.48
CA GLY B 278 -30.26 18.42 -18.82
C GLY B 278 -28.77 18.38 -19.06
N VAL B 279 -28.41 17.53 -20.01
CA VAL B 279 -27.05 17.43 -20.48
C VAL B 279 -27.09 17.68 -22.00
N LEU B 280 -26.09 18.38 -22.52
CA LEU B 280 -26.02 18.72 -23.94
C LEU B 280 -25.41 17.60 -24.80
N VAL B 281 -26.04 17.30 -25.94
CA VAL B 281 -25.52 16.27 -26.80
C VAL B 281 -24.47 16.87 -27.71
N ARG B 282 -23.23 16.44 -27.50
CA ARG B 282 -22.07 16.89 -28.27
C ARG B 282 -21.79 16.09 -29.54
N ARG B 283 -21.99 14.79 -29.46
CA ARG B 283 -21.70 13.90 -30.58
C ARG B 283 -22.57 12.64 -30.48
N VAL B 284 -22.84 12.03 -31.62
CA VAL B 284 -23.59 10.78 -31.68
C VAL B 284 -22.80 9.73 -32.45
N GLU B 285 -22.93 8.48 -32.07
CA GLU B 285 -22.32 7.38 -32.81
C GLU B 285 -23.15 7.01 -34.05
N PRO B 286 -22.51 7.05 -35.22
CA PRO B 286 -23.15 6.74 -36.51
C PRO B 286 -23.76 5.34 -36.58
N THR B 287 -23.27 4.38 -35.80
CA THR B 287 -23.83 3.04 -35.88
C THR B 287 -24.98 2.82 -34.91
N SER B 288 -25.30 3.83 -34.12
CA SER B 288 -26.38 3.72 -33.14
C SER B 288 -27.66 4.36 -33.65
N ASP B 289 -28.81 3.84 -33.23
CA ASP B 289 -30.10 4.36 -33.65
C ASP B 289 -30.26 5.84 -33.32
N ALA B 290 -29.51 6.32 -32.34
CA ALA B 290 -29.49 7.75 -32.11
C ALA B 290 -28.82 8.26 -33.36
N SER B 291 -28.63 9.56 -33.48
CA SER B 291 -28.05 10.09 -34.72
C SER B 291 -28.99 9.95 -35.92
N LYS B 292 -29.95 9.04 -35.83
CA LYS B 292 -31.11 9.10 -36.71
C LYS B 292 -32.20 9.86 -35.97
N VAL B 293 -31.97 10.10 -34.69
CA VAL B 293 -32.99 10.58 -33.76
C VAL B 293 -32.52 11.86 -33.04
N LEU B 294 -31.39 11.77 -32.35
CA LEU B 294 -30.72 12.94 -31.74
C LEU B 294 -29.80 13.74 -32.67
N LYS B 295 -29.56 15.01 -32.35
CA LYS B 295 -28.60 15.85 -33.07
C LYS B 295 -27.73 16.65 -32.09
N GLU B 296 -26.55 17.05 -32.53
CA GLU B 296 -25.72 17.94 -31.71
C GLU B 296 -26.56 19.16 -31.35
N GLY B 297 -26.58 19.52 -30.09
CA GLY B 297 -27.35 20.69 -29.67
C GLY B 297 -28.63 20.31 -28.97
N ASP B 298 -28.97 19.03 -29.01
CA ASP B 298 -30.09 18.51 -28.23
C ASP B 298 -29.71 18.45 -26.75
N VAL B 299 -30.66 18.81 -25.89
CA VAL B 299 -30.44 18.69 -24.47
C VAL B 299 -31.33 17.59 -23.96
N ILE B 300 -30.77 16.43 -23.61
CA ILE B 300 -31.67 15.43 -23.06
C ILE B 300 -32.08 15.87 -21.66
N VAL B 301 -33.38 15.73 -21.41
CA VAL B 301 -34.05 16.30 -20.25
C VAL B 301 -34.66 15.19 -19.37
N SER B 302 -35.45 14.31 -19.97
CA SER B 302 -35.93 13.14 -19.26
C SER B 302 -35.48 11.86 -19.94
N PHE B 303 -35.50 10.76 -19.19
CA PHE B 303 -35.26 9.45 -19.76
C PHE B 303 -36.25 8.49 -19.11
N ASP B 304 -37.14 7.88 -19.89
CA ASP B 304 -38.23 7.06 -19.35
C ASP B 304 -38.96 7.81 -18.24
N ASP B 305 -39.16 9.11 -18.46
CA ASP B 305 -39.86 10.01 -17.52
C ASP B 305 -39.19 10.21 -16.15
N LEU B 306 -37.89 9.93 -16.07
CA LEU B 306 -37.08 10.37 -14.95
C LEU B 306 -36.29 11.58 -15.40
N HIS B 307 -36.32 12.66 -14.62
CA HIS B 307 -35.64 13.88 -15.01
C HIS B 307 -34.13 13.80 -14.81
N VAL B 308 -33.39 14.38 -15.76
CA VAL B 308 -31.93 14.36 -15.76
C VAL B 308 -31.40 15.75 -15.42
N GLY B 309 -30.52 15.82 -14.41
CA GLY B 309 -30.01 17.11 -13.93
C GLY B 309 -28.89 17.79 -14.71
N CYS B 310 -28.42 18.92 -14.18
CA CYS B 310 -27.23 19.63 -14.70
C CYS B 310 -26.06 18.67 -14.96
N GLU B 311 -25.60 18.00 -13.92
CA GLU B 311 -24.65 16.92 -14.09
C GLU B 311 -25.46 15.74 -14.63
N GLY B 312 -24.87 14.56 -14.70
CA GLY B 312 -25.57 13.48 -15.35
C GLY B 312 -26.65 12.77 -14.54
N THR B 313 -26.85 13.16 -13.29
CA THR B 313 -27.55 12.26 -12.37
C THR B 313 -29.08 12.20 -12.56
N VAL B 314 -29.71 11.43 -11.69
CA VAL B 314 -31.09 10.98 -11.90
C VAL B 314 -31.58 10.25 -10.65
N PRO B 315 -32.85 10.40 -10.29
CA PRO B 315 -33.42 9.71 -9.13
C PRO B 315 -33.14 8.20 -9.14
N PHE B 316 -32.73 7.68 -8.00
CA PHE B 316 -32.24 6.31 -7.92
C PHE B 316 -33.06 5.53 -6.91
N ARG B 317 -32.80 5.79 -5.63
CA ARG B 317 -33.58 5.22 -4.54
C ARG B 317 -33.76 6.36 -3.54
N SER B 318 -34.60 6.15 -2.52
CA SER B 318 -35.29 7.23 -1.85
C SER B 318 -34.45 8.49 -1.54
N SER B 319 -33.27 8.31 -0.94
CA SER B 319 -32.42 9.45 -0.61
C SER B 319 -31.31 9.70 -1.64
N GLU B 320 -31.27 8.87 -2.68
CA GLU B 320 -30.08 8.78 -3.53
C GLU B 320 -30.29 9.21 -4.98
N ARG B 321 -29.19 9.62 -5.61
CA ARG B 321 -29.18 9.88 -7.06
C ARG B 321 -28.15 8.98 -7.74
N ILE B 322 -28.27 8.83 -9.06
CA ILE B 322 -27.36 7.96 -9.81
C ILE B 322 -27.07 8.50 -11.20
N ALA B 323 -25.84 8.28 -11.66
CA ALA B 323 -25.47 8.70 -13.00
C ALA B 323 -26.46 8.14 -14.02
N PHE B 324 -26.82 9.02 -14.95
CA PHE B 324 -27.76 8.73 -16.02
C PHE B 324 -27.43 7.39 -16.67
N ARG B 325 -26.14 7.11 -16.84
CA ARG B 325 -25.71 5.84 -17.43
C ARG B 325 -26.44 4.62 -16.86
N TYR B 326 -26.66 4.60 -15.55
CA TYR B 326 -27.29 3.46 -14.90
C TYR B 326 -28.60 3.01 -15.56
N LEU B 327 -29.51 3.94 -15.84
CA LEU B 327 -30.77 3.59 -16.47
C LEU B 327 -30.49 2.90 -17.80
N ILE B 328 -29.61 3.52 -18.58
CA ILE B 328 -29.26 2.99 -19.88
C ILE B 328 -28.78 1.55 -19.79
N SER B 329 -27.98 1.25 -18.76
CA SER B 329 -27.39 -0.06 -18.61
C SER B 329 -28.38 -1.13 -18.16
N GLN B 330 -29.49 -0.72 -17.56
CA GLN B 330 -30.45 -1.69 -17.04
C GLN B 330 -31.38 -2.23 -18.13
N LYS B 331 -31.20 -1.74 -19.34
CA LYS B 331 -31.98 -2.19 -20.47
C LYS B 331 -31.33 -3.41 -21.09
N PHE B 332 -31.97 -3.98 -22.11
CA PHE B 332 -31.35 -5.07 -22.87
C PHE B 332 -31.12 -4.68 -24.33
N ALA B 333 -30.20 -5.36 -24.98
CA ALA B 333 -29.94 -5.05 -26.38
C ALA B 333 -31.26 -5.12 -27.14
N GLY B 334 -31.55 -4.06 -27.89
CA GLY B 334 -32.76 -4.01 -28.68
C GLY B 334 -33.87 -3.18 -28.07
N ASP B 335 -33.75 -2.88 -26.77
CA ASP B 335 -34.82 -2.15 -26.07
C ASP B 335 -34.99 -0.72 -26.54
N ILE B 336 -36.20 -0.21 -26.40
CA ILE B 336 -36.46 1.19 -26.69
C ILE B 336 -36.62 2.01 -25.41
N ALA B 337 -35.95 3.16 -25.36
CA ALA B 337 -36.14 4.11 -24.27
C ALA B 337 -36.83 5.36 -24.78
N GLU B 338 -37.77 5.90 -23.99
CA GLU B 338 -38.35 7.19 -24.32
C GLU B 338 -37.49 8.31 -23.74
N ILE B 339 -37.17 9.29 -24.57
CA ILE B 339 -36.28 10.34 -24.13
C ILE B 339 -36.85 11.73 -24.37
N GLY B 340 -37.07 12.45 -23.27
CA GLY B 340 -37.43 13.86 -23.34
C GLY B 340 -36.30 14.78 -23.72
N ILE B 341 -36.53 15.58 -24.75
CA ILE B 341 -35.49 16.39 -25.35
C ILE B 341 -35.91 17.85 -25.45
N ILE B 342 -34.93 18.74 -25.43
CA ILE B 342 -35.17 20.11 -25.83
C ILE B 342 -34.35 20.36 -27.08
N ARG B 343 -35.06 20.62 -28.17
CA ARG B 343 -34.44 20.90 -29.46
C ARG B 343 -34.83 22.31 -29.86
N ALA B 344 -33.88 23.08 -30.38
CA ALA B 344 -34.10 24.51 -30.51
C ALA B 344 -34.48 25.01 -29.13
N GLY B 345 -35.70 25.54 -29.02
CA GLY B 345 -36.20 25.90 -27.71
C GLY B 345 -37.33 25.01 -27.25
N GLU B 346 -37.60 23.96 -28.00
CA GLU B 346 -38.86 23.24 -27.87
C GLU B 346 -38.74 21.87 -27.21
N HIS B 347 -39.59 21.61 -26.22
CA HIS B 347 -39.70 20.27 -25.64
C HIS B 347 -40.21 19.30 -26.69
N LYS B 348 -39.63 18.12 -26.71
CA LYS B 348 -40.02 17.11 -27.68
C LYS B 348 -39.75 15.73 -27.09
N LYS B 349 -40.57 14.76 -27.44
CA LYS B 349 -40.32 13.39 -27.01
C LYS B 349 -39.84 12.54 -28.19
N VAL B 350 -38.87 11.66 -27.96
CA VAL B 350 -38.42 10.72 -28.99
C VAL B 350 -38.16 9.31 -28.42
N GLN B 351 -38.14 8.32 -29.31
CA GLN B 351 -37.77 6.96 -28.93
C GLN B 351 -36.41 6.59 -29.52
N VAL B 352 -35.62 5.84 -28.77
CA VAL B 352 -34.31 5.41 -29.24
C VAL B 352 -34.05 3.95 -28.97
N VAL B 353 -33.58 3.23 -29.98
CA VAL B 353 -33.17 1.85 -29.76
C VAL B 353 -31.79 1.88 -29.11
N LEU B 354 -31.60 1.05 -28.10
CA LEU B 354 -30.32 0.97 -27.41
C LEU B 354 -29.58 -0.32 -27.75
N ARG B 355 -28.39 -0.20 -28.33
CA ARG B 355 -27.57 -1.38 -28.56
C ARG B 355 -26.22 -1.24 -27.87
N PRO B 356 -25.56 -2.37 -27.62
CA PRO B 356 -24.21 -2.36 -27.03
C PRO B 356 -23.25 -1.57 -27.90
N ARG B 357 -22.26 -0.96 -27.28
CA ARG B 357 -21.30 -0.13 -28.01
C ARG B 357 -20.63 -0.92 -29.12
N VAL B 358 -20.45 -0.27 -30.27
CA VAL B 358 -19.66 -0.82 -31.38
C VAL B 358 -18.25 -0.24 -31.35
N HIS B 359 -17.26 -1.08 -31.05
CA HIS B 359 -15.89 -0.62 -30.89
C HIS B 359 -15.05 -0.80 -32.15
N LEU B 360 -14.67 0.30 -32.79
CA LEU B 360 -13.89 0.24 -34.02
C LEU B 360 -12.60 -0.53 -33.79
N VAL B 361 -11.93 -0.20 -32.69
CA VAL B 361 -10.78 -0.96 -32.24
C VAL B 361 -11.24 -1.71 -31.00
N PRO B 362 -11.50 -3.01 -31.13
CA PRO B 362 -12.14 -3.79 -30.06
C PRO B 362 -11.21 -4.10 -28.92
N TYR B 363 -11.75 -4.20 -27.71
CA TYR B 363 -11.01 -4.70 -26.56
C TYR B 363 -11.02 -6.23 -26.49
N HIS B 364 -12.14 -6.84 -26.89
CA HIS B 364 -12.39 -8.25 -26.59
C HIS B 364 -12.05 -9.31 -27.67
N ILE B 365 -11.79 -8.89 -28.91
CA ILE B 365 -11.45 -9.83 -30.01
C ILE B 365 -12.56 -10.80 -30.40
N ASP B 366 -13.65 -10.81 -29.64
CA ASP B 366 -14.71 -11.82 -29.79
C ASP B 366 -14.23 -13.21 -29.39
N GLY B 367 -13.20 -13.27 -28.56
CA GLY B 367 -12.61 -14.53 -28.16
C GLY B 367 -11.95 -15.21 -29.35
N GLY B 368 -11.38 -16.38 -29.13
CA GLY B 368 -10.76 -17.13 -30.21
C GLY B 368 -9.47 -16.49 -30.73
N GLN B 369 -9.28 -16.52 -32.05
CA GLN B 369 -8.03 -16.07 -32.64
C GLN B 369 -8.24 -14.94 -33.64
N PRO B 370 -7.33 -13.95 -33.63
CA PRO B 370 -7.43 -12.73 -34.44
C PRO B 370 -7.15 -13.04 -35.90
N SER B 371 -7.84 -12.34 -36.79
CA SER B 371 -7.73 -12.58 -38.21
C SER B 371 -6.39 -12.09 -38.73
N TYR B 372 -5.89 -12.77 -39.76
CA TYR B 372 -4.71 -12.30 -40.46
C TYR B 372 -4.66 -12.81 -41.89
N ILE B 373 -4.05 -12.01 -42.77
CA ILE B 373 -3.80 -12.42 -44.15
C ILE B 373 -2.44 -11.90 -44.58
N ILE B 374 -1.71 -12.72 -45.33
CA ILE B 374 -0.35 -12.37 -45.76
C ILE B 374 -0.23 -12.38 -47.28
N VAL B 375 0.18 -11.26 -47.84
CA VAL B 375 0.38 -11.16 -49.29
C VAL B 375 1.80 -10.69 -49.57
N ALA B 376 2.54 -11.46 -50.35
CA ALA B 376 3.89 -11.10 -50.70
C ALA B 376 4.72 -10.82 -49.43
N GLY B 377 4.41 -11.54 -48.37
CA GLY B 377 5.13 -11.37 -47.12
C GLY B 377 4.59 -10.20 -46.32
N LEU B 378 3.61 -9.48 -46.87
CA LEU B 378 3.02 -8.36 -46.15
C LEU B 378 1.94 -8.88 -45.22
N VAL B 379 2.14 -8.69 -43.92
CA VAL B 379 1.27 -9.29 -42.93
C VAL B 379 0.25 -8.30 -42.40
N PHE B 380 -1.03 -8.62 -42.62
CA PHE B 380 -2.14 -7.76 -42.20
C PHE B 380 -2.96 -8.33 -41.04
N THR B 381 -3.28 -7.49 -40.06
CA THR B 381 -4.29 -7.81 -39.05
C THR B 381 -5.14 -6.59 -38.71
N PRO B 382 -6.31 -6.82 -38.12
CA PRO B 382 -7.10 -5.70 -37.60
C PRO B 382 -6.42 -5.13 -36.35
N LEU B 383 -6.48 -3.82 -36.21
CA LEU B 383 -5.96 -3.16 -35.03
C LEU B 383 -6.89 -3.51 -33.88
N SER B 384 -6.32 -3.89 -32.75
CA SER B 384 -7.11 -4.19 -31.56
C SER B 384 -6.37 -3.69 -30.33
N GLU B 385 -7.08 -3.57 -29.22
CA GLU B 385 -6.43 -3.11 -28.00
C GLU B 385 -5.31 -4.06 -27.55
N PRO B 386 -5.61 -5.37 -27.48
CA PRO B 386 -4.59 -6.35 -27.13
C PRO B 386 -3.33 -6.22 -27.99
N LEU B 387 -3.48 -6.03 -29.29
CA LEU B 387 -2.32 -5.86 -30.17
C LEU B 387 -1.47 -4.66 -29.72
N ILE B 388 -2.13 -3.53 -29.53
CA ILE B 388 -1.50 -2.34 -28.97
C ILE B 388 -0.81 -2.67 -27.65
N GLU B 389 -1.55 -3.27 -26.70
CA GLU B 389 -0.96 -3.63 -25.41
C GLU B 389 0.35 -4.41 -25.58
N GLU B 390 0.34 -5.40 -26.47
CA GLU B 390 1.46 -6.29 -26.62
C GLU B 390 2.66 -5.67 -27.34
N GLU B 391 2.40 -4.75 -28.26
CA GLU B 391 3.45 -4.06 -29.01
C GLU B 391 3.97 -2.88 -28.20
N CYS B 392 3.30 -2.64 -27.07
CA CYS B 392 3.47 -1.48 -26.17
C CYS B 392 3.27 -0.09 -26.81
N GLU B 393 4.00 0.90 -26.33
CA GLU B 393 3.71 2.30 -26.70
C GLU B 393 4.30 2.83 -27.99
N ASP B 394 5.59 2.60 -28.20
CA ASP B 394 6.25 3.02 -29.43
C ASP B 394 6.03 1.94 -30.47
N THR B 395 6.49 2.19 -31.70
CA THR B 395 6.24 1.27 -32.81
C THR B 395 4.75 1.22 -33.15
N ILE B 396 3.93 1.77 -32.25
CA ILE B 396 2.53 2.01 -32.58
C ILE B 396 2.44 3.37 -33.25
N GLY B 397 2.79 4.42 -32.51
CA GLY B 397 2.90 5.73 -33.11
C GLY B 397 1.67 6.62 -32.94
N LEU B 398 1.93 7.92 -32.85
CA LEU B 398 0.88 8.92 -32.65
C LEU B 398 -0.33 8.77 -33.57
N LYS B 399 -0.10 8.87 -34.87
CA LYS B 399 -1.21 8.86 -35.83
C LYS B 399 -2.17 7.70 -35.56
N LEU B 400 -1.62 6.49 -35.48
CA LEU B 400 -2.42 5.29 -35.27
C LEU B 400 -3.07 5.24 -33.89
N LEU B 401 -2.33 5.67 -32.87
CA LEU B 401 -2.79 5.60 -31.47
C LEU B 401 -4.01 6.48 -31.26
N THR B 402 -3.96 7.69 -31.80
CA THR B 402 -5.10 8.58 -31.73
C THR B 402 -6.32 7.93 -32.40
N LYS B 403 -6.14 7.44 -33.63
CA LYS B 403 -7.24 6.75 -34.32
C LYS B 403 -7.89 5.72 -33.41
N ALA B 404 -7.08 5.00 -32.65
CA ALA B 404 -7.60 3.99 -31.75
C ALA B 404 -8.30 4.59 -30.53
N ARG B 405 -7.86 5.76 -30.08
CA ARG B 405 -8.49 6.43 -28.95
C ARG B 405 -9.70 7.30 -29.32
N TYR B 406 -9.57 8.03 -30.43
CA TYR B 406 -10.52 9.09 -30.80
C TYR B 406 -11.56 8.77 -31.89
N SER B 407 -11.54 7.57 -32.43
CA SER B 407 -12.36 7.29 -33.61
C SER B 407 -13.52 6.32 -33.36
N VAL B 408 -14.63 6.55 -34.07
CA VAL B 408 -15.82 5.72 -33.92
C VAL B 408 -16.10 4.97 -35.22
N ALA B 409 -16.80 3.85 -35.11
CA ALA B 409 -17.21 3.09 -36.29
C ALA B 409 -18.21 3.90 -37.14
N ARG B 410 -17.92 4.03 -38.44
CA ARG B 410 -18.82 4.70 -39.37
C ARG B 410 -19.94 3.78 -39.87
N PHE B 411 -19.72 2.47 -39.76
CA PHE B 411 -20.74 1.48 -40.10
C PHE B 411 -20.43 0.18 -39.38
N ARG B 412 -21.41 -0.73 -39.31
CA ARG B 412 -21.17 -1.99 -38.62
C ARG B 412 -20.14 -2.78 -39.42
N GLY B 413 -19.25 -3.49 -38.74
CA GLY B 413 -18.25 -4.30 -39.40
C GLY B 413 -16.96 -3.59 -39.82
N GLU B 414 -16.89 -2.28 -39.60
CA GLU B 414 -15.69 -1.54 -39.94
C GLU B 414 -14.51 -1.94 -39.05
N GLN B 415 -13.32 -1.98 -39.64
CA GLN B 415 -12.09 -2.21 -38.90
C GLN B 415 -11.05 -1.25 -39.42
N ILE B 416 -9.98 -1.12 -38.66
CA ILE B 416 -8.77 -0.49 -39.12
C ILE B 416 -7.87 -1.67 -39.42
N VAL B 417 -7.45 -1.79 -40.67
CA VAL B 417 -6.56 -2.87 -41.05
C VAL B 417 -5.14 -2.31 -41.04
N ILE B 418 -4.25 -3.00 -40.36
CA ILE B 418 -2.88 -2.55 -40.33
C ILE B 418 -1.94 -3.57 -40.93
N LEU B 419 -0.85 -3.07 -41.46
CA LEU B 419 0.27 -3.87 -41.87
C LEU B 419 1.20 -3.87 -40.67
N SER B 420 1.32 -5.00 -39.99
CA SER B 420 2.16 -5.07 -38.79
C SER B 420 3.65 -5.18 -39.11
N GLN B 421 4.04 -6.25 -39.82
CA GLN B 421 5.42 -6.40 -40.28
C GLN B 421 5.44 -6.85 -41.74
N VAL B 422 6.60 -6.72 -42.38
CA VAL B 422 6.80 -7.31 -43.71
C VAL B 422 7.85 -8.41 -43.59
N LEU B 423 7.53 -9.61 -44.01
CA LEU B 423 8.53 -10.68 -43.93
C LEU B 423 9.40 -10.55 -45.17
N ALA B 424 10.67 -10.21 -44.95
CA ALA B 424 11.56 -9.78 -46.02
C ALA B 424 11.65 -10.81 -47.17
N ASN B 425 11.72 -10.31 -48.40
CA ASN B 425 11.80 -11.15 -49.59
C ASN B 425 11.96 -10.33 -50.88
N GLU B 426 12.41 -10.98 -51.94
CA GLU B 426 12.74 -10.26 -53.16
C GLU B 426 11.58 -9.51 -53.83
N VAL B 427 10.34 -9.90 -53.52
CA VAL B 427 9.19 -9.21 -54.11
C VAL B 427 8.90 -7.89 -53.37
N ASN B 428 9.18 -7.89 -52.08
CA ASN B 428 8.88 -6.76 -51.22
C ASN B 428 10.04 -5.77 -50.96
N ILE B 429 11.16 -5.94 -51.67
CA ILE B 429 12.32 -5.10 -51.41
C ILE B 429 11.94 -3.62 -51.38
N GLY B 430 12.43 -2.93 -50.37
CA GLY B 430 12.09 -1.54 -50.14
C GLY B 430 10.94 -1.40 -49.17
N TYR B 431 10.12 -2.45 -49.07
CA TYR B 431 8.95 -2.43 -48.21
C TYR B 431 9.23 -3.06 -46.85
N GLU B 432 10.44 -3.58 -46.67
CA GLU B 432 10.76 -4.16 -45.39
C GLU B 432 10.81 -2.97 -44.46
N ASP B 433 11.05 -3.20 -43.18
CA ASP B 433 11.12 -2.07 -42.24
C ASP B 433 9.82 -1.26 -42.18
N MET B 434 8.71 -1.85 -42.59
CA MET B 434 7.43 -1.16 -42.50
C MET B 434 6.61 -1.81 -41.40
N ASN B 435 6.17 -1.00 -40.44
CA ASN B 435 5.57 -1.53 -39.23
C ASN B 435 4.30 -0.76 -38.88
N ASN B 436 3.28 -1.48 -38.42
CA ASN B 436 2.05 -0.86 -37.92
C ASN B 436 1.56 0.32 -38.74
N GLN B 437 1.23 0.06 -40.00
CA GLN B 437 0.69 1.07 -40.89
C GLN B 437 -0.74 0.69 -41.26
N GLN B 438 -1.63 1.67 -41.24
CA GLN B 438 -3.01 1.42 -41.65
C GLN B 438 -3.09 1.41 -43.17
N VAL B 439 -3.70 0.36 -43.73
CA VAL B 439 -4.02 0.34 -45.16
C VAL B 439 -5.38 0.96 -45.42
N LEU B 440 -5.42 1.87 -46.37
CA LEU B 440 -6.65 2.57 -46.75
C LEU B 440 -7.27 1.98 -48.02
N LYS B 441 -6.54 2.02 -49.11
CA LYS B 441 -7.05 1.52 -50.37
C LYS B 441 -6.25 0.32 -50.88
N PHE B 442 -6.94 -0.50 -51.66
CA PHE B 442 -6.31 -1.55 -52.45
C PHE B 442 -6.78 -1.39 -53.89
N ASN B 443 -5.84 -1.20 -54.79
CA ASN B 443 -6.15 -0.99 -56.20
C ASN B 443 -7.27 0.02 -56.40
N GLY B 444 -7.22 1.10 -55.62
CA GLY B 444 -8.17 2.19 -55.74
C GLY B 444 -9.35 2.08 -54.79
N ILE B 445 -9.57 0.89 -54.24
CA ILE B 445 -10.77 0.64 -53.43
C ILE B 445 -10.57 0.77 -51.92
N PRO B 446 -11.37 1.64 -51.28
CA PRO B 446 -11.32 1.81 -49.83
C PRO B 446 -11.64 0.51 -49.09
N ILE B 447 -10.77 0.15 -48.16
CA ILE B 447 -10.88 -1.11 -47.43
C ILE B 447 -11.81 -1.00 -46.22
N ARG B 448 -12.88 -1.79 -46.21
CA ARG B 448 -13.89 -1.73 -45.16
C ARG B 448 -13.47 -2.49 -43.91
N ASN B 449 -12.91 -3.67 -44.12
CA ASN B 449 -12.39 -4.50 -43.04
C ASN B 449 -11.45 -5.53 -43.67
N ILE B 450 -10.95 -6.46 -42.87
CA ILE B 450 -9.92 -7.35 -43.40
C ILE B 450 -10.48 -8.51 -44.23
N HIS B 451 -11.75 -8.83 -44.04
CA HIS B 451 -12.42 -9.85 -44.84
C HIS B 451 -12.61 -9.28 -46.23
N HIS B 452 -12.99 -8.02 -46.29
CA HIS B 452 -13.09 -7.27 -47.53
C HIS B 452 -11.74 -7.29 -48.25
N LEU B 453 -10.69 -6.81 -47.58
CA LEU B 453 -9.37 -6.83 -48.19
C LEU B 453 -9.07 -8.21 -48.74
N ALA B 454 -9.40 -9.23 -47.96
CA ALA B 454 -9.11 -10.61 -48.34
C ALA B 454 -9.92 -11.03 -49.58
N HIS B 455 -11.15 -10.53 -49.68
CA HIS B 455 -11.98 -10.79 -50.84
C HIS B 455 -11.46 -10.07 -52.08
N LEU B 456 -10.81 -8.93 -51.88
CA LEU B 456 -10.29 -8.15 -52.99
C LEU B 456 -9.02 -8.78 -53.54
N ILE B 457 -8.18 -9.29 -52.65
CA ILE B 457 -6.97 -9.99 -53.08
C ILE B 457 -7.34 -11.17 -53.97
N ASP B 458 -8.30 -11.97 -53.52
CA ASP B 458 -8.70 -13.17 -54.25
C ASP B 458 -9.38 -12.86 -55.59
N MET B 459 -10.12 -11.77 -55.66
CA MET B 459 -10.76 -11.37 -56.91
C MET B 459 -9.80 -10.63 -57.84
N CYS B 460 -8.58 -10.36 -57.39
CA CYS B 460 -7.68 -9.54 -58.18
C CYS B 460 -7.00 -10.32 -59.29
N LYS B 461 -7.29 -9.93 -60.53
CA LYS B 461 -6.59 -10.47 -61.70
C LYS B 461 -5.54 -9.50 -62.24
N ASP B 462 -5.37 -8.35 -61.58
CA ASP B 462 -4.61 -7.25 -62.16
C ASP B 462 -3.10 -7.44 -62.15
N LYS B 463 -2.42 -6.52 -62.81
CA LYS B 463 -0.98 -6.63 -62.99
C LYS B 463 -0.30 -6.46 -61.65
N TYR B 464 -0.67 -5.40 -60.95
CA TYR B 464 -0.05 -5.08 -59.69
C TYR B 464 -1.02 -5.15 -58.51
N LEU B 465 -0.46 -5.41 -57.33
CA LEU B 465 -1.19 -5.23 -56.08
C LEU B 465 -0.79 -3.87 -55.53
N VAL B 466 -1.73 -2.92 -55.55
CA VAL B 466 -1.42 -1.57 -55.08
C VAL B 466 -2.02 -1.27 -53.70
N PHE B 467 -1.16 -1.04 -52.71
CA PHE B 467 -1.60 -0.74 -51.37
C PHE B 467 -1.30 0.71 -51.02
N GLU B 468 -2.34 1.52 -50.81
CA GLU B 468 -2.14 2.88 -50.32
C GLU B 468 -2.30 2.94 -48.81
N PHE B 469 -1.28 3.42 -48.11
CA PHE B 469 -1.34 3.49 -46.66
C PHE B 469 -1.67 4.88 -46.17
N GLU B 470 -1.69 5.02 -44.84
CA GLU B 470 -2.13 6.25 -44.18
C GLU B 470 -1.28 7.47 -44.51
N ASP B 471 0.04 7.29 -44.52
CA ASP B 471 0.96 8.38 -44.85
C ASP B 471 0.78 8.88 -46.29
N ASN B 472 0.01 8.13 -47.08
CA ASN B 472 -0.05 8.31 -48.52
C ASN B 472 1.07 7.51 -49.18
N TYR B 473 1.88 6.86 -48.33
CA TYR B 473 2.82 5.85 -48.78
C TYR B 473 2.11 4.79 -49.66
N VAL B 474 2.75 4.36 -50.74
CA VAL B 474 2.20 3.35 -51.65
C VAL B 474 3.13 2.17 -51.88
N ALA B 475 2.66 0.96 -51.58
CA ALA B 475 3.44 -0.23 -51.88
C ALA B 475 2.85 -0.89 -53.11
N VAL B 476 3.67 -1.05 -54.14
CA VAL B 476 3.23 -1.76 -55.32
C VAL B 476 3.94 -3.09 -55.40
N LEU B 477 3.18 -4.13 -55.71
CA LEU B 477 3.74 -5.47 -55.86
C LEU B 477 3.18 -6.12 -57.11
N GLU B 478 3.96 -7.03 -57.68
CA GLU B 478 3.51 -7.76 -58.87
C GLU B 478 2.77 -9.06 -58.51
N ARG B 479 1.53 -9.19 -58.99
CA ARG B 479 0.69 -10.33 -58.63
C ARG B 479 1.35 -11.69 -58.79
N GLU B 480 1.83 -11.97 -60.00
CA GLU B 480 2.29 -13.32 -60.31
C GLU B 480 3.50 -13.72 -59.48
N ALA B 481 4.42 -12.79 -59.29
CA ALA B 481 5.61 -13.05 -58.48
C ALA B 481 5.27 -13.24 -57.01
N SER B 482 4.27 -12.50 -56.54
CA SER B 482 3.82 -12.63 -55.15
C SER B 482 3.35 -14.05 -54.87
N ASN B 483 2.62 -14.61 -55.81
CA ASN B 483 2.09 -15.96 -55.66
C ASN B 483 3.19 -17.01 -55.62
N SER B 484 4.12 -16.94 -56.58
CA SER B 484 5.27 -17.83 -56.62
C SER B 484 6.05 -17.82 -55.31
N ALA B 485 6.08 -16.66 -54.65
CA ALA B 485 6.86 -16.50 -53.44
C ALA B 485 6.14 -17.05 -52.22
N SER B 486 4.83 -17.23 -52.35
CA SER B 486 3.96 -17.63 -51.24
C SER B 486 4.53 -18.77 -50.38
N LEU B 487 4.64 -19.97 -50.94
CA LEU B 487 5.16 -21.10 -50.17
C LEU B 487 6.54 -20.80 -49.60
N CYS B 488 7.39 -20.14 -50.38
CA CYS B 488 8.77 -19.92 -49.98
C CYS B 488 8.87 -19.01 -48.76
N ILE B 489 8.01 -18.01 -48.71
CA ILE B 489 8.05 -17.02 -47.64
C ILE B 489 7.59 -17.58 -46.30
N LEU B 490 6.47 -18.31 -46.31
CA LEU B 490 5.95 -18.81 -45.04
C LEU B 490 6.71 -20.03 -44.57
N LYS B 491 7.37 -20.71 -45.50
CA LYS B 491 8.30 -21.75 -45.12
C LYS B 491 9.43 -21.10 -44.31
N ASP B 492 10.09 -20.13 -44.92
CA ASP B 492 11.33 -19.59 -44.36
C ASP B 492 11.16 -18.86 -43.03
N TYR B 493 9.97 -18.35 -42.75
CA TYR B 493 9.83 -17.49 -41.58
C TYR B 493 9.58 -18.03 -40.16
N GLY B 494 8.70 -19.00 -39.97
CA GLY B 494 7.90 -19.56 -41.04
C GLY B 494 6.56 -19.90 -40.44
N ILE B 495 5.55 -19.97 -41.30
CA ILE B 495 4.19 -19.87 -40.84
C ILE B 495 3.35 -20.91 -41.54
N PRO B 496 2.42 -21.51 -40.79
CA PRO B 496 1.57 -22.61 -41.28
C PRO B 496 0.73 -22.21 -42.48
N SER B 497 0.08 -21.05 -42.40
CA SER B 497 -0.95 -20.66 -43.37
C SER B 497 -0.90 -19.19 -43.73
N GLU B 498 -1.32 -18.89 -44.96
CA GLU B 498 -1.35 -17.51 -45.44
C GLU B 498 -2.44 -16.72 -44.73
N ARG B 499 -3.43 -17.44 -44.24
CA ARG B 499 -4.61 -16.83 -43.62
C ARG B 499 -4.86 -17.39 -42.24
N SER B 500 -5.89 -16.84 -41.63
CA SER B 500 -6.55 -17.46 -40.50
C SER B 500 -7.88 -17.93 -41.08
N ALA B 501 -8.40 -19.04 -40.54
CA ALA B 501 -9.54 -19.74 -41.15
C ALA B 501 -10.73 -18.86 -41.55
N ASP B 502 -11.09 -17.90 -40.71
CA ASP B 502 -12.27 -17.07 -40.93
C ASP B 502 -12.27 -16.29 -42.25
N LEU B 503 -11.11 -16.15 -42.86
CA LEU B 503 -10.98 -15.40 -44.10
C LEU B 503 -11.01 -16.31 -45.35
N LEU B 504 -11.17 -17.61 -45.13
CA LEU B 504 -11.43 -18.53 -46.25
C LEU B 504 -12.91 -18.44 -46.61
N GLU B 505 -13.73 -18.13 -45.60
CA GLU B 505 -15.18 -17.99 -45.76
C GLU B 505 -15.53 -16.96 -46.84
N PRO B 506 -16.73 -17.07 -47.42
CA PRO B 506 -17.18 -16.16 -48.48
C PRO B 506 -17.55 -14.78 -47.95
N TYR B 507 -17.38 -13.74 -48.78
CA TYR B 507 -17.64 -12.35 -48.37
C TYR B 507 -18.99 -11.82 -48.90
N VAL B 508 -19.63 -10.94 -48.12
CA VAL B 508 -21.03 -10.55 -48.37
C VAL B 508 -21.26 -9.19 -49.05
N ASP B 509 -21.11 -8.11 -48.28
CA ASP B 509 -21.48 -6.78 -48.77
C ASP B 509 -20.87 -5.68 -47.90
N HIS C 42 -15.00 -0.87 31.94
CA HIS C 42 -13.80 -1.35 32.63
C HIS C 42 -13.13 -2.49 31.87
N ASP C 43 -13.36 -2.53 30.56
CA ASP C 43 -12.73 -3.52 29.69
C ASP C 43 -11.25 -3.17 29.57
N ALA C 44 -10.89 -2.01 30.12
CA ALA C 44 -9.51 -1.51 30.06
C ALA C 44 -8.51 -2.44 30.74
N SER C 45 -9.00 -3.33 31.59
CA SER C 45 -8.11 -4.25 32.31
C SER C 45 -7.40 -5.20 31.35
N PHE C 46 -7.92 -5.32 30.12
CA PHE C 46 -7.32 -6.18 29.11
C PHE C 46 -6.08 -5.53 28.50
N LEU C 47 -6.04 -4.22 28.50
CA LEU C 47 -4.88 -3.53 27.95
C LEU C 47 -3.77 -3.42 28.97
N ASN C 48 -4.11 -3.66 30.23
CA ASN C 48 -3.13 -3.53 31.30
C ASN C 48 -2.17 -4.71 31.39
N ALA C 49 -2.51 -5.78 30.69
CA ALA C 49 -1.65 -6.95 30.65
C ALA C 49 -0.61 -6.82 29.54
N VAL C 50 -0.81 -5.83 28.70
CA VAL C 50 0.04 -5.63 27.53
C VAL C 50 1.10 -4.59 27.83
N VAL C 51 2.34 -4.94 27.52
CA VAL C 51 3.49 -4.18 27.98
C VAL C 51 4.42 -3.92 26.80
N LYS C 52 5.14 -2.81 26.85
CA LYS C 52 6.02 -2.42 25.75
C LYS C 52 7.44 -2.93 25.98
N VAL C 53 8.07 -3.42 24.91
CA VAL C 53 9.40 -4.00 25.00
C VAL C 53 10.45 -3.14 24.32
N TYR C 54 11.48 -2.78 25.06
CA TYR C 54 12.64 -2.10 24.51
C TYR C 54 13.81 -3.05 24.57
N CYS C 55 14.54 -3.17 23.48
CA CYS C 55 15.67 -4.07 23.46
C CYS C 55 16.82 -3.52 22.63
N THR C 56 18.04 -3.72 23.12
CA THR C 56 19.24 -3.36 22.38
C THR C 56 19.88 -4.62 21.84
N HIS C 57 20.01 -4.70 20.52
CA HIS C 57 20.57 -5.89 19.89
C HIS C 57 22.01 -5.64 19.52
N THR C 58 22.88 -6.58 19.83
CA THR C 58 24.20 -6.59 19.24
C THR C 58 24.45 -7.96 18.67
N ALA C 59 24.51 -8.10 17.35
CA ALA C 59 24.75 -9.42 16.80
C ALA C 59 26.21 -9.59 16.42
N PRO C 60 26.61 -10.81 16.04
CA PRO C 60 27.99 -11.10 15.62
C PRO C 60 28.30 -10.63 14.19
N ASP C 61 29.59 -10.50 13.88
CA ASP C 61 30.03 -10.38 12.51
C ASP C 61 30.37 -11.79 12.09
N TYR C 62 29.58 -12.36 11.18
CA TYR C 62 29.74 -13.76 10.83
C TYR C 62 30.96 -14.02 9.97
N SER C 63 31.42 -12.95 9.31
CA SER C 63 32.64 -12.98 8.52
C SER C 63 33.88 -13.20 9.39
N LEU C 64 34.05 -12.35 10.39
CA LEU C 64 35.17 -12.46 11.32
C LEU C 64 34.63 -12.42 12.73
N PRO C 65 34.23 -13.57 13.26
CA PRO C 65 33.50 -13.47 14.52
C PRO C 65 34.37 -13.40 15.77
N TRP C 66 35.39 -12.55 15.77
CA TRP C 66 35.96 -12.07 17.01
C TRP C 66 35.36 -10.69 17.28
N GLN C 67 34.56 -10.23 16.33
CA GLN C 67 33.98 -8.91 16.39
C GLN C 67 32.47 -8.98 16.46
N LYS C 68 31.84 -7.82 16.59
CA LYS C 68 30.40 -7.75 16.58
C LYS C 68 29.99 -6.62 15.67
N GLN C 69 28.69 -6.45 15.48
CA GLN C 69 28.23 -5.46 14.54
C GLN C 69 27.77 -4.21 15.28
N ARG C 70 27.36 -3.20 14.53
CA ARG C 70 26.87 -1.99 15.13
C ARG C 70 25.67 -2.31 16.01
N GLN C 71 25.71 -1.85 17.26
CA GLN C 71 24.54 -1.95 18.12
C GLN C 71 23.35 -1.26 17.47
N PHE C 72 22.16 -1.83 17.61
CA PHE C 72 20.93 -1.16 17.19
C PHE C 72 19.76 -1.48 18.11
N THR C 73 18.86 -0.51 18.28
CA THR C 73 17.74 -0.66 19.21
C THR C 73 16.39 -0.73 18.52
N SER C 74 15.51 -1.58 19.06
CA SER C 74 14.17 -1.78 18.52
C SER C 74 13.15 -1.95 19.65
N THR C 75 11.87 -1.73 19.33
CA THR C 75 10.81 -1.96 20.30
C THR C 75 9.76 -2.93 19.78
N GLY C 76 8.96 -3.46 20.71
CA GLY C 76 7.98 -4.47 20.41
C GLY C 76 6.99 -4.61 21.55
N SER C 77 6.22 -5.70 21.54
CA SER C 77 5.20 -5.90 22.57
C SER C 77 5.29 -7.25 23.26
N ALA C 78 4.63 -7.37 24.40
CA ALA C 78 4.64 -8.58 25.21
C ALA C 78 3.40 -8.58 26.10
N PHE C 79 3.04 -9.71 26.67
CA PHE C 79 1.90 -9.72 27.58
C PHE C 79 2.02 -10.75 28.70
N MET C 80 1.23 -10.57 29.76
CA MET C 80 1.33 -11.46 30.90
C MET C 80 0.46 -12.69 30.70
N ILE C 81 1.10 -13.86 30.64
CA ILE C 81 0.40 -15.13 30.54
C ILE C 81 0.24 -15.83 31.88
N GLY C 82 0.71 -15.21 32.95
CA GLY C 82 0.71 -15.85 34.25
C GLY C 82 2.09 -16.24 34.73
N ASP C 83 2.16 -16.60 36.01
CA ASP C 83 3.40 -16.67 36.78
C ASP C 83 4.14 -15.35 36.67
N GLY C 84 5.45 -15.42 36.54
CA GLY C 84 6.24 -14.22 36.39
C GLY C 84 6.64 -14.03 34.94
N LYS C 85 5.88 -14.66 34.04
CA LYS C 85 6.30 -14.83 32.67
C LYS C 85 5.54 -13.98 31.65
N LEU C 86 6.22 -13.00 31.07
CA LEU C 86 5.70 -12.27 29.94
C LEU C 86 5.91 -13.07 28.65
N LEU C 87 4.96 -12.97 27.73
CA LEU C 87 5.09 -13.65 26.45
C LEU C 87 5.36 -12.63 25.36
N THR C 88 6.30 -12.95 24.46
CA THR C 88 6.67 -12.05 23.38
C THR C 88 7.17 -12.85 22.18
N ASN C 89 7.53 -12.16 21.09
CA ASN C 89 8.14 -12.78 19.94
C ASN C 89 9.63 -12.98 20.15
N ALA C 90 10.15 -14.12 19.69
CA ALA C 90 11.59 -14.39 19.76
C ALA C 90 12.43 -13.26 19.15
N HIS C 91 12.03 -12.73 18.00
CA HIS C 91 12.85 -11.73 17.31
C HIS C 91 12.90 -10.37 18.00
N CYS C 92 11.98 -10.11 18.92
CA CYS C 92 12.07 -8.88 19.71
C CYS C 92 13.34 -8.89 20.55
N VAL C 93 13.60 -10.01 21.22
CA VAL C 93 14.74 -10.15 22.12
C VAL C 93 15.99 -10.80 21.53
N GLU C 94 15.98 -11.11 20.24
CA GLU C 94 17.09 -11.79 19.59
C GLU C 94 18.43 -11.06 19.76
N HIS C 95 19.45 -11.77 20.24
CA HIS C 95 20.78 -11.19 20.40
C HIS C 95 20.78 -9.99 21.34
N ASP C 96 20.12 -10.12 22.49
CA ASP C 96 19.99 -8.98 23.40
C ASP C 96 21.23 -8.78 24.25
N THR C 97 21.74 -7.55 24.28
CA THR C 97 22.62 -7.11 25.37
C THR C 97 21.80 -6.65 26.59
N GLN C 98 20.73 -5.91 26.32
CA GLN C 98 19.83 -5.44 27.38
C GLN C 98 18.35 -5.47 26.95
N VAL C 99 17.48 -5.83 27.89
CA VAL C 99 16.04 -5.90 27.63
C VAL C 99 15.20 -5.21 28.70
N LYS C 100 14.47 -4.16 28.30
CA LYS C 100 13.59 -3.42 29.19
C LYS C 100 12.12 -3.50 28.77
N VAL C 101 11.22 -3.61 29.75
CA VAL C 101 9.79 -3.49 29.46
C VAL C 101 9.14 -2.39 30.29
N LYS C 102 8.16 -1.71 29.70
CA LYS C 102 7.42 -0.68 30.43
C LYS C 102 5.93 -1.02 30.48
N ARG C 103 5.40 -1.19 31.69
CA ARG C 103 3.99 -1.49 31.86
C ARG C 103 3.13 -0.30 31.41
N ARG C 104 1.89 -0.58 31.02
CA ARG C 104 1.00 0.45 30.50
C ARG C 104 0.74 1.54 31.53
N GLY C 105 0.72 2.79 31.08
CA GLY C 105 0.43 3.92 31.94
C GLY C 105 1.43 4.14 33.07
N ASP C 106 2.59 3.47 32.96
CA ASP C 106 3.67 3.64 33.94
C ASP C 106 4.80 4.43 33.31
N ASP C 107 5.48 5.25 34.13
CA ASP C 107 6.56 6.09 33.64
C ASP C 107 7.92 5.40 33.80
N ARG C 108 7.91 4.18 34.33
CA ARG C 108 9.15 3.50 34.70
C ARG C 108 9.42 2.23 33.89
N LYS C 109 10.50 2.27 33.10
CA LYS C 109 10.99 1.06 32.42
C LYS C 109 11.57 0.09 33.45
N TYR C 110 11.31 -1.20 33.28
CA TYR C 110 11.92 -2.19 34.15
C TYR C 110 12.89 -3.06 33.34
N VAL C 111 13.56 -3.99 34.01
CA VAL C 111 14.61 -4.78 33.37
C VAL C 111 14.23 -6.25 33.36
N ALA C 112 14.33 -6.86 32.17
CA ALA C 112 13.86 -8.22 31.99
C ALA C 112 14.96 -9.16 31.49
N LYS C 113 14.76 -10.44 31.72
CA LYS C 113 15.67 -11.48 31.25
C LYS C 113 14.89 -12.46 30.36
N VAL C 114 15.60 -13.15 29.49
CA VAL C 114 14.95 -14.06 28.56
C VAL C 114 15.08 -15.49 29.07
N LEU C 115 13.97 -16.05 29.52
CA LEU C 115 13.95 -17.40 30.06
C LEU C 115 14.30 -18.40 28.99
N VAL C 116 13.57 -18.34 27.87
CA VAL C 116 13.73 -19.32 26.81
C VAL C 116 13.31 -18.70 25.49
N ARG C 117 13.89 -19.16 24.39
CA ARG C 117 13.50 -18.67 23.09
C ARG C 117 13.18 -19.81 22.13
N GLY C 118 11.91 -19.97 21.75
CA GLY C 118 11.61 -20.80 20.60
C GLY C 118 12.03 -20.06 19.34
N VAL C 119 12.90 -20.66 18.54
CA VAL C 119 13.29 -20.01 17.31
C VAL C 119 12.27 -20.25 16.23
N ASP C 120 11.79 -21.49 16.17
CA ASP C 120 10.96 -21.95 15.06
C ASP C 120 9.49 -21.49 15.15
N CYS C 121 9.00 -21.24 16.36
CA CYS C 121 7.68 -20.63 16.50
C CYS C 121 7.74 -19.11 16.70
N ASP C 122 8.95 -18.56 16.70
CA ASP C 122 9.19 -17.16 17.03
C ASP C 122 8.53 -16.72 18.35
N ILE C 123 8.69 -17.53 19.39
CA ILE C 123 8.13 -17.21 20.69
C ILE C 123 9.24 -17.07 21.73
N ALA C 124 9.09 -16.12 22.63
CA ALA C 124 10.04 -15.97 23.72
C ALA C 124 9.30 -15.71 25.02
N LEU C 125 9.84 -16.22 26.11
CA LEU C 125 9.33 -15.89 27.43
C LEU C 125 10.26 -14.86 28.07
N LEU C 126 9.68 -13.88 28.76
CA LEU C 126 10.48 -12.94 29.53
C LEU C 126 10.18 -13.03 31.01
N SER C 127 11.18 -12.76 31.83
CA SER C 127 10.98 -12.66 33.28
C SER C 127 11.37 -11.26 33.73
N VAL C 128 10.59 -10.73 34.66
CA VAL C 128 10.89 -9.44 35.26
C VAL C 128 11.08 -9.62 36.76
N GLU C 129 12.22 -9.16 37.26
CA GLU C 129 12.65 -9.46 38.62
C GLU C 129 11.96 -8.62 39.72
N SER C 130 11.78 -7.33 39.47
CA SER C 130 11.30 -6.42 40.51
C SER C 130 9.82 -6.61 40.81
N GLU C 131 9.51 -6.89 42.08
CA GLU C 131 8.13 -7.13 42.52
C GLU C 131 7.25 -5.90 42.31
N ASP C 132 7.88 -4.74 42.24
CA ASP C 132 7.22 -3.50 41.87
C ASP C 132 6.38 -3.74 40.62
N PHE C 133 7.06 -4.11 39.53
CA PHE C 133 6.43 -4.43 38.26
C PHE C 133 5.20 -5.35 38.43
N TRP C 134 5.40 -6.54 38.96
CA TRP C 134 4.32 -7.53 39.07
C TRP C 134 3.17 -7.12 40.00
N LYS C 135 3.30 -6.00 40.70
CA LYS C 135 2.25 -5.55 41.60
C LYS C 135 0.96 -5.23 40.86
N GLY C 136 -0.14 -5.87 41.29
CA GLY C 136 -1.45 -5.62 40.73
C GLY C 136 -1.65 -6.09 39.30
N ALA C 137 -0.71 -6.88 38.79
CA ALA C 137 -0.75 -7.33 37.41
C ALA C 137 -1.92 -8.27 37.16
N GLU C 138 -2.49 -8.22 35.95
CA GLU C 138 -3.62 -9.08 35.59
C GLU C 138 -3.36 -9.86 34.28
N PRO C 139 -2.79 -11.08 34.40
CA PRO C 139 -2.44 -11.96 33.28
C PRO C 139 -3.62 -12.40 32.40
N LEU C 140 -3.36 -12.53 31.10
CA LEU C 140 -4.35 -12.96 30.11
C LEU C 140 -4.62 -14.47 30.13
N ARG C 141 -5.85 -14.86 29.83
CA ARG C 141 -6.19 -16.26 29.58
C ARG C 141 -6.01 -16.63 28.10
N LEU C 142 -5.53 -17.84 27.85
CA LEU C 142 -5.39 -18.36 26.48
C LEU C 142 -6.66 -19.06 25.98
N GLY C 143 -7.22 -18.55 24.89
CA GLY C 143 -8.43 -19.13 24.31
C GLY C 143 -8.17 -20.29 23.36
N HIS C 144 -9.23 -20.88 22.81
CA HIS C 144 -9.02 -21.96 21.85
C HIS C 144 -8.89 -21.39 20.45
N LEU C 145 -8.58 -22.26 19.50
CA LEU C 145 -8.41 -21.85 18.12
C LEU C 145 -9.75 -21.29 17.63
N PRO C 146 -9.70 -20.09 17.05
CA PRO C 146 -10.86 -19.35 16.57
C PRO C 146 -11.45 -19.95 15.30
N ARG C 147 -12.66 -19.52 14.95
CA ARG C 147 -13.31 -19.97 13.73
C ARG C 147 -13.31 -18.79 12.77
N LEU C 148 -13.32 -19.08 11.48
CA LEU C 148 -13.26 -18.01 10.48
C LEU C 148 -14.36 -16.99 10.69
N GLN C 149 -14.01 -15.71 10.50
CA GLN C 149 -14.97 -14.62 10.58
C GLN C 149 -15.23 -14.21 12.02
N ASP C 150 -14.66 -14.96 12.96
CA ASP C 150 -14.62 -14.54 14.35
C ASP C 150 -13.93 -13.19 14.46
N SER C 151 -14.46 -12.33 15.32
CA SER C 151 -13.88 -11.01 15.57
C SER C 151 -12.55 -11.09 16.34
N VAL C 152 -11.61 -10.21 16.00
CA VAL C 152 -10.32 -10.19 16.67
C VAL C 152 -9.82 -8.77 16.81
N THR C 153 -9.18 -8.50 17.94
CA THR C 153 -8.50 -7.23 18.15
C THR C 153 -7.06 -7.46 18.58
N VAL C 154 -6.14 -6.76 17.93
CA VAL C 154 -4.73 -6.81 18.30
C VAL C 154 -4.35 -5.58 19.14
N VAL C 155 -3.62 -5.83 20.23
CA VAL C 155 -3.20 -4.78 21.15
C VAL C 155 -1.69 -4.78 21.29
N GLY C 156 -1.10 -3.60 21.28
CA GLY C 156 0.34 -3.49 21.37
C GLY C 156 0.81 -2.06 21.24
N TYR C 157 2.12 -1.88 21.08
CA TYR C 157 2.71 -0.56 20.99
C TYR C 157 3.35 -0.29 19.64
N PRO C 158 2.80 0.66 18.88
CA PRO C 158 3.38 0.92 17.57
C PRO C 158 4.76 1.54 17.74
N LEU C 159 5.55 1.52 16.67
CA LEU C 159 6.80 2.26 16.65
C LEU C 159 6.47 3.75 16.72
N GLY C 160 7.08 4.42 17.70
CA GLY C 160 6.92 5.84 17.88
C GLY C 160 5.71 6.20 18.72
N GLY C 161 5.82 7.29 19.47
CA GLY C 161 4.70 7.82 20.24
C GLY C 161 4.53 7.30 21.66
N ASP C 162 5.06 6.11 21.93
CA ASP C 162 4.93 5.54 23.26
C ASP C 162 3.50 5.57 23.82
N THR C 163 2.52 5.15 23.02
CA THR C 163 1.15 4.93 23.50
C THR C 163 0.56 3.65 22.90
N ILE C 164 -0.28 2.97 23.67
CA ILE C 164 -0.82 1.68 23.24
C ILE C 164 -1.83 1.81 22.09
N SER C 165 -1.95 0.74 21.31
CA SER C 165 -2.78 0.78 20.11
C SER C 165 -3.66 -0.46 19.98
N VAL C 166 -4.70 -0.33 19.18
CA VAL C 166 -5.73 -1.33 19.03
C VAL C 166 -6.17 -1.39 17.57
N THR C 167 -6.26 -2.58 17.00
CA THR C 167 -6.92 -2.72 15.70
C THR C 167 -7.89 -3.89 15.69
N LYS C 168 -8.98 -3.74 14.95
CA LYS C 168 -10.00 -4.78 14.91
C LYS C 168 -10.21 -5.30 13.50
N GLY C 169 -10.52 -6.60 13.43
CA GLY C 169 -10.67 -7.32 12.18
C GLY C 169 -11.39 -8.63 12.45
N VAL C 170 -11.35 -9.54 11.48
CA VAL C 170 -11.87 -10.87 11.71
C VAL C 170 -10.79 -11.86 11.36
N VAL C 171 -11.08 -13.13 11.57
CA VAL C 171 -10.10 -14.15 11.26
C VAL C 171 -10.37 -14.58 9.82
N SER C 172 -9.45 -14.19 8.95
CA SER C 172 -9.56 -14.42 7.52
C SER C 172 -9.10 -15.80 7.11
N ARG C 173 -8.01 -16.26 7.71
CA ARG C 173 -7.43 -17.53 7.27
C ARG C 173 -6.77 -18.31 8.40
N ILE C 174 -6.89 -19.63 8.31
CA ILE C 174 -6.18 -20.52 9.20
C ILE C 174 -5.52 -21.62 8.38
N GLU C 175 -4.20 -21.66 8.37
CA GLU C 175 -3.50 -22.64 7.55
C GLU C 175 -2.04 -22.77 7.93
N VAL C 176 -1.36 -23.74 7.31
CA VAL C 176 0.06 -23.94 7.53
C VAL C 176 0.84 -22.83 6.84
N THR C 177 1.79 -22.24 7.54
CA THR C 177 2.51 -21.09 7.03
C THR C 177 4.01 -21.18 7.35
N SER C 178 4.80 -20.33 6.72
CA SER C 178 6.25 -20.32 6.94
C SER C 178 6.62 -19.58 8.22
N TYR C 179 7.42 -20.22 9.06
CA TYR C 179 7.98 -19.61 10.26
C TYR C 179 9.51 -19.61 10.19
N ALA C 180 10.14 -18.75 10.97
CA ALA C 180 11.59 -18.78 11.14
C ALA C 180 12.34 -18.83 9.81
N HIS C 181 12.27 -17.72 9.08
CA HIS C 181 12.90 -17.64 7.76
C HIS C 181 12.53 -18.90 7.01
N GLY C 182 13.54 -19.64 6.55
CA GLY C 182 13.28 -20.82 5.77
C GLY C 182 12.49 -21.90 6.49
N SER C 183 12.99 -22.40 7.61
CA SER C 183 12.31 -23.57 8.18
C SER C 183 11.63 -23.40 9.53
N SER C 184 10.30 -23.33 9.44
CA SER C 184 9.39 -24.05 10.31
C SER C 184 8.08 -24.03 9.55
N ASP C 185 7.18 -24.97 9.81
CA ASP C 185 5.84 -24.89 9.24
C ASP C 185 4.80 -25.25 10.27
N LEU C 186 3.94 -24.28 10.58
CA LEU C 186 2.96 -24.47 11.63
C LEU C 186 1.62 -23.88 11.26
N LEU C 187 0.61 -24.22 12.04
CA LEU C 187 -0.67 -23.56 11.96
C LEU C 187 -0.43 -22.08 12.19
N GLY C 188 -1.16 -21.24 11.48
CA GLY C 188 -1.02 -19.81 11.64
C GLY C 188 -2.36 -19.18 11.33
N ILE C 189 -2.57 -17.97 11.84
CA ILE C 189 -3.82 -17.28 11.67
C ILE C 189 -3.54 -15.99 10.93
N GLN C 190 -4.34 -15.71 9.90
CA GLN C 190 -4.27 -14.42 9.23
C GLN C 190 -5.48 -13.64 9.68
N ILE C 191 -5.31 -12.34 9.89
CA ILE C 191 -6.45 -11.52 10.26
C ILE C 191 -6.70 -10.39 9.27
N ASP C 192 -7.94 -9.93 9.32
CA ASP C 192 -8.48 -8.88 8.46
C ASP C 192 -7.63 -7.62 8.54
N ALA C 193 -7.05 -7.37 9.70
CA ALA C 193 -6.39 -6.10 10.00
C ALA C 193 -4.86 -6.17 9.91
N ALA C 194 -4.24 -5.09 9.41
CA ALA C 194 -2.78 -5.01 9.38
C ALA C 194 -2.20 -4.64 10.74
N ILE C 195 -0.96 -5.07 10.98
CA ILE C 195 -0.35 -4.95 12.29
C ILE C 195 0.93 -4.15 12.21
N ASN C 196 1.05 -3.12 13.04
CA ASN C 196 2.29 -2.36 13.14
C ASN C 196 3.40 -3.25 13.69
N PRO C 197 4.61 -3.16 13.12
CA PRO C 197 5.73 -4.00 13.53
C PRO C 197 6.06 -3.89 15.03
N GLY C 198 5.74 -2.74 15.63
CA GLY C 198 5.91 -2.62 17.06
C GLY C 198 4.87 -3.41 17.82
N ASN C 199 3.83 -3.87 17.12
CA ASN C 199 2.71 -4.52 17.77
C ASN C 199 2.88 -6.02 17.98
N SER C 200 3.86 -6.63 17.32
CA SER C 200 4.25 -7.97 17.72
C SER C 200 5.14 -7.69 18.91
N GLY C 201 5.12 -8.47 19.98
CA GLY C 201 4.41 -9.73 20.20
C GLY C 201 3.13 -9.61 21.02
N GLY C 202 2.47 -8.46 20.98
CA GLY C 202 1.24 -8.26 21.72
C GLY C 202 0.17 -9.28 21.42
N PRO C 203 -0.83 -9.38 22.30
CA PRO C 203 -1.90 -10.37 22.24
C PRO C 203 -2.93 -10.07 21.15
N ALA C 204 -3.48 -11.11 20.53
CA ALA C 204 -4.68 -10.96 19.69
C ALA C 204 -5.88 -11.58 20.42
N PHE C 205 -6.99 -10.83 20.50
CA PHE C 205 -8.08 -11.17 21.41
C PHE C 205 -9.34 -11.74 20.78
N ASN C 206 -9.98 -12.64 21.52
CA ASN C 206 -11.32 -13.13 21.25
C ASN C 206 -12.26 -11.97 21.52
N ASP C 207 -13.55 -12.16 21.28
CA ASP C 207 -14.52 -11.15 21.67
C ASP C 207 -14.87 -11.27 23.15
N GLN C 208 -14.56 -12.42 23.73
CA GLN C 208 -14.77 -12.65 25.15
C GLN C 208 -13.53 -12.28 25.96
N GLY C 209 -12.52 -11.76 25.27
CA GLY C 209 -11.36 -11.26 25.98
C GLY C 209 -10.29 -12.30 26.23
N GLU C 210 -10.42 -13.46 25.62
CA GLU C 210 -9.35 -14.45 25.68
C GLU C 210 -8.26 -14.12 24.65
N CYS C 211 -7.04 -14.54 24.94
CA CYS C 211 -5.97 -14.39 23.97
C CYS C 211 -6.01 -15.58 23.05
N ILE C 212 -6.27 -15.31 21.78
CA ILE C 212 -6.31 -16.35 20.76
C ILE C 212 -4.98 -16.48 20.04
N GLY C 213 -4.01 -15.64 20.42
CA GLY C 213 -2.66 -15.83 19.95
C GLY C 213 -1.75 -14.61 19.98
N VAL C 214 -0.58 -14.76 19.38
CA VAL C 214 0.45 -13.74 19.39
C VAL C 214 0.62 -13.07 18.03
N ALA C 215 0.52 -11.75 18.00
CA ALA C 215 0.68 -10.97 16.78
C ALA C 215 2.15 -11.01 16.32
N PHE C 216 2.37 -11.23 15.03
CA PHE C 216 3.72 -11.30 14.48
C PHE C 216 3.94 -10.36 13.29
N GLN C 217 4.82 -9.36 13.44
CA GLN C 217 5.24 -8.53 12.31
C GLN C 217 6.74 -8.25 12.31
N VAL C 218 7.44 -8.66 11.26
CA VAL C 218 8.91 -8.58 11.21
C VAL C 218 9.54 -7.17 11.18
N TYR C 219 8.96 -6.26 10.40
CA TYR C 219 9.55 -4.94 10.19
C TYR C 219 10.79 -5.03 9.32
N GLU C 225 -0.59 -4.71 1.73
CA GLU C 225 -1.00 -5.75 2.67
C GLU C 225 -2.42 -5.55 3.20
N ASN C 226 -2.53 -4.95 4.38
CA ASN C 226 -3.74 -5.03 5.19
C ASN C 226 -4.04 -6.49 5.54
N ILE C 227 -2.98 -7.22 5.87
CA ILE C 227 -3.11 -8.59 6.31
C ILE C 227 -2.31 -8.79 7.61
N GLY C 228 -2.99 -9.33 8.62
CA GLY C 228 -2.33 -9.63 9.88
C GLY C 228 -1.85 -11.07 9.97
N TYR C 229 -0.84 -11.30 10.81
CA TYR C 229 -0.39 -12.64 11.13
C TYR C 229 -0.38 -12.88 12.64
N VAL C 230 -0.95 -14.00 13.04
CA VAL C 230 -1.10 -14.32 14.45
C VAL C 230 -0.65 -15.75 14.73
N ILE C 231 0.27 -15.89 15.67
CA ILE C 231 0.72 -17.20 16.10
C ILE C 231 -0.29 -17.76 17.09
N PRO C 232 -0.95 -18.86 16.73
CA PRO C 232 -2.08 -19.43 17.49
C PRO C 232 -1.71 -19.99 18.86
N THR C 233 -2.71 -20.06 19.73
CA THR C 233 -2.57 -20.60 21.08
C THR C 233 -2.05 -22.02 21.08
N THR C 234 -2.51 -22.81 20.11
CA THR C 234 -2.08 -24.20 20.01
C THR C 234 -0.56 -24.28 19.88
N VAL C 235 0.04 -23.28 19.22
CA VAL C 235 1.50 -23.19 19.08
C VAL C 235 2.12 -22.71 20.38
N VAL C 236 1.45 -21.77 21.05
CA VAL C 236 1.95 -21.24 22.31
C VAL C 236 1.93 -22.31 23.40
N SER C 237 0.85 -23.08 23.45
CA SER C 237 0.77 -24.23 24.33
C SER C 237 1.94 -25.16 24.07
N HIS C 238 2.09 -25.58 22.82
CA HIS C 238 3.16 -26.50 22.46
C HIS C 238 4.46 -25.96 23.00
N PHE C 239 4.75 -24.72 22.68
CA PHE C 239 5.93 -24.05 23.21
C PHE C 239 5.97 -24.20 24.73
N LEU C 240 4.87 -23.88 25.39
CA LEU C 240 4.82 -23.95 26.85
C LEU C 240 4.99 -25.38 27.39
N THR C 241 4.28 -26.35 26.84
CA THR C 241 4.40 -27.72 27.35
C THR C 241 5.69 -28.41 26.88
N ASP C 242 6.41 -27.78 25.95
CA ASP C 242 7.73 -28.26 25.53
C ASP C 242 8.76 -27.88 26.58
N TYR C 243 8.66 -26.64 27.05
CA TYR C 243 9.57 -26.08 28.04
C TYR C 243 9.23 -26.54 29.47
N GLU C 244 8.02 -27.07 29.63
CA GLU C 244 7.56 -27.56 30.93
C GLU C 244 8.42 -28.72 31.39
N ARG C 245 8.59 -29.69 30.50
CA ARG C 245 9.59 -30.75 30.64
C ARG C 245 10.90 -30.23 30.07
N ASN C 246 11.96 -31.02 30.17
CA ASN C 246 13.20 -30.72 29.47
C ASN C 246 13.92 -29.48 29.97
N GLY C 247 13.23 -28.66 30.76
CA GLY C 247 13.81 -27.43 31.26
C GLY C 247 14.15 -26.40 30.18
N LYS C 248 13.78 -26.68 28.94
CA LYS C 248 14.20 -25.84 27.83
C LYS C 248 13.60 -26.30 26.50
N TYR C 249 13.79 -25.50 25.46
CA TYR C 249 13.04 -25.71 24.23
C TYR C 249 13.77 -26.62 23.26
N THR C 250 13.22 -27.81 23.08
CA THR C 250 13.72 -28.76 22.09
C THR C 250 13.19 -28.50 20.68
N GLY C 251 11.95 -28.03 20.60
CA GLY C 251 11.38 -27.62 19.33
C GLY C 251 10.45 -28.60 18.63
N TYR C 252 9.79 -28.11 17.59
CA TYR C 252 8.87 -28.92 16.78
C TYR C 252 9.60 -29.97 15.97
N PRO C 253 9.04 -31.17 15.89
CA PRO C 253 9.67 -32.30 15.20
C PRO C 253 9.29 -32.36 13.71
N CYS C 254 9.85 -33.34 13.01
CA CYS C 254 9.50 -33.59 11.62
C CYS C 254 9.67 -35.06 11.21
N LEU C 255 9.00 -35.43 10.13
CA LEU C 255 9.09 -36.77 9.60
C LEU C 255 10.39 -36.98 8.83
N GLY C 256 10.89 -35.90 8.23
CA GLY C 256 12.16 -35.94 7.50
C GLY C 256 12.03 -36.61 6.15
N VAL C 257 11.00 -36.22 5.40
CA VAL C 257 10.69 -36.95 4.18
C VAL C 257 10.20 -35.98 3.10
N LEU C 258 10.69 -36.16 1.87
CA LEU C 258 10.23 -35.33 0.76
C LEU C 258 9.11 -36.07 0.05
N LEU C 259 8.00 -35.39 -0.20
CA LEU C 259 6.80 -36.08 -0.66
C LEU C 259 6.30 -35.60 -2.01
N GLN C 260 5.73 -36.51 -2.80
CA GLN C 260 5.10 -36.10 -4.05
C GLN C 260 3.59 -36.35 -3.98
N LYS C 261 2.83 -35.46 -4.62
CA LYS C 261 1.38 -35.65 -4.72
C LYS C 261 1.10 -36.53 -5.92
N LEU C 262 0.19 -37.49 -5.79
CA LEU C 262 -0.23 -38.21 -6.98
C LEU C 262 -1.64 -37.79 -7.36
N GLU C 263 -1.73 -36.94 -8.38
CA GLU C 263 -3.01 -36.50 -8.92
CA GLU C 263 -3.02 -36.51 -8.92
C GLU C 263 -3.37 -37.25 -10.21
N ASN C 264 -2.44 -38.08 -10.68
CA ASN C 264 -2.61 -38.73 -11.97
C ASN C 264 -3.12 -40.15 -11.84
N PRO C 265 -4.23 -40.46 -12.54
CA PRO C 265 -4.79 -41.81 -12.52
C PRO C 265 -3.75 -42.87 -12.90
N ALA C 266 -2.98 -42.63 -13.96
CA ALA C 266 -2.00 -43.60 -14.39
C ALA C 266 -0.92 -43.79 -13.33
N LEU C 267 -0.44 -42.68 -12.79
CA LEU C 267 0.62 -42.73 -11.80
C LEU C 267 0.19 -43.60 -10.63
N ARG C 268 -1.01 -43.32 -10.12
CA ARG C 268 -1.58 -44.11 -9.04
C ARG C 268 -1.66 -45.60 -9.34
N GLU C 269 -2.14 -45.94 -10.54
CA GLU C 269 -2.31 -47.34 -10.90
C GLU C 269 -0.96 -48.05 -11.02
N CYS C 270 0.06 -47.33 -11.49
CA CYS C 270 1.40 -47.88 -11.63
C CYS C 270 2.02 -48.23 -10.28
N LEU C 271 1.71 -47.42 -9.27
CA LEU C 271 2.19 -47.66 -7.92
C LEU C 271 1.27 -48.61 -7.18
N LYS C 272 0.16 -48.95 -7.82
CA LYS C 272 -0.85 -49.83 -7.23
C LYS C 272 -1.43 -49.23 -5.96
N VAL C 273 -1.82 -47.96 -6.04
CA VAL C 273 -2.41 -47.27 -4.91
C VAL C 273 -3.81 -46.78 -5.21
N PRO C 274 -4.81 -47.63 -5.01
CA PRO C 274 -6.14 -47.03 -4.93
C PRO C 274 -6.38 -46.69 -3.46
N THR C 275 -7.49 -46.03 -3.15
CA THR C 275 -8.29 -45.35 -4.16
C THR C 275 -8.16 -43.87 -3.85
N ASN C 276 -7.54 -43.13 -4.76
CA ASN C 276 -7.35 -41.68 -4.58
C ASN C 276 -6.88 -41.30 -3.17
N GLU C 277 -5.63 -41.61 -2.87
CA GLU C 277 -5.05 -41.34 -1.55
C GLU C 277 -3.58 -41.70 -1.56
N GLY C 278 -2.84 -41.18 -0.58
CA GLY C 278 -1.42 -41.44 -0.50
C GLY C 278 -0.50 -40.44 -1.19
N VAL C 279 0.71 -40.35 -0.67
CA VAL C 279 1.72 -39.49 -1.26
C VAL C 279 3.02 -40.26 -1.45
N LEU C 280 3.73 -39.99 -2.54
CA LEU C 280 4.95 -40.73 -2.84
C LEU C 280 6.17 -40.16 -2.13
N VAL C 281 7.03 -41.04 -1.64
CA VAL C 281 8.22 -40.59 -0.94
C VAL C 281 9.41 -40.48 -1.91
N ARG C 282 9.80 -39.23 -2.16
CA ARG C 282 10.92 -38.92 -3.02
C ARG C 282 12.28 -38.98 -2.32
N ARG C 283 12.35 -38.48 -1.09
CA ARG C 283 13.60 -38.46 -0.34
C ARG C 283 13.40 -38.67 1.17
N VAL C 284 14.45 -39.14 1.83
CA VAL C 284 14.41 -39.42 3.26
C VAL C 284 15.69 -38.88 3.90
N GLU C 285 15.55 -38.03 4.91
CA GLU C 285 16.70 -37.46 5.59
C GLU C 285 17.45 -38.47 6.44
N PRO C 286 18.78 -38.51 6.29
CA PRO C 286 19.70 -39.41 7.00
C PRO C 286 19.76 -39.24 8.52
N THR C 287 19.42 -38.06 9.03
CA THR C 287 19.53 -37.82 10.47
C THR C 287 18.25 -38.19 11.22
N SER C 288 17.21 -38.53 10.46
CA SER C 288 15.91 -38.84 11.01
C SER C 288 15.73 -40.35 11.15
N ASP C 289 15.07 -40.77 12.23
CA ASP C 289 14.80 -42.17 12.45
C ASP C 289 14.10 -42.75 11.22
N ALA C 290 13.46 -41.88 10.46
CA ALA C 290 12.76 -42.31 9.25
C ALA C 290 13.66 -43.07 8.29
N SER C 291 14.95 -42.74 8.29
CA SER C 291 15.93 -43.39 7.41
C SER C 291 15.93 -44.91 7.57
N LYS C 292 15.82 -45.37 8.81
CA LYS C 292 15.85 -46.80 9.11
C LYS C 292 14.56 -47.52 8.68
N VAL C 293 13.47 -46.79 8.59
CA VAL C 293 12.15 -47.39 8.41
C VAL C 293 11.55 -47.14 7.01
N LEU C 294 11.32 -45.88 6.69
CA LEU C 294 10.84 -45.50 5.35
C LEU C 294 11.94 -45.55 4.29
N LYS C 295 11.51 -45.61 3.03
CA LYS C 295 12.45 -45.58 1.90
C LYS C 295 11.80 -44.97 0.66
N GLU C 296 12.62 -44.53 -0.27
CA GLU C 296 12.12 -43.94 -1.52
C GLU C 296 11.19 -44.93 -2.20
N GLY C 297 10.11 -44.44 -2.79
CA GLY C 297 9.16 -45.30 -3.46
C GLY C 297 8.16 -45.94 -2.51
N ASP C 298 7.97 -45.32 -1.36
CA ASP C 298 6.91 -45.72 -0.45
C ASP C 298 5.78 -44.71 -0.56
N VAL C 299 4.58 -45.20 -0.82
CA VAL C 299 3.42 -44.33 -0.71
C VAL C 299 3.03 -44.37 0.74
N ILE C 300 2.88 -43.21 1.36
CA ILE C 300 2.40 -43.18 2.74
C ILE C 300 0.91 -42.90 2.69
N VAL C 301 0.15 -43.69 3.46
CA VAL C 301 -1.30 -43.73 3.36
C VAL C 301 -1.95 -43.28 4.66
N SER C 302 -1.70 -44.01 5.73
CA SER C 302 -2.16 -43.65 7.05
C SER C 302 -1.12 -42.76 7.74
N PHE C 303 -1.58 -41.79 8.53
CA PHE C 303 -0.73 -41.20 9.56
C PHE C 303 -1.46 -41.24 10.90
N ASP C 304 -0.95 -42.02 11.84
CA ASP C 304 -1.60 -42.21 13.12
C ASP C 304 -3.09 -42.46 12.96
N ASP C 305 -3.44 -43.41 12.10
CA ASP C 305 -4.83 -43.76 11.85
C ASP C 305 -5.62 -42.57 11.27
N LEU C 306 -5.04 -41.92 10.27
CA LEU C 306 -5.72 -40.88 9.51
C LEU C 306 -5.35 -40.96 8.03
N HIS C 307 -6.34 -40.95 7.14
CA HIS C 307 -6.07 -41.15 5.72
C HIS C 307 -5.53 -39.91 5.03
N VAL C 308 -4.41 -40.08 4.33
CA VAL C 308 -3.75 -39.01 3.59
C VAL C 308 -4.13 -39.03 2.10
N GLY C 309 -4.77 -37.96 1.63
CA GLY C 309 -5.31 -37.92 0.29
C GLY C 309 -4.30 -37.87 -0.84
N CYS C 310 -4.80 -37.85 -2.07
CA CYS C 310 -3.97 -37.75 -3.27
C CYS C 310 -3.09 -36.51 -3.20
N GLU C 311 -3.74 -35.36 -3.02
CA GLU C 311 -3.02 -34.13 -2.72
C GLU C 311 -2.56 -34.32 -1.28
N GLY C 312 -1.84 -33.36 -0.72
CA GLY C 312 -1.21 -33.58 0.57
C GLY C 312 -2.13 -33.45 1.77
N THR C 313 -3.44 -33.38 1.52
CA THR C 313 -4.41 -32.93 2.52
C THR C 313 -4.84 -33.96 3.58
N VAL C 314 -5.72 -33.53 4.47
CA VAL C 314 -6.10 -34.25 5.68
C VAL C 314 -7.21 -33.43 6.34
N PRO C 315 -8.25 -34.09 6.87
CA PRO C 315 -9.53 -33.38 7.15
C PRO C 315 -9.44 -32.20 8.13
N PHE C 316 -8.80 -32.39 9.28
CA PHE C 316 -8.54 -31.29 10.21
C PHE C 316 -9.76 -30.78 10.99
N ARG C 317 -10.96 -31.19 10.58
CA ARG C 317 -12.15 -30.38 10.84
C ARG C 317 -13.40 -31.03 10.25
N SER C 318 -14.54 -30.36 10.39
CA SER C 318 -15.79 -30.89 9.89
C SER C 318 -15.72 -30.87 8.36
N SER C 319 -15.66 -29.69 7.75
CA SER C 319 -15.14 -29.64 6.38
C SER C 319 -14.02 -28.61 6.28
N GLU C 320 -12.78 -29.09 6.14
CA GLU C 320 -11.61 -28.23 6.06
C GLU C 320 -10.62 -28.58 4.95
N ARG C 321 -10.04 -29.78 5.07
CA ARG C 321 -8.88 -30.19 4.28
C ARG C 321 -7.60 -29.35 4.49
N ILE C 322 -6.97 -29.53 5.66
CA ILE C 322 -5.64 -28.97 5.96
C ILE C 322 -4.54 -29.73 5.22
N ALA C 323 -3.28 -29.34 5.43
CA ALA C 323 -2.16 -30.04 4.79
C ALA C 323 -1.47 -30.99 5.76
N PHE C 324 -0.97 -32.10 5.22
CA PHE C 324 -0.44 -33.23 5.98
C PHE C 324 0.54 -32.84 7.09
N ARG C 325 1.40 -31.87 6.81
CA ARG C 325 2.39 -31.43 7.79
C ARG C 325 1.76 -31.02 9.11
N TYR C 326 0.49 -30.64 9.07
CA TYR C 326 -0.18 -30.18 10.28
C TYR C 326 -0.19 -31.23 11.37
N LEU C 327 -0.23 -32.50 10.96
CA LEU C 327 -0.32 -33.60 11.91
C LEU C 327 1.00 -33.85 12.60
N ILE C 328 2.08 -33.65 11.86
CA ILE C 328 3.40 -33.87 12.38
C ILE C 328 3.79 -32.75 13.34
N SER C 329 3.21 -31.58 13.12
CA SER C 329 3.56 -30.40 13.91
C SER C 329 3.01 -30.48 15.32
N GLN C 330 1.88 -31.17 15.49
CA GLN C 330 1.25 -31.20 16.79
C GLN C 330 1.75 -32.34 17.69
N LYS C 331 2.68 -33.15 17.16
CA LYS C 331 3.35 -34.14 17.99
C LYS C 331 4.50 -33.46 18.74
N PHE C 332 5.30 -34.24 19.44
CA PHE C 332 6.44 -33.70 20.19
C PHE C 332 7.73 -34.46 19.89
N ALA C 333 8.88 -33.86 20.25
CA ALA C 333 10.16 -34.53 20.07
C ALA C 333 10.17 -35.84 20.85
N GLY C 334 10.47 -36.94 20.16
CA GLY C 334 10.50 -38.25 20.78
C GLY C 334 9.24 -39.08 20.57
N ASP C 335 8.20 -38.44 20.03
CA ASP C 335 6.94 -39.13 19.78
C ASP C 335 7.11 -40.19 18.68
N ILE C 336 6.25 -41.19 18.71
CA ILE C 336 6.26 -42.21 17.68
C ILE C 336 5.05 -42.03 16.77
N ALA C 337 5.22 -42.33 15.49
CA ALA C 337 4.14 -42.14 14.53
C ALA C 337 3.78 -43.45 13.86
N GLU C 338 2.54 -43.55 13.39
CA GLU C 338 2.05 -44.74 12.73
C GLU C 338 1.82 -44.43 11.26
N ILE C 339 2.64 -45.02 10.38
CA ILE C 339 2.52 -44.69 8.97
C ILE C 339 2.03 -45.88 8.17
N GLY C 340 0.81 -45.81 7.66
CA GLY C 340 0.38 -46.75 6.65
C GLY C 340 1.08 -46.47 5.34
N ILE C 341 1.75 -47.48 4.76
CA ILE C 341 2.43 -47.30 3.48
C ILE C 341 2.16 -48.46 2.53
N ILE C 342 2.54 -48.25 1.27
CA ILE C 342 2.50 -49.29 0.26
C ILE C 342 3.90 -49.38 -0.36
N ARG C 343 4.45 -50.58 -0.50
CA ARG C 343 5.80 -50.68 -1.04
C ARG C 343 5.76 -51.06 -2.51
N ALA C 344 5.52 -52.34 -2.80
CA ALA C 344 5.07 -52.70 -4.12
C ALA C 344 3.74 -53.41 -3.94
N GLY C 345 2.65 -52.74 -4.31
CA GLY C 345 1.34 -53.36 -4.33
C GLY C 345 0.95 -53.91 -2.98
N GLU C 346 1.77 -53.62 -1.97
CA GLU C 346 1.69 -54.31 -0.68
C GLU C 346 1.61 -53.34 0.48
N HIS C 347 0.58 -53.48 1.31
CA HIS C 347 0.35 -52.58 2.44
C HIS C 347 1.20 -52.94 3.66
N LYS C 348 1.58 -51.92 4.43
CA LYS C 348 2.31 -52.14 5.67
C LYS C 348 2.16 -50.96 6.64
N LYS C 349 2.44 -51.20 7.91
CA LYS C 349 2.42 -50.16 8.93
C LYS C 349 3.79 -50.10 9.58
N VAL C 350 4.22 -48.90 9.95
CA VAL C 350 5.59 -48.70 10.43
C VAL C 350 5.72 -47.55 11.42
N GLN C 351 6.66 -47.68 12.35
CA GLN C 351 6.86 -46.69 13.41
C GLN C 351 8.10 -45.83 13.16
N VAL C 352 7.95 -44.53 13.39
CA VAL C 352 9.06 -43.60 13.26
C VAL C 352 9.12 -42.66 14.46
N VAL C 353 10.30 -42.49 15.03
CA VAL C 353 10.47 -41.54 16.13
C VAL C 353 10.68 -40.15 15.55
N LEU C 354 9.77 -39.25 15.87
CA LEU C 354 9.82 -37.89 15.33
C LEU C 354 10.81 -37.02 16.10
N ARG C 355 11.70 -36.37 15.37
CA ARG C 355 12.67 -35.47 15.99
C ARG C 355 12.64 -34.10 15.31
N PRO C 356 13.15 -33.08 16.01
CA PRO C 356 13.25 -31.76 15.38
C PRO C 356 14.23 -31.81 14.20
N ARG C 357 13.97 -31.04 13.15
CA ARG C 357 14.80 -31.09 11.95
C ARG C 357 16.26 -30.73 12.22
N VAL C 358 17.18 -31.56 11.74
CA VAL C 358 18.61 -31.24 11.83
C VAL C 358 19.10 -30.45 10.60
N HIS C 359 19.54 -29.22 10.82
CA HIS C 359 19.92 -28.32 9.72
C HIS C 359 21.40 -28.32 9.39
N LEU C 360 21.72 -28.54 8.13
CA LEU C 360 23.09 -28.47 7.66
C LEU C 360 23.58 -27.03 7.76
N VAL C 361 22.80 -26.10 7.22
CA VAL C 361 23.13 -24.70 7.36
C VAL C 361 22.11 -24.00 8.25
N PRO C 362 22.50 -23.68 9.49
CA PRO C 362 21.56 -23.17 10.50
C PRO C 362 21.12 -21.72 10.28
N TYR C 363 19.84 -21.43 10.54
CA TYR C 363 19.33 -20.06 10.62
C TYR C 363 19.52 -19.55 12.03
N HIS C 364 19.77 -20.48 12.95
CA HIS C 364 19.74 -20.24 14.39
C HIS C 364 20.73 -19.18 14.87
N ILE C 365 21.99 -19.37 14.50
CA ILE C 365 23.13 -18.56 14.96
C ILE C 365 23.65 -19.01 16.32
N ASP C 366 22.86 -19.83 17.01
CA ASP C 366 23.22 -20.40 18.31
C ASP C 366 23.52 -19.37 19.41
N GLY C 367 23.01 -18.16 19.25
CA GLY C 367 23.26 -17.09 20.20
C GLY C 367 24.74 -16.79 20.29
N GLY C 368 25.13 -15.96 21.26
CA GLY C 368 26.53 -15.72 21.55
C GLY C 368 27.40 -15.37 20.36
N GLN C 369 28.67 -15.78 20.41
CA GLN C 369 29.56 -15.73 19.26
C GLN C 369 29.54 -17.06 18.51
N PRO C 370 29.56 -17.00 17.16
CA PRO C 370 29.74 -18.17 16.29
C PRO C 370 31.19 -18.66 16.26
N SER C 371 31.42 -19.91 15.84
CA SER C 371 32.76 -20.50 15.87
C SER C 371 33.72 -19.87 14.86
N TYR C 372 35.01 -19.91 15.18
CA TYR C 372 36.04 -19.40 14.26
C TYR C 372 37.40 -20.03 14.52
N ILE C 373 38.31 -19.90 13.54
CA ILE C 373 39.59 -20.60 13.55
C ILE C 373 40.88 -19.76 13.39
N ILE C 374 41.02 -19.00 12.30
CA ILE C 374 42.34 -18.52 11.84
C ILE C 374 43.25 -19.67 11.34
N VAL C 375 44.40 -19.95 11.95
CA VAL C 375 45.44 -20.68 11.21
C VAL C 375 46.12 -19.91 10.07
N ALA C 376 47.00 -18.99 10.48
CA ALA C 376 47.91 -18.30 9.58
C ALA C 376 47.17 -17.44 8.60
N GLY C 377 46.26 -16.63 9.14
CA GLY C 377 45.58 -15.63 8.33
C GLY C 377 44.38 -16.19 7.60
N LEU C 378 44.19 -17.50 7.66
CA LEU C 378 43.06 -18.11 6.97
C LEU C 378 41.91 -18.19 7.97
N VAL C 379 40.85 -17.43 7.75
CA VAL C 379 39.76 -17.40 8.73
C VAL C 379 38.69 -18.44 8.38
N PHE C 380 38.36 -19.29 9.34
CA PHE C 380 37.41 -20.37 9.13
C PHE C 380 36.20 -20.23 10.04
N THR C 381 35.03 -20.07 9.44
CA THR C 381 33.77 -20.13 10.20
C THR C 381 32.78 -21.06 9.49
N PRO C 382 31.82 -21.59 10.25
CA PRO C 382 30.79 -22.42 9.61
C PRO C 382 29.87 -21.59 8.75
N LEU C 383 29.36 -22.19 7.68
CA LEU C 383 28.36 -21.53 6.85
C LEU C 383 27.08 -21.40 7.66
N SER C 384 26.45 -20.22 7.60
CA SER C 384 25.19 -20.02 8.28
C SER C 384 24.36 -19.00 7.52
N GLU C 385 23.05 -19.17 7.53
CA GLU C 385 22.17 -18.26 6.81
C GLU C 385 22.39 -16.77 7.18
N PRO C 386 22.65 -16.46 8.46
CA PRO C 386 22.89 -15.05 8.79
C PRO C 386 24.15 -14.54 8.11
N LEU C 387 25.18 -15.38 8.04
CA LEU C 387 26.38 -15.06 7.30
C LEU C 387 26.07 -14.80 5.82
N ILE C 388 25.27 -15.69 5.22
CA ILE C 388 24.89 -15.53 3.83
C ILE C 388 24.15 -14.21 3.62
N GLU C 389 23.31 -13.85 4.58
CA GLU C 389 22.57 -12.60 4.54
C GLU C 389 23.47 -11.39 4.76
N GLU C 390 24.52 -11.56 5.57
CA GLU C 390 25.47 -10.48 5.82
C GLU C 390 26.30 -10.19 4.58
N GLU C 391 26.47 -11.19 3.73
CA GLU C 391 27.18 -11.04 2.47
C GLU C 391 26.19 -10.77 1.33
N CYS C 392 24.92 -10.71 1.68
CA CYS C 392 23.84 -10.40 0.73
C CYS C 392 23.89 -11.27 -0.52
N GLU C 393 23.58 -12.56 -0.38
CA GLU C 393 23.51 -13.44 -1.55
C GLU C 393 24.81 -13.42 -2.34
N ASP C 394 24.76 -12.90 -3.56
CA ASP C 394 25.91 -12.88 -4.46
C ASP C 394 27.12 -12.27 -3.76
N THR C 395 28.31 -12.71 -4.18
CA THR C 395 29.53 -12.73 -3.37
C THR C 395 29.65 -14.07 -2.64
N ILE C 396 28.60 -14.89 -2.77
CA ILE C 396 28.61 -16.27 -2.29
C ILE C 396 29.06 -17.23 -3.40
N GLY C 397 28.29 -17.23 -4.47
CA GLY C 397 28.59 -18.03 -5.65
C GLY C 397 27.74 -19.28 -5.73
N LEU C 398 27.42 -19.68 -6.97
CA LEU C 398 26.41 -20.68 -7.21
C LEU C 398 26.66 -22.02 -6.51
N LYS C 399 27.88 -22.51 -6.58
CA LYS C 399 28.23 -23.76 -5.93
C LYS C 399 27.73 -23.74 -4.48
N LEU C 400 28.31 -22.86 -3.68
CA LEU C 400 27.96 -22.79 -2.26
C LEU C 400 26.48 -22.57 -2.05
N LEU C 401 25.95 -21.49 -2.61
CA LEU C 401 24.58 -21.10 -2.36
C LEU C 401 23.63 -22.28 -2.56
N THR C 402 23.86 -23.04 -3.64
CA THR C 402 23.01 -24.18 -3.92
C THR C 402 23.21 -25.33 -2.92
N LYS C 403 24.46 -25.67 -2.64
CA LYS C 403 24.75 -26.71 -1.66
C LYS C 403 23.99 -26.41 -0.38
N ALA C 404 23.83 -25.12 -0.08
CA ALA C 404 23.20 -24.68 1.16
C ALA C 404 21.68 -24.72 1.15
N ARG C 405 21.05 -24.30 0.05
CA ARG C 405 19.60 -24.24 -0.03
CA ARG C 405 19.60 -24.24 -0.02
C ARG C 405 19.00 -25.57 -0.48
N TYR C 406 19.85 -26.48 -0.91
CA TYR C 406 19.43 -27.77 -1.43
C TYR C 406 19.76 -28.93 -0.47
N SER C 407 21.06 -29.15 -0.26
CA SER C 407 21.53 -30.39 0.38
C SER C 407 21.27 -30.54 1.88
N VAL C 408 21.28 -31.79 2.33
CA VAL C 408 20.87 -32.15 3.67
C VAL C 408 22.05 -32.71 4.42
N ALA C 409 21.98 -32.68 5.74
CA ALA C 409 23.02 -33.21 6.59
C ALA C 409 23.04 -34.73 6.51
N ARG C 410 24.21 -35.28 6.22
CA ARG C 410 24.39 -36.73 6.18
C ARG C 410 24.50 -37.31 7.58
N PHE C 411 24.99 -36.51 8.51
CA PHE C 411 25.14 -36.96 9.89
C PHE C 411 25.03 -35.80 10.88
N ARG C 412 24.53 -36.11 12.07
CA ARG C 412 24.40 -35.09 13.10
C ARG C 412 25.74 -34.43 13.36
N GLY C 413 25.73 -33.10 13.43
CA GLY C 413 26.92 -32.34 13.77
C GLY C 413 27.68 -31.84 12.56
N GLU C 414 27.27 -32.28 11.38
CA GLU C 414 27.92 -31.86 10.14
C GLU C 414 27.72 -30.37 9.87
N GLN C 415 28.81 -29.69 9.54
CA GLN C 415 28.73 -28.30 9.11
C GLN C 415 29.34 -28.17 7.73
N ILE C 416 29.00 -27.09 7.04
CA ILE C 416 29.75 -26.68 5.87
C ILE C 416 30.75 -25.66 6.38
N VAL C 417 32.03 -26.02 6.38
CA VAL C 417 33.07 -25.10 6.82
C VAL C 417 33.60 -24.30 5.64
N ILE C 418 33.79 -22.99 5.84
CA ILE C 418 34.31 -22.17 4.77
C ILE C 418 35.52 -21.36 5.21
N LEU C 419 36.36 -21.02 4.25
CA LEU C 419 37.37 -20.01 4.46
C LEU C 419 36.60 -18.69 4.33
N SER C 420 36.59 -17.90 5.40
CA SER C 420 35.83 -16.67 5.39
C SER C 420 36.61 -15.72 4.52
N GLN C 421 37.77 -15.32 5.00
CA GLN C 421 38.70 -14.54 4.21
C GLN C 421 40.11 -14.84 4.69
N VAL C 422 41.09 -14.22 4.04
CA VAL C 422 42.48 -14.40 4.44
C VAL C 422 43.07 -13.09 4.94
N LEU C 423 43.70 -13.16 6.10
CA LEU C 423 44.40 -12.01 6.64
C LEU C 423 45.81 -12.00 6.09
N ALA C 424 46.17 -10.93 5.38
CA ALA C 424 47.43 -10.86 4.65
C ALA C 424 48.68 -11.12 5.49
N ASN C 425 49.64 -11.81 4.89
CA ASN C 425 50.93 -12.04 5.53
C ASN C 425 51.84 -12.85 4.61
N GLU C 426 53.14 -12.82 4.86
CA GLU C 426 54.09 -13.52 4.00
C GLU C 426 53.75 -15.01 3.85
N VAL C 427 53.37 -15.64 4.94
CA VAL C 427 53.05 -17.07 4.96
C VAL C 427 51.92 -17.44 4.00
N ASN C 428 50.90 -16.59 3.94
CA ASN C 428 49.73 -16.83 3.10
C ASN C 428 49.82 -16.24 1.69
N ILE C 429 50.98 -15.70 1.35
CA ILE C 429 51.17 -15.05 0.05
C ILE C 429 50.69 -15.96 -1.08
N GLY C 430 49.84 -15.40 -1.94
CA GLY C 430 49.18 -16.12 -3.00
C GLY C 430 47.78 -16.56 -2.60
N TYR C 431 47.55 -16.68 -1.29
CA TYR C 431 46.26 -17.10 -0.76
C TYR C 431 45.39 -15.93 -0.32
N GLU C 432 45.89 -14.71 -0.50
CA GLU C 432 45.09 -13.52 -0.24
C GLU C 432 44.06 -13.53 -1.36
N ASP C 433 43.22 -12.50 -1.49
CA ASP C 433 41.98 -12.72 -2.21
C ASP C 433 41.15 -13.79 -1.48
N MET C 434 40.99 -14.97 -2.06
CA MET C 434 39.73 -15.71 -1.97
C MET C 434 39.08 -15.81 -0.60
N ASN C 435 37.76 -15.64 -0.65
CA ASN C 435 36.88 -15.60 0.51
C ASN C 435 35.69 -16.51 0.19
N ASN C 436 34.98 -16.97 1.22
CA ASN C 436 33.79 -17.81 1.02
C ASN C 436 34.01 -19.06 0.18
N GLN C 437 34.98 -19.88 0.55
CA GLN C 437 35.19 -21.16 -0.13
C GLN C 437 35.11 -22.32 0.87
N GLN C 438 34.41 -23.38 0.47
CA GLN C 438 34.27 -24.55 1.33
C GLN C 438 35.61 -25.26 1.53
N VAL C 439 35.76 -25.83 2.72
CA VAL C 439 37.02 -26.37 3.24
C VAL C 439 37.33 -27.86 3.06
N LEU C 440 36.55 -28.58 2.26
CA LEU C 440 36.24 -29.99 2.55
C LEU C 440 37.37 -30.93 3.05
N LYS C 441 38.60 -30.83 2.56
CA LYS C 441 39.64 -31.72 3.10
C LYS C 441 40.79 -31.02 3.85
N PHE C 442 41.41 -31.73 4.78
CA PHE C 442 42.62 -31.26 5.46
C PHE C 442 43.64 -32.39 5.55
N ASN C 443 44.81 -32.20 4.95
CA ASN C 443 45.86 -33.22 4.98
C ASN C 443 45.35 -34.60 4.64
N GLY C 444 44.40 -34.66 3.71
CA GLY C 444 43.86 -35.92 3.24
C GLY C 444 42.65 -36.40 4.02
N ILE C 445 42.35 -35.71 5.12
CA ILE C 445 41.26 -36.12 5.99
C ILE C 445 40.02 -35.26 5.79
N PRO C 446 38.93 -35.87 5.31
CA PRO C 446 37.67 -35.15 5.09
C PRO C 446 37.20 -34.45 6.36
N ILE C 447 36.86 -33.17 6.25
CA ILE C 447 36.44 -32.40 7.41
C ILE C 447 34.95 -32.57 7.69
N ARG C 448 34.62 -32.98 8.92
CA ARG C 448 33.23 -33.11 9.35
C ARG C 448 32.62 -31.79 9.82
N ASN C 449 33.39 -31.01 10.57
CA ASN C 449 32.94 -29.73 11.09
C ASN C 449 34.12 -28.91 11.60
N ILE C 450 33.85 -27.71 12.09
CA ILE C 450 34.93 -26.83 12.51
C ILE C 450 35.66 -27.35 13.75
N HIS C 451 34.94 -28.09 14.58
CA HIS C 451 35.52 -28.68 15.78
C HIS C 451 36.44 -29.81 15.34
N HIS C 452 35.99 -30.57 14.35
CA HIS C 452 36.80 -31.63 13.76
C HIS C 452 38.08 -31.06 13.19
N LEU C 453 37.95 -30.06 12.32
CA LEU C 453 39.11 -29.45 11.69
C LEU C 453 40.08 -28.94 12.75
N ALA C 454 39.58 -28.14 13.69
CA ALA C 454 40.43 -27.59 14.75
C ALA C 454 41.24 -28.68 15.46
N HIS C 455 40.60 -29.77 15.84
CA HIS C 455 41.28 -30.90 16.45
C HIS C 455 42.41 -31.36 15.55
N LEU C 456 42.13 -31.47 14.26
CA LEU C 456 43.12 -31.97 13.31
C LEU C 456 44.36 -31.09 13.25
N ILE C 457 44.18 -29.79 13.48
CA ILE C 457 45.31 -28.87 13.45
C ILE C 457 46.19 -28.99 14.69
N ASP C 458 45.57 -28.98 15.87
CA ASP C 458 46.29 -29.09 17.13
C ASP C 458 47.20 -30.31 17.08
N MET C 459 46.68 -31.38 16.49
CA MET C 459 47.35 -32.68 16.47
C MET C 459 48.26 -32.87 15.26
N CYS C 460 48.42 -31.83 14.44
CA CYS C 460 49.09 -32.03 13.17
C CYS C 460 50.61 -32.21 13.31
N LYS C 461 51.08 -33.35 12.82
CA LYS C 461 52.47 -33.77 12.89
C LYS C 461 53.36 -33.16 11.81
N ASP C 462 53.02 -33.44 10.55
CA ASP C 462 53.91 -33.22 9.40
C ASP C 462 54.18 -31.77 8.96
N LYS C 463 55.00 -31.65 7.91
CA LYS C 463 55.68 -30.41 7.53
C LYS C 463 54.77 -29.30 6.99
N TYR C 464 53.61 -29.66 6.46
CA TYR C 464 52.72 -28.67 5.88
C TYR C 464 51.30 -28.80 6.38
N LEU C 465 50.57 -27.69 6.31
CA LEU C 465 49.13 -27.71 6.46
C LEU C 465 48.57 -27.71 5.05
N VAL C 466 47.73 -28.71 4.73
CA VAL C 466 47.15 -28.81 3.39
C VAL C 466 45.62 -28.72 3.38
N PHE C 467 45.10 -27.64 2.80
CA PHE C 467 43.66 -27.42 2.72
C PHE C 467 43.14 -27.62 1.31
N GLU C 468 42.33 -28.66 1.12
CA GLU C 468 41.67 -28.89 -0.16
C GLU C 468 40.30 -28.23 -0.18
N PHE C 469 40.04 -27.39 -1.19
CA PHE C 469 38.77 -26.66 -1.25
C PHE C 469 37.79 -27.20 -2.29
N GLU C 470 36.63 -26.59 -2.35
CA GLU C 470 35.51 -27.08 -3.16
C GLU C 470 35.89 -27.33 -4.61
N ASP C 471 36.50 -26.34 -5.23
CA ASP C 471 36.85 -26.39 -6.65
C ASP C 471 38.01 -27.35 -6.91
N ASN C 472 38.53 -27.92 -5.83
CA ASN C 472 39.76 -28.71 -5.83
C ASN C 472 40.98 -27.80 -5.68
N TYR C 473 40.71 -26.50 -5.63
CA TYR C 473 41.74 -25.53 -5.31
C TYR C 473 42.42 -25.95 -4.02
N VAL C 474 43.75 -25.82 -3.98
CA VAL C 474 44.53 -26.32 -2.86
C VAL C 474 45.47 -25.28 -2.28
N ALA C 475 45.34 -25.05 -0.98
CA ALA C 475 46.20 -24.10 -0.29
C ALA C 475 47.15 -24.83 0.66
N VAL C 476 48.45 -24.55 0.52
CA VAL C 476 49.46 -25.17 1.37
C VAL C 476 50.26 -24.14 2.14
N LEU C 477 50.50 -24.42 3.41
CA LEU C 477 51.27 -23.55 4.27
C LEU C 477 52.28 -24.40 5.01
N GLU C 478 53.40 -23.81 5.41
CA GLU C 478 54.39 -24.53 6.20
C GLU C 478 54.05 -24.37 7.68
N ARG C 479 53.95 -25.49 8.40
CA ARG C 479 53.49 -25.47 9.78
C ARG C 479 54.34 -24.59 10.71
N GLU C 480 55.66 -24.84 10.72
CA GLU C 480 56.57 -24.10 11.59
C GLU C 480 56.40 -22.59 11.45
N ALA C 481 56.49 -22.10 10.23
CA ALA C 481 56.38 -20.68 9.96
C ALA C 481 55.01 -20.16 10.39
N SER C 482 53.97 -20.91 10.06
CA SER C 482 52.61 -20.52 10.41
C SER C 482 52.52 -20.20 11.89
N ASN C 483 53.01 -21.13 12.70
CA ASN C 483 53.02 -20.95 14.14
C ASN C 483 53.77 -19.68 14.58
N SER C 484 54.89 -19.39 13.95
CA SER C 484 55.72 -18.25 14.35
C SER C 484 55.11 -16.89 13.97
N ALA C 485 54.32 -16.88 12.90
CA ALA C 485 53.59 -15.67 12.54
C ALA C 485 52.30 -15.56 13.36
N SER C 486 51.88 -16.69 13.94
CA SER C 486 50.62 -16.77 14.67
C SER C 486 50.45 -15.65 15.70
N LEU C 487 51.32 -15.62 16.71
CA LEU C 487 51.28 -14.58 17.72
C LEU C 487 51.32 -13.19 17.09
N CYS C 488 51.96 -13.08 15.93
CA CYS C 488 52.10 -11.79 15.25
C CYS C 488 50.83 -11.36 14.51
N ILE C 489 50.10 -12.33 13.97
CA ILE C 489 48.88 -12.02 13.23
C ILE C 489 47.80 -11.46 14.15
N LEU C 490 47.74 -11.99 15.36
CA LEU C 490 46.76 -11.56 16.35
C LEU C 490 47.19 -10.25 17.00
N LYS C 491 48.49 -10.00 17.01
CA LYS C 491 49.03 -8.76 17.56
C LYS C 491 49.09 -7.68 16.48
N ASP C 492 48.56 -8.02 15.30
CA ASP C 492 48.55 -7.13 14.16
C ASP C 492 47.15 -6.61 13.83
N TYR C 493 46.25 -7.53 13.51
CA TYR C 493 45.01 -7.20 12.82
C TYR C 493 43.85 -6.50 13.56
N GLY C 494 43.56 -6.88 14.80
CA GLY C 494 44.23 -7.94 15.52
C GLY C 494 43.21 -8.57 16.45
N ILE C 495 43.48 -9.79 16.88
CA ILE C 495 42.44 -10.63 17.49
C ILE C 495 42.75 -11.05 18.92
N PRO C 496 41.71 -11.18 19.76
CA PRO C 496 41.84 -11.69 21.12
C PRO C 496 42.61 -13.01 21.17
N SER C 497 42.30 -13.93 20.24
CA SER C 497 43.07 -15.15 20.06
C SER C 497 42.68 -15.86 18.77
N GLU C 498 43.33 -16.99 18.48
CA GLU C 498 43.05 -17.71 17.25
C GLU C 498 41.67 -18.36 17.29
N ARG C 499 41.29 -18.86 18.45
CA ARG C 499 40.17 -19.79 18.55
C ARG C 499 39.05 -19.27 19.44
N SER C 500 37.82 -19.66 19.11
CA SER C 500 36.68 -19.41 20.01
C SER C 500 36.65 -20.50 21.07
N ALA C 501 36.30 -20.12 22.30
CA ALA C 501 36.52 -20.99 23.45
C ALA C 501 35.90 -22.38 23.32
N ASP C 502 34.93 -22.53 22.42
CA ASP C 502 34.25 -23.81 22.26
C ASP C 502 35.11 -24.84 21.54
N LEU C 503 36.17 -24.38 20.89
CA LEU C 503 37.04 -25.26 20.12
C LEU C 503 38.25 -25.74 20.92
N LEU C 504 38.33 -25.31 22.18
CA LEU C 504 39.34 -25.81 23.10
C LEU C 504 38.94 -27.18 23.64
N GLU C 505 37.64 -27.35 23.88
CA GLU C 505 37.10 -28.62 24.36
C GLU C 505 37.46 -29.75 23.40
N PRO C 506 37.72 -30.94 23.93
CA PRO C 506 38.18 -32.05 23.08
C PRO C 506 37.10 -32.54 22.11
N TYR C 507 37.53 -32.96 20.92
CA TYR C 507 36.62 -33.48 19.91
C TYR C 507 36.41 -34.99 20.11
N VAL C 508 35.19 -35.47 19.90
CA VAL C 508 34.84 -36.86 20.22
C VAL C 508 34.72 -37.78 19.01
N ASP C 509 33.62 -37.66 18.26
CA ASP C 509 33.38 -38.47 17.07
C ASP C 509 31.96 -38.32 16.55
N UNK D 1 14.43 16.03 23.46
CA UNK D 1 14.16 17.40 23.89
C UNK D 1 13.03 18.03 23.06
N UNK D 2 11.91 18.35 23.72
CA UNK D 2 10.71 18.89 23.06
C UNK D 2 10.42 20.36 23.41
N TRP D 3 9.98 21.15 22.44
CA TRP D 3 9.46 22.49 22.70
C TRP D 3 7.99 22.38 23.15
N UNK D 4 7.64 23.10 24.22
CA UNK D 4 6.27 23.05 24.75
C UNK D 4 5.66 24.43 24.99
N UNK E 1 -15.24 8.37 -37.65
CA UNK E 1 -15.10 9.82 -37.59
C UNK E 1 -13.78 10.20 -36.94
N UNK E 2 -13.78 11.32 -36.22
CA UNK E 2 -12.57 11.83 -35.56
C UNK E 2 -12.87 13.09 -34.77
N UNK E 3 -11.96 13.47 -33.88
CA UNK E 3 -12.14 14.66 -33.04
C UNK E 3 -13.07 14.41 -31.88
N UNK E 4 -12.93 13.24 -31.27
CA UNK E 4 -13.89 12.74 -30.28
C UNK E 4 -13.25 12.46 -28.92
N UNK E 5 -12.26 11.58 -28.91
CA UNK E 5 -11.84 10.86 -27.70
C UNK E 5 -12.94 9.89 -27.21
N UNK E 6 -13.10 8.81 -27.99
CA UNK E 6 -14.19 7.82 -27.87
C UNK E 6 -14.36 7.01 -26.58
N UNK E 7 -13.29 6.78 -25.82
CA UNK E 7 -13.40 6.03 -24.57
C UNK E 7 -13.65 6.98 -23.41
N UNK E 8 -14.60 6.65 -22.53
CA UNK E 8 -14.88 7.53 -21.38
C UNK E 8 -13.74 7.50 -20.37
N UNK E 9 -12.81 6.55 -20.55
CA UNK E 9 -11.63 6.43 -19.67
C UNK E 9 -10.48 7.40 -20.03
N UNK E 10 -10.33 7.72 -21.32
CA UNK E 10 -9.27 8.63 -21.76
C UNK E 10 -9.77 10.08 -21.87
N UNK E 11 -11.07 10.28 -21.63
CA UNK E 11 -11.66 11.62 -21.47
C UNK E 11 -11.92 11.86 -19.99
N UNK E 12 -12.45 13.03 -19.64
CA UNK E 12 -12.56 13.40 -18.22
C UNK E 12 -13.28 14.73 -18.04
N UNK E 13 -13.51 15.10 -16.79
CA UNK E 13 -14.32 16.26 -16.45
C UNK E 13 -15.77 16.08 -16.91
N UNK E 14 -16.24 16.99 -17.76
CA UNK E 14 -17.64 16.99 -18.18
C UNK E 14 -17.97 16.46 -19.56
N ASP E 15 -17.07 15.66 -20.16
CA ASP E 15 -17.38 14.97 -21.43
C ASP E 15 -17.44 13.45 -21.27
N UNK E 16 -18.65 12.87 -21.36
CA UNK E 16 -18.83 11.44 -21.13
C UNK E 16 -19.74 10.80 -22.17
N TRP E 17 -19.33 9.65 -22.70
CA TRP E 17 -20.18 8.86 -23.57
C TRP E 17 -21.20 8.10 -22.73
N UNK E 18 -22.48 8.26 -23.05
CA UNK E 18 -23.53 7.68 -22.20
C UNK E 18 -23.93 6.28 -22.65
N UNK E 19 -24.07 5.41 -21.65
CA UNK E 19 -24.50 4.03 -21.81
C UNK E 19 -24.03 3.08 -20.70
N UNK E 20 -24.05 1.79 -20.99
CA UNK E 20 -23.46 0.82 -20.09
C UNK E 20 -21.97 0.67 -20.39
N UNK F 1 6.20 -30.93 -4.84
CA UNK F 1 6.96 -31.77 -3.91
C UNK F 1 7.25 -31.04 -2.58
N UNK F 2 6.65 -31.52 -1.49
CA UNK F 2 6.75 -30.87 -0.18
C UNK F 2 7.49 -31.69 0.88
N TRP F 3 8.19 -30.98 1.78
CA TRP F 3 8.90 -31.60 2.90
C TRP F 3 7.99 -31.76 4.11
N UNK F 4 8.09 -32.93 4.75
CA UNK F 4 7.26 -33.24 5.91
C UNK F 4 8.03 -34.06 6.94
#